data_5C5X
#
_entry.id   5C5X
#
_cell.length_a   170.750
_cell.length_b   170.750
_cell.length_c   189.671
_cell.angle_alpha   90.00
_cell.angle_beta   90.00
_cell.angle_gamma   120.00
#
_symmetry.space_group_name_H-M   'P 63'
#
loop_
_entity.id
_entity.type
_entity.pdbx_description
1 polymer Aquaporin-5
2 non-polymer O-[(S)-{[(2S)-2-(hexanoyloxy)-3-(tetradecanoyloxy)propyl]oxy}(hydroxy)phosphoryl]-D-serine
3 water water
#
_entity_poly.entity_id   1
_entity_poly.type   'polypeptide(L)'
_entity_poly.pdbx_seq_one_letter_code
;MKKEVCSVAFLKAVFAEFLATLIFVFFGLGSALKWPSALPTILQIALAFGLAIGTLAQALGPVSGGHINPAITLALLVGN
QISLLRAFFYVAAQLVGAIAGAGILYGVAPLNARGNLAVNALNNNTTQGQAMVVELILTFQLALCIFASTDSRRTEPVGS
PALSIGLSVTLGHLVGIYFTGCSMNPARSFGPAVVMNRFSPAHWVFWVGPIVGAVLAAILYFYLLFPNSLSLSERVAIIK
GTYEP
;
_entity_poly.pdbx_strand_id   A,B,C,D,E,F,G,H
#
loop_
_chem_comp.id
_chem_comp.type
_chem_comp.name
_chem_comp.formula
PS6 non-polymer O-[(S)-{[(2S)-2-(hexanoyloxy)-3-(tetradecanoyloxy)propyl]oxy}(hydroxy)phosphoryl]-D-serine 'C26 H50 N O10 P'
#
# COMPACT_ATOMS: atom_id res chain seq x y z
N LYS A 2 12.13 26.40 -9.81
CA LYS A 2 13.07 27.53 -10.05
C LYS A 2 12.55 28.46 -11.14
N LYS A 3 11.61 29.33 -10.76
CA LYS A 3 10.85 30.19 -11.69
C LYS A 3 9.95 29.36 -12.60
N GLU A 4 8.63 29.54 -12.45
CA GLU A 4 7.64 28.66 -13.10
C GLU A 4 7.73 28.66 -14.62
N VAL A 5 7.68 29.85 -15.24
CA VAL A 5 7.66 29.99 -16.71
C VAL A 5 8.98 29.59 -17.38
N CYS A 6 10.07 29.54 -16.61
CA CYS A 6 11.40 29.22 -17.15
C CYS A 6 11.80 27.74 -17.01
N SER A 7 10.94 26.94 -16.37
CA SER A 7 11.21 25.52 -16.17
C SER A 7 10.89 24.67 -17.40
N VAL A 8 11.65 23.60 -17.61
CA VAL A 8 11.41 22.66 -18.71
C VAL A 8 10.04 22.00 -18.58
N ALA A 9 9.64 21.70 -17.34
CA ALA A 9 8.34 21.11 -17.05
C ALA A 9 7.18 21.98 -17.54
N PHE A 10 7.32 23.29 -17.38
CA PHE A 10 6.29 24.23 -17.82
C PHE A 10 6.16 24.25 -19.35
N LEU A 11 7.30 24.20 -20.04
CA LEU A 11 7.31 24.15 -21.50
C LEU A 11 6.60 22.91 -22.02
N LYS A 12 6.92 21.75 -21.44
CA LYS A 12 6.28 20.47 -21.77
C LYS A 12 4.77 20.52 -21.52
N ALA A 13 4.38 21.18 -20.44
CA ALA A 13 2.99 21.30 -20.05
C ALA A 13 2.17 22.12 -21.05
N VAL A 14 2.71 23.25 -21.49
CA VAL A 14 2.04 24.12 -22.44
C VAL A 14 1.90 23.41 -23.79
N PHE A 15 2.97 22.73 -24.19
CA PHE A 15 2.98 21.92 -25.40
C PHE A 15 1.95 20.79 -25.33
N ALA A 16 1.88 20.12 -24.19
CA ALA A 16 0.94 19.01 -23.97
C ALA A 16 -0.51 19.48 -24.14
N GLU A 17 -0.81 20.66 -23.60
CA GLU A 17 -2.14 21.24 -23.72
C GLU A 17 -2.45 21.61 -25.18
N PHE A 18 -1.44 22.10 -25.90
CA PHE A 18 -1.57 22.37 -27.33
C PHE A 18 -1.85 21.09 -28.11
N LEU A 19 -1.04 20.07 -27.86
CA LEU A 19 -1.15 18.81 -28.58
C LEU A 19 -2.46 18.07 -28.26
N ALA A 20 -2.83 18.05 -26.98
CA ALA A 20 -4.03 17.35 -26.55
C ALA A 20 -5.27 17.98 -27.18
N THR A 21 -5.32 19.31 -27.25
CA THR A 21 -6.48 20.00 -27.79
C THR A 21 -6.59 19.81 -29.30
N LEU A 22 -5.45 19.78 -29.98
CA LEU A 22 -5.37 19.50 -31.42
C LEU A 22 -5.97 18.13 -31.71
N ILE A 23 -5.52 17.11 -30.98
CA ILE A 23 -5.98 15.75 -31.18
C ILE A 23 -7.46 15.60 -30.80
N PHE A 24 -7.83 16.17 -29.66
CA PHE A 24 -9.24 16.15 -29.21
C PHE A 24 -10.18 16.73 -30.27
N VAL A 25 -9.87 17.92 -30.76
CA VAL A 25 -10.74 18.62 -31.70
C VAL A 25 -10.81 17.86 -33.03
N PHE A 26 -9.67 17.37 -33.50
CA PHE A 26 -9.62 16.51 -34.68
C PHE A 26 -10.58 15.32 -34.58
N PHE A 27 -10.45 14.52 -33.53
CA PHE A 27 -11.33 13.37 -33.33
C PHE A 27 -12.78 13.76 -33.08
N GLY A 28 -12.98 14.79 -32.25
CA GLY A 28 -14.31 15.27 -31.94
C GLY A 28 -15.09 15.58 -33.20
N LEU A 29 -14.61 16.58 -33.94
CA LEU A 29 -15.27 17.06 -35.14
C LEU A 29 -15.33 15.98 -36.22
N GLY A 30 -14.24 15.24 -36.39
CA GLY A 30 -14.15 14.20 -37.41
C GLY A 30 -15.25 13.16 -37.29
N SER A 31 -15.56 12.77 -36.06
CA SER A 31 -16.59 11.78 -35.79
C SER A 31 -18.00 12.32 -36.00
N ALA A 32 -18.13 13.64 -36.11
CA ALA A 32 -19.45 14.29 -36.18
C ALA A 32 -19.81 14.83 -37.56
N LEU A 33 -18.91 14.67 -38.53
CA LEU A 33 -19.19 15.10 -39.90
C LEU A 33 -20.34 14.28 -40.47
N LYS A 34 -21.09 14.88 -41.39
CA LYS A 34 -22.22 14.18 -42.01
C LYS A 34 -21.72 13.23 -43.09
N TRP A 35 -21.08 12.14 -42.67
CA TRP A 35 -20.56 11.12 -43.58
C TRP A 35 -21.71 10.42 -44.31
N PRO A 36 -21.86 10.66 -45.62
CA PRO A 36 -23.04 10.16 -46.35
C PRO A 36 -23.19 8.63 -46.38
N SER A 37 -22.08 7.89 -46.32
CA SER A 37 -22.12 6.42 -46.34
C SER A 37 -22.74 5.83 -45.06
N ALA A 38 -22.53 6.51 -43.94
CA ALA A 38 -23.08 6.12 -42.64
C ALA A 38 -23.11 7.34 -41.73
N LEU A 39 -24.27 8.00 -41.66
CA LEU A 39 -24.41 9.19 -40.83
C LEU A 39 -24.22 8.85 -39.35
N PRO A 40 -23.27 9.54 -38.69
CA PRO A 40 -22.99 9.32 -37.26
C PRO A 40 -24.23 9.52 -36.39
N THR A 41 -24.45 8.59 -35.48
CA THR A 41 -25.59 8.67 -34.57
C THR A 41 -25.20 9.48 -33.33
N ILE A 42 -26.20 9.91 -32.57
CA ILE A 42 -25.96 10.67 -31.33
C ILE A 42 -24.95 9.97 -30.41
N LEU A 43 -25.18 8.68 -30.14
CA LEU A 43 -24.33 7.93 -29.22
C LEU A 43 -22.91 7.77 -29.77
N GLN A 44 -22.81 7.48 -31.06
CA GLN A 44 -21.54 7.42 -31.78
C GLN A 44 -20.66 8.65 -31.49
N ILE A 45 -21.23 9.83 -31.70
CA ILE A 45 -20.51 11.10 -31.53
C ILE A 45 -20.12 11.34 -30.07
N ALA A 46 -21.07 11.15 -29.16
CA ALA A 46 -20.86 11.35 -27.72
C ALA A 46 -19.75 10.48 -27.18
N LEU A 47 -19.71 9.22 -27.61
CA LEU A 47 -18.65 8.30 -27.22
C LEU A 47 -17.31 8.71 -27.80
N ALA A 48 -17.29 9.16 -29.05
CA ALA A 48 -16.04 9.60 -29.67
C ALA A 48 -15.40 10.73 -28.87
N PHE A 49 -16.18 11.79 -28.63
CA PHE A 49 -15.74 12.94 -27.85
C PHE A 49 -15.22 12.54 -26.46
N GLY A 50 -15.97 11.68 -25.78
CA GLY A 50 -15.61 11.23 -24.44
C GLY A 50 -14.38 10.37 -24.41
N LEU A 51 -14.32 9.38 -25.31
CA LEU A 51 -13.16 8.50 -25.41
C LEU A 51 -11.91 9.27 -25.84
N ALA A 52 -12.10 10.36 -26.58
CA ALA A 52 -10.99 11.25 -26.92
C ALA A 52 -10.40 11.88 -25.65
N ILE A 53 -11.22 12.58 -24.89
CA ILE A 53 -10.79 13.17 -23.62
C ILE A 53 -10.20 12.12 -22.68
N GLY A 54 -10.89 10.98 -22.53
CA GLY A 54 -10.42 9.89 -21.69
C GLY A 54 -9.03 9.38 -22.06
N THR A 55 -8.79 9.23 -23.35
CA THR A 55 -7.50 8.76 -23.87
C THR A 55 -6.41 9.81 -23.71
N LEU A 56 -6.78 11.08 -23.87
CA LEU A 56 -5.84 12.18 -23.75
C LEU A 56 -5.53 12.56 -22.32
N ALA A 57 -6.52 12.40 -21.43
CA ALA A 57 -6.29 12.53 -19.99
C ALA A 57 -5.26 11.50 -19.53
N GLN A 58 -5.44 10.25 -19.97
CA GLN A 58 -4.57 9.15 -19.62
C GLN A 58 -3.13 9.37 -20.12
N ALA A 59 -3.00 9.87 -21.34
CA ALA A 59 -1.71 9.96 -22.03
C ALA A 59 -0.92 11.23 -21.76
N LEU A 60 -1.61 12.36 -21.58
CA LEU A 60 -0.96 13.66 -21.48
C LEU A 60 -1.24 14.42 -20.18
N GLY A 61 -2.25 13.95 -19.44
CA GLY A 61 -2.57 14.49 -18.12
C GLY A 61 -1.41 14.56 -17.15
N PRO A 62 -0.59 13.49 -17.07
CA PRO A 62 0.59 13.52 -16.19
C PRO A 62 1.63 14.59 -16.57
N VAL A 63 1.52 15.18 -17.76
CA VAL A 63 2.45 16.23 -18.20
C VAL A 63 1.98 17.64 -17.78
N SER A 64 0.67 17.89 -17.85
CA SER A 64 0.14 19.25 -17.73
C SER A 64 -1.05 19.42 -16.78
N GLY A 65 -1.64 18.29 -16.36
CA GLY A 65 -2.92 18.32 -15.64
C GLY A 65 -4.02 17.84 -16.58
N GLY A 66 -3.81 18.04 -17.89
CA GLY A 66 -4.74 17.59 -18.91
C GLY A 66 -6.07 18.33 -18.88
N HIS A 67 -6.01 19.64 -19.00
CA HIS A 67 -7.21 20.47 -18.97
C HIS A 67 -7.94 20.37 -20.31
N ILE A 68 -7.23 20.70 -21.40
CA ILE A 68 -7.75 20.62 -22.77
C ILE A 68 -9.07 21.39 -22.91
N ASN A 69 -9.20 22.49 -22.17
CA ASN A 69 -10.48 23.18 -22.04
C ASN A 69 -10.38 24.49 -21.27
N PRO A 70 -10.45 25.63 -21.97
CA PRO A 70 -10.30 26.95 -21.33
C PRO A 70 -11.19 27.15 -20.10
N ALA A 71 -12.42 26.63 -20.16
CA ALA A 71 -13.35 26.70 -19.03
C ALA A 71 -12.78 26.02 -17.79
N ILE A 72 -12.21 24.84 -17.95
CA ILE A 72 -11.61 24.11 -16.83
C ILE A 72 -10.40 24.85 -16.26
N THR A 73 -9.54 25.35 -17.14
CA THR A 73 -8.35 26.10 -16.75
C THR A 73 -8.71 27.35 -15.94
N LEU A 74 -9.67 28.13 -16.44
CA LEU A 74 -10.14 29.32 -15.74
C LEU A 74 -10.81 28.97 -14.40
N ALA A 75 -11.51 27.84 -14.36
CA ALA A 75 -12.11 27.36 -13.13
C ALA A 75 -11.06 27.01 -12.08
N LEU A 76 -9.97 26.38 -12.51
CA LEU A 76 -8.88 26.02 -11.61
C LEU A 76 -8.08 27.25 -11.11
N LEU A 77 -8.09 28.32 -11.91
CA LEU A 77 -7.51 29.60 -11.51
C LEU A 77 -8.36 30.24 -10.40
N VAL A 78 -9.66 30.34 -10.64
CA VAL A 78 -10.60 30.89 -9.67
C VAL A 78 -10.63 30.08 -8.36
N GLY A 79 -10.46 28.76 -8.48
CA GLY A 79 -10.43 27.86 -7.32
C GLY A 79 -9.07 27.79 -6.64
N ASN A 80 -8.17 28.69 -7.04
CA ASN A 80 -6.82 28.84 -6.46
C ASN A 80 -5.96 27.56 -6.52
N GLN A 81 -5.92 26.93 -7.69
CA GLN A 81 -5.19 25.69 -7.91
C GLN A 81 -3.98 25.86 -8.84
N ILE A 82 -4.05 26.87 -9.70
CA ILE A 82 -2.97 27.16 -10.65
C ILE A 82 -2.64 28.66 -10.67
N SER A 83 -1.47 29.00 -11.22
CA SER A 83 -1.06 30.40 -11.34
C SER A 83 -1.76 31.11 -12.51
N LEU A 84 -1.74 32.44 -12.48
CA LEU A 84 -2.30 33.26 -13.56
C LEU A 84 -1.56 33.03 -14.87
N LEU A 85 -0.23 32.94 -14.80
CA LEU A 85 0.59 32.74 -15.99
C LEU A 85 0.40 31.36 -16.60
N ARG A 86 0.17 30.35 -15.75
CA ARG A 86 -0.11 29.01 -16.22
C ARG A 86 -1.46 29.00 -16.93
N ALA A 87 -2.43 29.70 -16.34
CA ALA A 87 -3.74 29.87 -16.94
C ALA A 87 -3.67 30.52 -18.32
N PHE A 88 -2.86 31.57 -18.44
CA PHE A 88 -2.73 32.31 -19.68
C PHE A 88 -2.16 31.45 -20.83
N PHE A 89 -1.03 30.80 -20.57
CA PHE A 89 -0.37 29.98 -21.59
C PHE A 89 -1.20 28.77 -22.03
N TYR A 90 -1.84 28.11 -21.06
CA TYR A 90 -2.72 26.97 -21.33
C TYR A 90 -3.84 27.36 -22.29
N VAL A 91 -4.60 28.40 -21.94
CA VAL A 91 -5.70 28.89 -22.79
C VAL A 91 -5.19 29.22 -24.19
N ALA A 92 -4.11 29.99 -24.26
CA ALA A 92 -3.44 30.29 -25.52
C ALA A 92 -3.17 29.01 -26.32
N ALA A 93 -2.48 28.06 -25.70
CA ALA A 93 -2.13 26.78 -26.31
C ALA A 93 -3.35 25.95 -26.73
N GLN A 94 -4.41 26.00 -25.91
CA GLN A 94 -5.65 25.29 -26.21
C GLN A 94 -6.39 25.89 -27.42
N LEU A 95 -6.45 27.22 -27.48
CA LEU A 95 -7.10 27.89 -28.60
C LEU A 95 -6.35 27.68 -29.91
N VAL A 96 -5.03 27.81 -29.86
CA VAL A 96 -4.17 27.53 -31.01
C VAL A 96 -4.24 26.05 -31.43
N GLY A 97 -4.25 25.15 -30.43
CA GLY A 97 -4.40 23.71 -30.66
C GLY A 97 -5.69 23.35 -31.37
N ALA A 98 -6.80 23.96 -30.94
CA ALA A 98 -8.12 23.72 -31.53
C ALA A 98 -8.21 24.20 -32.98
N ILE A 99 -7.53 25.29 -33.29
CA ILE A 99 -7.42 25.78 -34.66
C ILE A 99 -6.58 24.78 -35.50
N ALA A 100 -5.47 24.31 -34.93
CA ALA A 100 -4.64 23.31 -35.62
C ALA A 100 -5.44 22.04 -35.93
N GLY A 101 -6.12 21.48 -34.92
CA GLY A 101 -6.90 20.27 -35.08
C GLY A 101 -8.01 20.40 -36.11
N ALA A 102 -8.78 21.47 -36.01
CA ALA A 102 -9.85 21.74 -36.96
C ALA A 102 -9.30 21.99 -38.36
N GLY A 103 -8.15 22.68 -38.44
CA GLY A 103 -7.48 22.93 -39.71
C GLY A 103 -6.97 21.65 -40.38
N ILE A 104 -6.38 20.76 -39.59
CA ILE A 104 -5.91 19.47 -40.08
C ILE A 104 -7.08 18.62 -40.59
N LEU A 105 -8.20 18.61 -39.86
CA LEU A 105 -9.38 17.86 -40.29
C LEU A 105 -9.90 18.38 -41.62
N TYR A 106 -9.92 19.70 -41.76
CA TYR A 106 -10.29 20.36 -43.02
C TYR A 106 -9.44 19.85 -44.19
N GLY A 107 -8.17 19.57 -43.91
CA GLY A 107 -7.22 19.11 -44.92
C GLY A 107 -7.42 17.69 -45.41
N VAL A 108 -7.93 16.82 -44.54
CA VAL A 108 -8.08 15.39 -44.87
C VAL A 108 -9.50 14.98 -45.27
N ALA A 109 -10.51 15.65 -44.73
CA ALA A 109 -11.91 15.26 -44.95
C ALA A 109 -12.38 15.53 -46.37
N PRO A 110 -13.16 14.61 -46.95
CA PRO A 110 -13.74 14.84 -48.29
C PRO A 110 -14.93 15.77 -48.21
N LEU A 111 -15.17 16.56 -49.25
CA LEU A 111 -16.19 17.61 -49.18
C LEU A 111 -17.63 17.10 -49.07
N ASN A 112 -17.88 15.88 -49.53
CA ASN A 112 -19.21 15.28 -49.37
C ASN A 112 -19.55 15.02 -47.89
N ALA A 113 -18.53 15.08 -47.04
CA ALA A 113 -18.69 14.90 -45.60
C ALA A 113 -18.38 16.17 -44.80
N ARG A 114 -17.55 17.05 -45.37
CA ARG A 114 -17.02 18.20 -44.64
C ARG A 114 -18.08 19.14 -44.03
N GLY A 115 -19.12 19.47 -44.79
CA GLY A 115 -20.20 20.34 -44.32
C GLY A 115 -19.71 21.63 -43.68
N ASN A 116 -20.15 21.87 -42.44
CA ASN A 116 -19.74 23.06 -41.68
C ASN A 116 -18.52 22.84 -40.80
N LEU A 117 -17.88 21.68 -40.94
CA LEU A 117 -16.77 21.25 -40.09
C LEU A 117 -17.21 21.12 -38.63
N ALA A 118 -18.46 20.71 -38.44
CA ALA A 118 -19.06 20.47 -37.12
C ALA A 118 -18.92 21.62 -36.13
N VAL A 119 -19.14 22.84 -36.61
CA VAL A 119 -19.23 24.00 -35.73
C VAL A 119 -20.44 23.84 -34.82
N ASN A 120 -20.37 24.44 -33.63
CA ASN A 120 -21.54 24.48 -32.77
C ASN A 120 -22.62 25.36 -33.39
N ALA A 121 -23.87 24.92 -33.25
CA ALA A 121 -25.02 25.64 -33.79
C ALA A 121 -26.19 25.52 -32.85
N LEU A 122 -26.80 26.66 -32.57
CA LEU A 122 -28.00 26.70 -31.75
C LEU A 122 -29.19 26.10 -32.51
N ASN A 123 -29.90 25.20 -31.84
CA ASN A 123 -31.17 24.67 -32.33
C ASN A 123 -32.16 25.83 -32.58
N ASN A 124 -32.76 25.83 -33.77
CA ASN A 124 -33.78 26.83 -34.16
C ASN A 124 -34.82 27.12 -33.08
N ASN A 125 -35.33 26.05 -32.47
CA ASN A 125 -36.39 26.14 -31.46
C ASN A 125 -35.90 26.48 -30.06
N THR A 126 -34.63 26.87 -29.94
CA THR A 126 -34.03 27.17 -28.65
C THR A 126 -33.48 28.59 -28.62
N THR A 127 -33.89 29.34 -27.61
CA THR A 127 -33.39 30.70 -27.39
C THR A 127 -31.93 30.64 -26.91
N GLN A 128 -31.21 31.74 -27.08
CA GLN A 128 -29.83 31.83 -26.63
C GLN A 128 -29.72 31.61 -25.12
N GLY A 129 -30.64 32.22 -24.37
CA GLY A 129 -30.71 32.08 -22.91
C GLY A 129 -30.96 30.65 -22.44
N GLN A 130 -31.78 29.92 -23.18
CA GLN A 130 -32.04 28.51 -22.87
C GLN A 130 -30.79 27.64 -23.09
N ALA A 131 -30.01 27.99 -24.12
CA ALA A 131 -28.77 27.29 -24.44
C ALA A 131 -27.70 27.61 -23.40
N MET A 132 -27.80 28.82 -22.86
CA MET A 132 -26.94 29.34 -21.80
C MET A 132 -27.05 28.49 -20.53
N VAL A 133 -28.29 28.19 -20.12
CA VAL A 133 -28.53 27.37 -18.93
C VAL A 133 -28.03 25.93 -19.15
N VAL A 134 -28.32 25.38 -20.32
CA VAL A 134 -27.87 24.02 -20.67
C VAL A 134 -26.35 23.88 -20.66
N GLU A 135 -25.65 24.81 -21.33
CA GLU A 135 -24.18 24.78 -21.39
C GLU A 135 -23.54 24.95 -20.01
N LEU A 136 -24.16 25.75 -19.17
CA LEU A 136 -23.75 25.92 -17.78
C LEU A 136 -23.79 24.57 -17.04
N ILE A 137 -24.94 23.89 -17.12
CA ILE A 137 -25.15 22.61 -16.46
C ILE A 137 -24.24 21.49 -17.01
N LEU A 138 -24.10 21.43 -18.33
CA LEU A 138 -23.26 20.41 -18.97
C LEU A 138 -21.83 20.51 -18.47
N THR A 139 -21.31 21.72 -18.45
CA THR A 139 -19.92 21.96 -18.05
C THR A 139 -19.75 21.90 -16.54
N PHE A 140 -20.83 22.20 -15.81
CA PHE A 140 -20.84 22.13 -14.35
C PHE A 140 -20.57 20.72 -13.83
N GLN A 141 -21.32 19.73 -14.34
CA GLN A 141 -21.14 18.34 -13.91
C GLN A 141 -19.78 17.79 -14.31
N LEU A 142 -19.32 18.18 -15.49
CA LEU A 142 -17.99 17.78 -15.97
C LEU A 142 -16.88 18.27 -15.03
N ALA A 143 -16.84 19.59 -14.80
CA ALA A 143 -15.85 20.21 -13.92
C ALA A 143 -15.84 19.59 -12.53
N LEU A 144 -17.04 19.39 -11.97
CA LEU A 144 -17.22 18.79 -10.66
C LEU A 144 -16.60 17.39 -10.58
N CYS A 145 -16.79 16.62 -11.66
CA CYS A 145 -16.21 15.29 -11.78
C CYS A 145 -14.68 15.34 -11.89
N ILE A 146 -14.17 16.31 -12.66
CA ILE A 146 -12.74 16.52 -12.79
C ILE A 146 -12.08 16.84 -11.44
N PHE A 147 -12.67 17.76 -10.69
CA PHE A 147 -12.09 18.18 -9.40
C PHE A 147 -12.11 17.05 -8.38
N ALA A 148 -13.18 16.26 -8.40
CA ALA A 148 -13.30 15.13 -7.48
C ALA A 148 -12.31 14.01 -7.82
N SER A 149 -12.09 13.80 -9.12
CA SER A 149 -11.27 12.69 -9.60
C SER A 149 -9.77 12.95 -9.49
N THR A 150 -9.39 14.22 -9.38
CA THR A 150 -7.97 14.59 -9.36
C THR A 150 -7.54 15.14 -8.00
N ASP A 151 -8.45 15.12 -7.02
CA ASP A 151 -8.16 15.59 -5.68
C ASP A 151 -7.28 14.59 -4.94
N SER A 152 -6.08 15.03 -4.58
CA SER A 152 -5.12 14.15 -3.89
C SER A 152 -5.49 13.86 -2.44
N ARG A 153 -6.55 14.50 -1.95
CA ARG A 153 -7.05 14.27 -0.60
C ARG A 153 -8.12 13.17 -0.55
N ARG A 154 -8.56 12.71 -1.73
CA ARG A 154 -9.59 11.70 -1.86
C ARG A 154 -9.21 10.35 -1.23
N THR A 155 -10.05 9.86 -0.34
CA THR A 155 -9.84 8.55 0.30
C THR A 155 -10.71 7.48 -0.35
N GLU A 156 -11.80 7.92 -0.98
CA GLU A 156 -12.68 7.05 -1.77
C GLU A 156 -11.93 6.42 -2.94
N PRO A 157 -12.20 5.14 -3.23
CA PRO A 157 -11.62 4.54 -4.44
C PRO A 157 -11.95 5.37 -5.67
N VAL A 158 -10.92 5.86 -6.35
CA VAL A 158 -11.08 6.79 -7.47
C VAL A 158 -11.29 6.04 -8.79
N GLY A 159 -10.82 4.79 -8.84
CA GLY A 159 -10.94 3.97 -10.04
C GLY A 159 -10.06 4.49 -11.16
N SER A 160 -10.69 4.90 -12.26
CA SER A 160 -10.00 5.52 -13.36
C SER A 160 -10.49 6.95 -13.58
N PRO A 161 -9.72 7.94 -13.09
CA PRO A 161 -10.05 9.35 -13.31
C PRO A 161 -10.23 9.66 -14.80
N ALA A 162 -9.35 9.12 -15.64
CA ALA A 162 -9.39 9.40 -17.08
C ALA A 162 -10.72 8.93 -17.73
N LEU A 163 -11.12 7.69 -17.42
CA LEU A 163 -12.35 7.15 -18.00
C LEU A 163 -13.61 7.77 -17.40
N SER A 164 -13.60 8.02 -16.09
CA SER A 164 -14.69 8.74 -15.43
C SER A 164 -14.90 10.12 -16.05
N ILE A 165 -13.81 10.86 -16.21
CA ILE A 165 -13.86 12.18 -16.82
C ILE A 165 -14.33 12.10 -18.27
N GLY A 166 -13.81 11.12 -19.01
CA GLY A 166 -14.19 10.91 -20.40
C GLY A 166 -15.68 10.65 -20.56
N LEU A 167 -16.20 9.76 -19.73
CA LEU A 167 -17.62 9.39 -19.79
C LEU A 167 -18.55 10.53 -19.35
N SER A 168 -18.01 11.47 -18.57
CA SER A 168 -18.74 12.68 -18.18
C SER A 168 -18.92 13.58 -19.41
N VAL A 169 -17.91 13.63 -20.25
CA VAL A 169 -17.98 14.31 -21.53
C VAL A 169 -19.01 13.63 -22.42
N THR A 170 -19.06 12.30 -22.41
CA THR A 170 -20.03 11.54 -23.20
C THR A 170 -21.44 11.85 -22.71
N LEU A 171 -21.61 11.87 -21.39
CA LEU A 171 -22.88 12.25 -20.76
C LEU A 171 -23.35 13.64 -21.22
N GLY A 172 -22.42 14.60 -21.23
CA GLY A 172 -22.71 15.96 -21.67
C GLY A 172 -23.25 16.03 -23.09
N HIS A 173 -22.67 15.23 -23.98
CA HIS A 173 -23.09 15.18 -25.37
C HIS A 173 -24.42 14.50 -25.59
N LEU A 174 -24.75 13.51 -24.75
CA LEU A 174 -26.03 12.78 -24.88
C LEU A 174 -27.27 13.65 -24.70
N VAL A 175 -27.10 14.81 -24.08
CA VAL A 175 -28.16 15.79 -23.94
C VAL A 175 -27.84 17.06 -24.73
N GLY A 176 -26.61 17.54 -24.58
CA GLY A 176 -26.19 18.82 -25.15
C GLY A 176 -26.19 18.95 -26.66
N ILE A 177 -25.99 17.83 -27.37
CA ILE A 177 -25.99 17.84 -28.84
C ILE A 177 -27.31 18.39 -29.39
N TYR A 178 -28.42 18.01 -28.76
CA TYR A 178 -29.74 18.46 -29.18
C TYR A 178 -29.97 19.98 -29.03
N PHE A 179 -29.22 20.62 -28.14
CA PHE A 179 -29.41 22.05 -27.87
C PHE A 179 -28.46 22.94 -28.68
N THR A 180 -27.16 22.63 -28.64
CA THR A 180 -26.15 23.50 -29.21
C THR A 180 -25.11 22.74 -30.03
N GLY A 181 -25.32 21.44 -30.20
CA GLY A 181 -24.32 20.54 -30.77
C GLY A 181 -23.32 20.15 -29.69
N CYS A 182 -23.57 20.64 -28.48
CA CYS A 182 -22.73 20.43 -27.29
C CYS A 182 -21.35 21.08 -27.39
N SER A 183 -21.12 22.10 -26.57
CA SER A 183 -19.81 22.74 -26.49
C SER A 183 -19.01 22.27 -25.28
N MET A 184 -19.42 22.73 -24.09
CA MET A 184 -18.72 22.45 -22.83
C MET A 184 -17.27 22.97 -22.81
N ASN A 185 -16.87 23.59 -23.91
CA ASN A 185 -15.47 23.86 -24.18
C ASN A 185 -15.33 24.98 -25.20
N PRO A 186 -14.94 26.18 -24.75
CA PRO A 186 -14.79 27.31 -25.66
C PRO A 186 -13.85 27.03 -26.85
N ALA A 187 -12.72 26.35 -26.59
CA ALA A 187 -11.77 25.99 -27.65
C ALA A 187 -12.40 25.08 -28.71
N ARG A 188 -13.22 24.13 -28.27
CA ARG A 188 -13.92 23.23 -29.20
C ARG A 188 -14.86 24.00 -30.14
N SER A 189 -15.51 25.04 -29.62
CA SER A 189 -16.36 25.91 -30.43
C SER A 189 -15.55 26.87 -31.29
N PHE A 190 -14.46 27.38 -30.73
CA PHE A 190 -13.62 28.39 -31.38
C PHE A 190 -12.85 27.83 -32.58
N GLY A 191 -12.26 26.66 -32.40
CA GLY A 191 -11.45 25.97 -33.42
C GLY A 191 -12.05 25.95 -34.83
N PRO A 192 -13.16 25.23 -35.02
CA PRO A 192 -13.80 25.15 -36.34
C PRO A 192 -14.37 26.48 -36.84
N ALA A 193 -14.77 27.36 -35.93
CA ALA A 193 -15.30 28.68 -36.27
C ALA A 193 -14.26 29.59 -36.92
N VAL A 194 -13.00 29.44 -36.52
CA VAL A 194 -11.91 30.20 -37.13
C VAL A 194 -11.59 29.65 -38.52
N VAL A 195 -11.42 28.33 -38.60
CA VAL A 195 -11.10 27.64 -39.85
C VAL A 195 -12.20 27.86 -40.91
N MET A 196 -13.46 27.80 -40.48
CA MET A 196 -14.58 27.99 -41.41
C MET A 196 -14.97 29.44 -41.58
N ASN A 197 -14.29 30.33 -40.85
CA ASN A 197 -14.65 31.76 -40.79
C ASN A 197 -16.16 31.96 -40.56
N ARG A 198 -16.74 31.11 -39.72
CA ARG A 198 -18.19 31.12 -39.50
C ARG A 198 -18.51 31.23 -38.01
N PHE A 199 -18.76 32.46 -37.56
CA PHE A 199 -19.16 32.73 -36.20
C PHE A 199 -20.66 33.03 -36.15
N SER A 200 -21.43 32.15 -35.51
CA SER A 200 -22.87 32.33 -35.39
C SER A 200 -23.22 33.44 -34.38
N PRO A 201 -24.44 34.01 -34.49
CA PRO A 201 -24.88 35.03 -33.51
C PRO A 201 -24.79 34.56 -32.06
N ALA A 202 -25.06 33.28 -31.82
CA ALA A 202 -25.05 32.72 -30.46
C ALA A 202 -23.68 32.24 -29.97
N HIS A 203 -22.62 32.65 -30.65
CA HIS A 203 -21.26 32.22 -30.31
C HIS A 203 -20.81 32.53 -28.86
N TRP A 204 -21.24 33.67 -28.33
CA TRP A 204 -20.90 34.05 -26.95
C TRP A 204 -21.35 32.99 -25.92
N VAL A 205 -22.47 32.33 -26.24
CA VAL A 205 -23.04 31.27 -25.39
C VAL A 205 -22.03 30.14 -25.12
N PHE A 206 -21.23 29.80 -26.13
CA PHE A 206 -20.25 28.71 -26.04
C PHE A 206 -19.01 29.12 -25.26
N TRP A 207 -18.95 30.40 -24.89
CA TRP A 207 -17.90 30.89 -24.01
C TRP A 207 -18.45 31.07 -22.61
N VAL A 208 -19.54 31.83 -22.50
CA VAL A 208 -20.10 32.19 -21.20
C VAL A 208 -20.68 30.97 -20.47
N GLY A 209 -21.53 30.22 -21.17
CA GLY A 209 -22.11 28.98 -20.64
C GLY A 209 -21.08 28.10 -19.95
N PRO A 210 -20.12 27.54 -20.71
CA PRO A 210 -19.07 26.68 -20.15
C PRO A 210 -18.22 27.33 -19.06
N ILE A 211 -17.75 28.56 -19.27
CA ILE A 211 -16.93 29.24 -18.25
C ILE A 211 -17.70 29.42 -16.93
N VAL A 212 -18.91 29.98 -17.00
CA VAL A 212 -19.72 30.18 -15.80
C VAL A 212 -20.00 28.85 -15.09
N GLY A 213 -20.36 27.82 -15.86
CA GLY A 213 -20.63 26.49 -15.32
C GLY A 213 -19.44 25.88 -14.59
N ALA A 214 -18.25 26.01 -15.20
CA ALA A 214 -17.03 25.48 -14.63
C ALA A 214 -16.59 26.25 -13.37
N VAL A 215 -16.68 27.58 -13.43
CA VAL A 215 -16.29 28.43 -12.30
C VAL A 215 -17.16 28.14 -11.07
N LEU A 216 -18.48 28.09 -11.27
CA LEU A 216 -19.42 27.75 -10.19
C LEU A 216 -19.07 26.41 -9.52
N ALA A 217 -18.69 25.43 -10.33
CA ALA A 217 -18.29 24.13 -9.82
C ALA A 217 -17.02 24.20 -8.98
N ALA A 218 -16.11 25.08 -9.40
CA ALA A 218 -14.86 25.30 -8.66
C ALA A 218 -15.12 25.95 -7.31
N ILE A 219 -15.93 27.02 -7.30
CA ILE A 219 -16.36 27.68 -6.07
C ILE A 219 -17.00 26.67 -5.12
N LEU A 220 -17.98 25.92 -5.62
CA LEU A 220 -18.66 24.90 -4.83
C LEU A 220 -17.68 23.89 -4.25
N TYR A 221 -16.79 23.36 -5.09
CA TYR A 221 -15.90 22.29 -4.68
C TYR A 221 -14.77 22.77 -3.78
N PHE A 222 -14.08 23.82 -4.22
CA PHE A 222 -12.87 24.28 -3.54
C PHE A 222 -13.08 25.24 -2.38
N TYR A 223 -14.22 25.94 -2.37
CA TYR A 223 -14.47 26.91 -1.29
C TYR A 223 -15.59 26.52 -0.35
N LEU A 224 -16.53 25.70 -0.83
CA LEU A 224 -17.66 25.28 0.02
C LEU A 224 -17.56 23.84 0.53
N LEU A 225 -17.33 22.89 -0.38
CA LEU A 225 -17.38 21.46 -0.01
C LEU A 225 -16.07 20.93 0.58
N PHE A 226 -14.96 21.15 -0.13
CA PHE A 226 -13.64 20.69 0.33
C PHE A 226 -12.60 21.81 0.29
N PRO A 227 -12.74 22.82 1.17
CA PRO A 227 -11.76 23.90 1.13
C PRO A 227 -10.42 23.48 1.73
N ASN A 228 -9.36 24.20 1.37
CA ASN A 228 -8.10 24.15 2.12
C ASN A 228 -7.82 25.51 2.75
N SER A 229 -7.82 25.57 4.08
CA SER A 229 -7.53 26.82 4.76
C SER A 229 -6.06 27.20 4.54
N LEU A 230 -5.86 28.36 3.91
CA LEU A 230 -4.53 28.88 3.61
C LEU A 230 -4.53 30.37 3.86
N SER A 231 -3.37 30.90 4.25
CA SER A 231 -3.24 32.34 4.49
C SER A 231 -3.40 33.11 3.18
N LEU A 232 -3.75 34.39 3.30
CA LEU A 232 -3.90 35.27 2.15
C LEU A 232 -2.62 35.32 1.31
N SER A 233 -1.47 35.43 1.97
CA SER A 233 -0.18 35.50 1.29
C SER A 233 0.15 34.23 0.50
N GLU A 234 -0.27 33.08 1.02
CA GLU A 234 -0.14 31.80 0.33
C GLU A 234 -1.00 31.75 -0.94
N ARG A 235 -2.24 32.23 -0.83
CA ARG A 235 -3.15 32.31 -1.97
C ARG A 235 -2.60 33.21 -3.07
N VAL A 236 -2.01 34.34 -2.68
CA VAL A 236 -1.40 35.27 -3.63
C VAL A 236 -0.17 34.62 -4.27
N ALA A 237 0.56 33.83 -3.48
CA ALA A 237 1.74 33.10 -3.96
C ALA A 237 1.39 32.06 -5.03
N ILE A 238 0.23 31.43 -4.91
CA ILE A 238 -0.26 30.52 -5.93
C ILE A 238 -0.52 31.29 -7.24
N ILE A 239 -1.24 32.40 -7.14
CA ILE A 239 -1.54 33.26 -8.29
C ILE A 239 -0.27 33.73 -9.01
N LYS A 240 0.75 34.12 -8.25
CA LYS A 240 2.01 34.59 -8.82
C LYS A 240 2.95 33.44 -9.25
N GLY A 241 2.63 32.22 -8.82
CA GLY A 241 3.43 31.04 -9.17
C GLY A 241 4.69 30.90 -8.35
N THR A 242 4.69 31.47 -7.14
CA THR A 242 5.85 31.43 -6.26
C THR A 242 5.62 30.53 -5.05
N TYR A 243 4.47 29.85 -5.02
CA TYR A 243 4.06 29.02 -3.90
C TYR A 243 4.87 27.73 -3.77
N GLU A 244 5.33 27.46 -2.55
CA GLU A 244 6.05 26.23 -2.23
C GLU A 244 5.30 25.46 -1.12
N PRO A 245 4.83 24.23 -1.43
CA PRO A 245 3.99 23.46 -0.49
C PRO A 245 4.73 23.07 0.79
N LYS B 2 -13.50 -26.93 7.69
CA LYS B 2 -14.14 -27.99 8.53
C LYS B 2 -15.18 -28.73 7.70
N LYS B 3 -14.68 -29.55 6.78
CA LYS B 3 -15.47 -30.21 5.73
C LYS B 3 -16.08 -29.19 4.76
N GLU B 4 -15.54 -29.15 3.54
CA GLU B 4 -15.90 -28.13 2.54
C GLU B 4 -17.40 -28.03 2.28
N VAL B 5 -18.03 -29.15 1.92
CA VAL B 5 -19.45 -29.19 1.56
C VAL B 5 -20.39 -28.78 2.70
N CYS B 6 -19.96 -29.05 3.94
CA CYS B 6 -20.80 -28.84 5.12
C CYS B 6 -20.76 -27.42 5.68
N SER B 7 -19.92 -26.56 5.11
CA SER B 7 -19.73 -25.21 5.62
C SER B 7 -20.78 -24.22 5.15
N VAL B 8 -21.03 -23.20 5.98
CA VAL B 8 -21.91 -22.08 5.64
C VAL B 8 -21.40 -21.34 4.40
N ALA B 9 -20.09 -21.18 4.30
CA ALA B 9 -19.46 -20.55 3.13
C ALA B 9 -19.83 -21.27 1.83
N PHE B 10 -19.81 -22.60 1.86
CA PHE B 10 -20.17 -23.41 0.69
C PHE B 10 -21.64 -23.29 0.32
N LEU B 11 -22.50 -23.21 1.34
CA LEU B 11 -23.93 -23.02 1.14
C LEU B 11 -24.24 -21.65 0.51
N LYS B 12 -23.53 -20.62 0.96
CA LYS B 12 -23.68 -19.27 0.41
C LYS B 12 -23.16 -19.16 -1.01
N ALA B 13 -22.11 -19.92 -1.32
CA ALA B 13 -21.49 -19.92 -2.65
C ALA B 13 -22.42 -20.57 -3.67
N VAL B 14 -22.96 -21.74 -3.33
CA VAL B 14 -23.88 -22.49 -4.19
C VAL B 14 -25.13 -21.67 -4.46
N PHE B 15 -25.68 -21.07 -3.40
CA PHE B 15 -26.83 -20.17 -3.51
C PHE B 15 -26.53 -18.98 -4.40
N ALA B 16 -25.35 -18.37 -4.23
CA ALA B 16 -24.93 -17.23 -5.06
C ALA B 16 -24.80 -17.60 -6.54
N GLU B 17 -24.30 -18.81 -6.81
CA GLU B 17 -24.22 -19.28 -8.20
C GLU B 17 -25.62 -19.45 -8.79
N PHE B 18 -26.55 -19.98 -7.99
CA PHE B 18 -27.94 -20.06 -8.39
C PHE B 18 -28.49 -18.68 -8.70
N LEU B 19 -28.32 -17.74 -7.76
CA LEU B 19 -28.91 -16.41 -7.87
C LEU B 19 -28.33 -15.58 -9.02
N ALA B 20 -27.02 -15.65 -9.20
CA ALA B 20 -26.35 -14.94 -10.29
C ALA B 20 -26.83 -15.42 -11.65
N THR B 21 -26.95 -16.74 -11.83
CA THR B 21 -27.41 -17.29 -13.11
C THR B 21 -28.88 -16.97 -13.39
N LEU B 22 -29.71 -16.95 -12.34
CA LEU B 22 -31.10 -16.52 -12.46
C LEU B 22 -31.16 -15.10 -13.02
N ILE B 23 -30.49 -14.17 -12.34
CA ILE B 23 -30.46 -12.76 -12.74
C ILE B 23 -29.87 -12.57 -14.14
N PHE B 24 -28.75 -13.23 -14.40
CA PHE B 24 -28.07 -13.16 -15.70
C PHE B 24 -29.02 -13.50 -16.84
N VAL B 25 -29.58 -14.71 -16.78
CA VAL B 25 -30.46 -15.22 -17.82
C VAL B 25 -31.70 -14.32 -17.98
N PHE B 26 -32.29 -13.91 -16.86
CA PHE B 26 -33.42 -12.98 -16.90
C PHE B 26 -33.09 -11.74 -17.72
N PHE B 27 -31.96 -11.10 -17.42
CA PHE B 27 -31.54 -9.89 -18.10
C PHE B 27 -31.11 -10.16 -19.54
N GLY B 28 -30.37 -11.25 -19.73
CA GLY B 28 -29.86 -11.60 -21.05
C GLY B 28 -30.97 -11.83 -22.05
N LEU B 29 -31.86 -12.75 -21.73
CA LEU B 29 -32.97 -13.11 -22.60
C LEU B 29 -33.95 -11.96 -22.77
N GLY B 30 -34.26 -11.27 -21.67
CA GLY B 30 -35.21 -10.17 -21.67
C GLY B 30 -34.83 -9.00 -22.56
N SER B 31 -33.53 -8.73 -22.67
CA SER B 31 -33.03 -7.65 -23.52
C SER B 31 -32.99 -8.07 -25.00
N ALA B 32 -33.11 -9.37 -25.23
CA ALA B 32 -32.96 -9.96 -26.56
C ALA B 32 -34.29 -10.29 -27.26
N LEU B 33 -35.40 -10.10 -26.55
CA LEU B 33 -36.73 -10.38 -27.10
C LEU B 33 -37.03 -9.44 -28.27
N LYS B 34 -37.90 -9.88 -29.18
CA LYS B 34 -38.26 -9.07 -30.34
C LYS B 34 -39.35 -8.06 -29.97
N TRP B 35 -39.00 -7.13 -29.09
CA TRP B 35 -39.93 -6.09 -28.65
C TRP B 35 -40.48 -5.30 -29.85
N PRO B 36 -41.81 -5.35 -30.06
CA PRO B 36 -42.48 -4.58 -31.11
C PRO B 36 -42.21 -3.06 -31.02
N SER B 37 -42.16 -2.52 -29.81
CA SER B 37 -41.90 -1.09 -29.58
C SER B 37 -40.61 -0.58 -30.22
N ALA B 38 -39.57 -1.41 -30.18
CA ALA B 38 -38.25 -1.09 -30.75
C ALA B 38 -37.37 -2.35 -30.72
N LEU B 39 -37.17 -2.95 -31.89
CA LEU B 39 -36.34 -4.15 -31.99
C LEU B 39 -34.91 -3.86 -31.50
N PRO B 40 -34.43 -4.65 -30.52
CA PRO B 40 -33.08 -4.51 -29.98
C PRO B 40 -32.00 -4.70 -31.04
N THR B 41 -30.98 -3.83 -31.03
CA THR B 41 -29.87 -3.93 -31.98
C THR B 41 -28.80 -4.90 -31.45
N ILE B 42 -27.84 -5.25 -32.30
CA ILE B 42 -26.77 -6.18 -31.93
C ILE B 42 -25.96 -5.66 -30.74
N LEU B 43 -25.54 -4.40 -30.82
CA LEU B 43 -24.74 -3.77 -29.77
C LEU B 43 -25.53 -3.67 -28.46
N GLN B 44 -26.82 -3.38 -28.59
CA GLN B 44 -27.74 -3.33 -27.44
C GLN B 44 -27.74 -4.65 -26.66
N ILE B 45 -27.95 -5.76 -27.36
CA ILE B 45 -27.96 -7.10 -26.77
C ILE B 45 -26.56 -7.48 -26.25
N ALA B 46 -25.53 -7.16 -27.03
CA ALA B 46 -24.15 -7.43 -26.63
C ALA B 46 -23.81 -6.79 -25.29
N LEU B 47 -24.13 -5.50 -25.14
CA LEU B 47 -23.82 -4.80 -23.90
C LEU B 47 -24.68 -5.26 -22.73
N ALA B 48 -25.94 -5.59 -23.00
CA ALA B 48 -26.83 -6.12 -21.97
C ALA B 48 -26.29 -7.38 -21.29
N PHE B 49 -25.94 -8.39 -22.10
CA PHE B 49 -25.33 -9.61 -21.58
C PHE B 49 -24.04 -9.34 -20.80
N GLY B 50 -23.15 -8.55 -21.40
CA GLY B 50 -21.85 -8.22 -20.82
C GLY B 50 -21.95 -7.44 -19.52
N LEU B 51 -22.84 -6.44 -19.48
CA LEU B 51 -23.04 -5.65 -18.28
C LEU B 51 -23.71 -6.46 -17.17
N ALA B 52 -24.52 -7.44 -17.54
CA ALA B 52 -25.09 -8.37 -16.56
C ALA B 52 -24.01 -9.20 -15.85
N ILE B 53 -23.09 -9.78 -16.62
CA ILE B 53 -21.96 -10.51 -16.04
C ILE B 53 -21.07 -9.59 -15.17
N GLY B 54 -20.71 -8.43 -15.71
CA GLY B 54 -19.91 -7.44 -15.00
C GLY B 54 -20.51 -6.99 -13.68
N THR B 55 -21.81 -6.73 -13.68
CA THR B 55 -22.54 -6.35 -12.47
C THR B 55 -22.56 -7.49 -11.47
N LEU B 56 -22.89 -8.69 -11.94
CA LEU B 56 -22.99 -9.86 -11.07
C LEU B 56 -21.64 -10.33 -10.53
N ALA B 57 -20.61 -10.28 -11.38
CA ALA B 57 -19.25 -10.56 -10.96
C ALA B 57 -18.85 -9.66 -9.79
N GLN B 58 -19.08 -8.36 -9.95
CA GLN B 58 -18.83 -7.38 -8.89
C GLN B 58 -19.65 -7.68 -7.62
N ALA B 59 -20.95 -7.95 -7.80
CA ALA B 59 -21.85 -8.11 -6.66
C ALA B 59 -21.73 -9.43 -5.91
N LEU B 60 -21.71 -10.55 -6.62
CA LEU B 60 -21.73 -11.87 -5.99
C LEU B 60 -20.42 -12.66 -6.14
N GLY B 61 -19.46 -12.09 -6.86
CA GLY B 61 -18.14 -12.69 -7.04
C GLY B 61 -17.42 -13.02 -5.74
N PRO B 62 -17.37 -12.06 -4.78
CA PRO B 62 -16.77 -12.33 -3.46
C PRO B 62 -17.46 -13.43 -2.66
N VAL B 63 -18.61 -13.91 -3.11
CA VAL B 63 -19.35 -14.95 -2.39
C VAL B 63 -18.97 -16.34 -2.90
N SER B 64 -18.92 -16.49 -4.22
CA SER B 64 -18.75 -17.80 -4.85
C SER B 64 -17.58 -17.91 -5.83
N GLY B 65 -17.02 -16.76 -6.24
CA GLY B 65 -16.07 -16.72 -7.35
C GLY B 65 -16.71 -16.25 -8.65
N GLY B 66 -18.05 -16.16 -8.65
CA GLY B 66 -18.82 -15.67 -9.79
C GLY B 66 -18.54 -16.35 -11.12
N HIS B 67 -18.81 -17.65 -11.20
CA HIS B 67 -18.62 -18.42 -12.43
C HIS B 67 -19.77 -18.13 -13.39
N ILE B 68 -21.00 -18.34 -12.90
CA ILE B 68 -22.26 -18.06 -13.64
C ILE B 68 -22.30 -18.78 -14.99
N ASN B 69 -21.56 -19.88 -15.09
CA ASN B 69 -21.27 -20.53 -16.38
C ASN B 69 -20.64 -21.92 -16.19
N PRO B 70 -21.39 -22.98 -16.54
CA PRO B 70 -20.93 -24.37 -16.39
C PRO B 70 -19.59 -24.67 -17.09
N ALA B 71 -19.35 -24.03 -18.23
CA ALA B 71 -18.10 -24.23 -18.97
C ALA B 71 -16.90 -23.65 -18.21
N ILE B 72 -17.08 -22.47 -17.62
CA ILE B 72 -16.05 -21.85 -16.80
C ILE B 72 -15.74 -22.71 -15.56
N THR B 73 -16.79 -23.18 -14.89
CA THR B 73 -16.64 -24.03 -13.71
C THR B 73 -15.91 -25.33 -14.03
N LEU B 74 -16.28 -25.97 -15.14
CA LEU B 74 -15.62 -27.20 -15.60
C LEU B 74 -14.14 -26.98 -15.93
N ALA B 75 -13.84 -25.86 -16.59
CA ALA B 75 -12.45 -25.52 -16.90
C ALA B 75 -11.59 -25.28 -15.66
N LEU B 76 -12.18 -24.70 -14.62
CA LEU B 76 -11.47 -24.49 -13.36
C LEU B 76 -11.19 -25.80 -12.62
N LEU B 77 -12.05 -26.79 -12.84
CA LEU B 77 -11.86 -28.13 -12.30
C LEU B 77 -10.68 -28.81 -13.00
N VAL B 78 -10.67 -28.78 -14.32
CA VAL B 78 -9.59 -29.37 -15.11
C VAL B 78 -8.23 -28.70 -14.82
N GLY B 79 -8.24 -27.38 -14.67
CA GLY B 79 -7.02 -26.63 -14.34
C GLY B 79 -6.61 -26.70 -12.87
N ASN B 80 -7.34 -27.49 -12.09
CA ASN B 80 -7.00 -27.80 -10.70
C ASN B 80 -7.13 -26.59 -9.75
N GLN B 81 -8.26 -25.89 -9.87
CA GLN B 81 -8.50 -24.69 -9.06
C GLN B 81 -9.62 -24.89 -8.04
N ILE B 82 -10.52 -25.82 -8.32
CA ILE B 82 -11.64 -26.12 -7.41
C ILE B 82 -11.81 -27.62 -7.20
N SER B 83 -12.63 -27.99 -6.22
CA SER B 83 -12.92 -29.40 -5.95
C SER B 83 -14.00 -29.95 -6.91
N LEU B 84 -14.03 -31.28 -7.02
CA LEU B 84 -15.04 -31.97 -7.82
C LEU B 84 -16.46 -31.65 -7.33
N LEU B 85 -16.63 -31.62 -6.01
CA LEU B 85 -17.94 -31.36 -5.42
C LEU B 85 -18.40 -29.92 -5.58
N ARG B 86 -17.46 -28.97 -5.56
CA ARG B 86 -17.80 -27.58 -5.82
C ARG B 86 -18.26 -27.44 -7.27
N ALA B 87 -17.53 -28.09 -8.18
CA ALA B 87 -17.91 -28.16 -9.60
C ALA B 87 -19.32 -28.72 -9.78
N PHE B 88 -19.61 -29.85 -9.14
CA PHE B 88 -20.92 -30.46 -9.24
C PHE B 88 -22.05 -29.53 -8.77
N PHE B 89 -21.93 -29.00 -7.55
CA PHE B 89 -22.94 -28.12 -6.96
C PHE B 89 -23.11 -26.79 -7.71
N TYR B 90 -22.00 -26.19 -8.12
CA TYR B 90 -22.05 -24.96 -8.93
C TYR B 90 -22.82 -25.20 -10.23
N VAL B 91 -22.44 -26.24 -10.97
CA VAL B 91 -23.09 -26.54 -12.25
C VAL B 91 -24.58 -26.77 -12.04
N ALA B 92 -24.92 -27.61 -11.05
CA ALA B 92 -26.31 -27.87 -10.67
C ALA B 92 -27.06 -26.57 -10.41
N ALA B 93 -26.50 -25.73 -9.53
CA ALA B 93 -27.08 -24.42 -9.21
C ALA B 93 -27.22 -23.50 -10.43
N GLN B 94 -26.25 -23.56 -11.33
CA GLN B 94 -26.28 -22.75 -12.57
C GLN B 94 -27.42 -23.14 -13.50
N LEU B 95 -27.64 -24.43 -13.67
CA LEU B 95 -28.71 -24.92 -14.54
C LEU B 95 -30.10 -24.65 -13.94
N VAL B 96 -30.23 -24.85 -12.63
CA VAL B 96 -31.48 -24.56 -11.93
C VAL B 96 -31.77 -23.05 -11.98
N GLY B 97 -30.73 -22.25 -11.73
CA GLY B 97 -30.83 -20.79 -11.81
C GLY B 97 -31.26 -20.30 -13.17
N ALA B 98 -30.67 -20.90 -14.22
CA ALA B 98 -31.00 -20.54 -15.59
C ALA B 98 -32.46 -20.86 -15.93
N ILE B 99 -32.95 -22.01 -15.49
CA ILE B 99 -34.35 -22.39 -15.68
C ILE B 99 -35.28 -21.41 -14.96
N ALA B 100 -34.94 -21.07 -13.72
CA ALA B 100 -35.75 -20.13 -12.94
C ALA B 100 -35.82 -18.77 -13.62
N GLY B 101 -34.64 -18.25 -14.01
CA GLY B 101 -34.53 -16.95 -14.67
C GLY B 101 -35.36 -16.84 -15.94
N ALA B 102 -35.28 -17.88 -16.77
CA ALA B 102 -36.08 -17.98 -17.99
C ALA B 102 -37.56 -18.08 -17.65
N GLY B 103 -37.87 -18.85 -16.62
CA GLY B 103 -39.24 -19.04 -16.14
C GLY B 103 -39.87 -17.74 -15.64
N ILE B 104 -39.10 -16.99 -14.85
CA ILE B 104 -39.56 -15.69 -14.38
C ILE B 104 -39.78 -14.75 -15.55
N LEU B 105 -38.87 -14.75 -16.53
CA LEU B 105 -39.05 -13.95 -17.73
C LEU B 105 -40.34 -14.32 -18.45
N TYR B 106 -40.56 -15.63 -18.64
CA TYR B 106 -41.78 -16.14 -19.24
C TYR B 106 -43.04 -15.57 -18.60
N GLY B 107 -43.04 -15.46 -17.27
CA GLY B 107 -44.19 -14.96 -16.52
C GLY B 107 -44.43 -13.46 -16.54
N VAL B 108 -43.44 -12.68 -16.99
CA VAL B 108 -43.57 -11.21 -16.98
C VAL B 108 -43.61 -10.56 -18.36
N ALA B 109 -43.10 -11.27 -19.37
CA ALA B 109 -43.02 -10.73 -20.72
C ALA B 109 -44.36 -10.81 -21.42
N PRO B 110 -44.80 -9.69 -22.05
CA PRO B 110 -46.07 -9.73 -22.79
C PRO B 110 -45.98 -10.65 -24.00
N LEU B 111 -47.15 -11.10 -24.48
CA LEU B 111 -47.22 -12.15 -25.51
C LEU B 111 -46.57 -11.78 -26.84
N ASN B 112 -46.71 -10.53 -27.27
CA ASN B 112 -46.10 -10.06 -28.52
C ASN B 112 -44.58 -10.02 -28.47
N ALA B 113 -44.03 -9.98 -27.26
CA ALA B 113 -42.58 -9.95 -27.06
C ALA B 113 -41.95 -11.33 -26.80
N ARG B 114 -42.73 -12.25 -26.22
CA ARG B 114 -42.22 -13.55 -25.76
C ARG B 114 -41.48 -14.35 -26.83
N GLY B 115 -42.08 -14.45 -28.02
CA GLY B 115 -41.46 -15.16 -29.14
C GLY B 115 -40.97 -16.55 -28.76
N ASN B 116 -39.70 -16.83 -29.09
CA ASN B 116 -39.05 -18.07 -28.75
C ASN B 116 -38.30 -18.02 -27.40
N LEU B 117 -38.56 -16.96 -26.62
CA LEU B 117 -37.88 -16.68 -25.35
C LEU B 117 -36.35 -16.59 -25.47
N ALA B 118 -35.91 -16.09 -26.63
CA ALA B 118 -34.49 -15.84 -26.93
C ALA B 118 -33.57 -17.06 -26.86
N VAL B 119 -34.08 -18.23 -27.24
CA VAL B 119 -33.25 -19.43 -27.31
C VAL B 119 -32.12 -19.23 -28.33
N ASN B 120 -31.04 -19.97 -28.16
CA ASN B 120 -29.96 -19.97 -29.15
C ASN B 120 -30.41 -20.67 -30.40
N ALA B 121 -30.06 -20.09 -31.54
CA ALA B 121 -30.45 -20.64 -32.83
C ALA B 121 -29.28 -20.59 -33.80
N LEU B 122 -28.99 -21.71 -34.44
CA LEU B 122 -27.96 -21.77 -35.47
C LEU B 122 -28.33 -20.89 -36.67
N ASN B 123 -27.35 -20.14 -37.17
CA ASN B 123 -27.49 -19.43 -38.44
C ASN B 123 -27.44 -20.45 -39.57
N ASN B 124 -28.59 -20.66 -40.23
CA ASN B 124 -28.72 -21.73 -41.22
C ASN B 124 -27.95 -21.50 -42.52
N ASN B 125 -27.34 -20.33 -42.64
CA ASN B 125 -26.39 -20.07 -43.71
C ASN B 125 -25.03 -20.69 -43.40
N THR B 126 -24.93 -21.26 -42.19
CA THR B 126 -23.70 -21.87 -41.72
C THR B 126 -23.96 -23.30 -41.18
N THR B 127 -22.90 -24.07 -40.96
CA THR B 127 -23.04 -25.46 -40.51
C THR B 127 -22.73 -25.62 -39.01
N GLN B 128 -23.10 -26.78 -38.47
CA GLN B 128 -22.77 -27.16 -37.08
C GLN B 128 -21.29 -26.98 -36.75
N GLY B 129 -20.45 -27.55 -37.61
CA GLY B 129 -19.00 -27.57 -37.38
C GLY B 129 -18.42 -26.18 -37.33
N GLN B 130 -18.88 -25.33 -38.23
CA GLN B 130 -18.47 -23.93 -38.29
C GLN B 130 -18.89 -23.17 -37.03
N ALA B 131 -20.15 -23.34 -36.65
CA ALA B 131 -20.70 -22.69 -35.47
C ALA B 131 -20.00 -23.14 -34.20
N MET B 132 -19.65 -24.43 -34.14
CA MET B 132 -18.96 -24.99 -32.97
C MET B 132 -17.56 -24.43 -32.81
N VAL B 133 -16.86 -24.27 -33.94
CA VAL B 133 -15.53 -23.66 -33.96
C VAL B 133 -15.61 -22.21 -33.46
N VAL B 134 -16.67 -21.50 -33.86
CA VAL B 134 -16.90 -20.13 -33.41
C VAL B 134 -17.11 -20.06 -31.90
N GLU B 135 -18.00 -20.90 -31.37
CA GLU B 135 -18.27 -20.94 -29.93
C GLU B 135 -17.05 -21.36 -29.11
N LEU B 136 -16.22 -22.23 -29.70
CA LEU B 136 -14.97 -22.63 -29.07
C LEU B 136 -14.09 -21.38 -28.87
N ILE B 137 -14.00 -20.54 -29.90
CA ILE B 137 -13.18 -19.34 -29.87
C ILE B 137 -13.74 -18.28 -28.90
N LEU B 138 -15.04 -18.01 -28.98
CA LEU B 138 -15.69 -17.02 -28.11
C LEU B 138 -15.46 -17.31 -26.63
N THR B 139 -15.68 -18.56 -26.23
CA THR B 139 -15.53 -18.99 -24.84
C THR B 139 -14.05 -19.10 -24.44
N PHE B 140 -13.19 -19.42 -25.40
CA PHE B 140 -11.74 -19.46 -25.16
C PHE B 140 -11.19 -18.11 -24.69
N GLN B 141 -11.51 -17.04 -25.43
CA GLN B 141 -11.03 -15.70 -25.09
C GLN B 141 -11.63 -15.22 -23.77
N LEU B 142 -12.92 -15.52 -23.56
CA LEU B 142 -13.58 -15.20 -22.30
C LEU B 142 -12.86 -15.88 -21.13
N ALA B 143 -12.71 -17.20 -21.21
CA ALA B 143 -12.07 -17.99 -20.16
C ALA B 143 -10.69 -17.45 -19.82
N LEU B 144 -9.89 -17.21 -20.86
CA LEU B 144 -8.53 -16.68 -20.72
C LEU B 144 -8.50 -15.35 -19.98
N CYS B 145 -9.49 -14.50 -20.25
CA CYS B 145 -9.62 -13.21 -19.59
C CYS B 145 -9.98 -13.37 -18.10
N ILE B 146 -10.90 -14.30 -17.81
CA ILE B 146 -11.28 -14.60 -16.42
C ILE B 146 -10.08 -15.09 -15.60
N PHE B 147 -9.33 -16.05 -16.16
CA PHE B 147 -8.19 -16.64 -15.46
C PHE B 147 -7.10 -15.62 -15.18
N ALA B 148 -6.86 -14.74 -16.15
CA ALA B 148 -5.84 -13.70 -16.01
C ALA B 148 -6.25 -12.62 -15.01
N SER B 149 -7.54 -12.32 -14.95
CA SER B 149 -8.07 -11.23 -14.11
C SER B 149 -8.27 -11.66 -12.66
N THR B 150 -8.32 -12.96 -12.41
CA THR B 150 -8.61 -13.48 -11.07
C THR B 150 -7.43 -14.25 -10.45
N ASP B 151 -6.29 -14.20 -11.12
CA ASP B 151 -5.04 -14.83 -10.65
C ASP B 151 -4.39 -13.93 -9.60
N SER B 152 -4.31 -14.43 -8.37
CA SER B 152 -3.75 -13.64 -7.26
C SER B 152 -2.25 -13.40 -7.40
N ARG B 153 -1.61 -14.13 -8.32
CA ARG B 153 -0.18 -13.95 -8.58
C ARG B 153 0.12 -12.72 -9.43
N ARG B 154 -0.90 -12.22 -10.15
CA ARG B 154 -0.73 -11.13 -11.13
C ARG B 154 -0.10 -9.89 -10.50
N THR B 155 0.93 -9.37 -11.16
CA THR B 155 1.61 -8.15 -10.70
C THR B 155 1.32 -6.95 -11.62
N GLU B 156 0.89 -7.22 -12.85
CA GLU B 156 0.41 -6.17 -13.74
C GLU B 156 -0.87 -5.57 -13.14
N PRO B 157 -1.02 -4.22 -13.21
CA PRO B 157 -2.24 -3.57 -12.68
C PRO B 157 -3.49 -4.24 -13.26
N VAL B 158 -4.43 -4.60 -12.39
CA VAL B 158 -5.55 -5.43 -12.79
C VAL B 158 -6.76 -4.63 -13.27
N GLY B 159 -6.90 -3.41 -12.74
CA GLY B 159 -8.02 -2.55 -13.10
C GLY B 159 -9.31 -3.06 -12.47
N SER B 160 -10.31 -3.28 -13.31
CA SER B 160 -11.58 -3.86 -12.86
C SER B 160 -11.79 -5.22 -13.49
N PRO B 161 -11.53 -6.30 -12.71
CA PRO B 161 -11.77 -7.66 -13.20
C PRO B 161 -13.21 -7.86 -13.68
N ALA B 162 -14.16 -7.35 -12.90
CA ALA B 162 -15.60 -7.48 -13.20
C ALA B 162 -15.95 -6.85 -14.55
N LEU B 163 -15.42 -5.65 -14.80
CA LEU B 163 -15.70 -4.93 -16.03
C LEU B 163 -14.93 -5.48 -17.21
N SER B 164 -13.69 -5.92 -16.98
CA SER B 164 -12.93 -6.59 -18.02
C SER B 164 -13.64 -7.87 -18.50
N ILE B 165 -14.05 -8.71 -17.53
CA ILE B 165 -14.72 -9.98 -17.82
C ILE B 165 -16.06 -9.73 -18.51
N GLY B 166 -16.81 -8.76 -17.98
CA GLY B 166 -18.08 -8.35 -18.55
C GLY B 166 -17.95 -7.95 -20.01
N LEU B 167 -16.96 -7.11 -20.30
CA LEU B 167 -16.79 -6.58 -21.66
C LEU B 167 -16.23 -7.62 -22.64
N SER B 168 -15.66 -8.69 -22.09
CA SER B 168 -15.26 -9.85 -22.89
C SER B 168 -16.49 -10.63 -23.35
N VAL B 169 -17.53 -10.68 -22.50
CA VAL B 169 -18.82 -11.26 -22.86
C VAL B 169 -19.45 -10.44 -23.98
N THR B 170 -19.39 -9.12 -23.86
CA THR B 170 -19.90 -8.22 -24.90
C THR B 170 -19.19 -8.48 -26.23
N LEU B 171 -17.87 -8.60 -26.18
CA LEU B 171 -17.06 -8.91 -27.37
C LEU B 171 -17.52 -10.20 -28.04
N GLY B 172 -17.67 -11.26 -27.24
CA GLY B 172 -18.14 -12.56 -27.75
C GLY B 172 -19.46 -12.44 -28.50
N HIS B 173 -20.35 -11.60 -28.00
CA HIS B 173 -21.67 -11.38 -28.61
C HIS B 173 -21.63 -10.59 -29.92
N LEU B 174 -20.68 -9.68 -30.04
CA LEU B 174 -20.56 -8.86 -31.25
C LEU B 174 -20.23 -9.67 -32.51
N VAL B 175 -19.77 -10.91 -32.31
CA VAL B 175 -19.48 -11.84 -33.40
C VAL B 175 -20.42 -13.06 -33.33
N GLY B 176 -20.58 -13.61 -32.14
CA GLY B 176 -21.35 -14.84 -31.94
C GLY B 176 -22.84 -14.79 -32.23
N ILE B 177 -23.45 -13.61 -32.08
CA ILE B 177 -24.87 -13.44 -32.37
C ILE B 177 -25.16 -13.81 -33.82
N TYR B 178 -24.24 -13.48 -34.71
CA TYR B 178 -24.37 -13.74 -36.13
C TYR B 178 -24.25 -15.22 -36.50
N PHE B 179 -23.81 -16.04 -35.54
CA PHE B 179 -23.58 -17.47 -35.80
C PHE B 179 -24.57 -18.39 -35.10
N THR B 180 -24.79 -18.15 -33.81
CA THR B 180 -25.55 -19.06 -32.97
C THR B 180 -26.50 -18.33 -32.03
N GLY B 181 -26.57 -17.02 -32.17
CA GLY B 181 -27.26 -16.16 -31.20
C GLY B 181 -26.33 -15.90 -30.03
N CYS B 182 -25.14 -16.49 -30.09
CA CYS B 182 -24.10 -16.45 -29.06
C CYS B 182 -24.50 -17.16 -27.76
N SER B 183 -23.86 -18.30 -27.52
CA SER B 183 -24.06 -19.06 -26.28
C SER B 183 -22.98 -18.72 -25.24
N MET B 184 -21.77 -19.22 -25.48
CA MET B 184 -20.63 -19.09 -24.56
C MET B 184 -20.91 -19.66 -23.16
N ASN B 185 -22.08 -20.25 -23.00
CA ASN B 185 -22.59 -20.62 -21.68
C ASN B 185 -23.70 -21.66 -21.79
N PRO B 186 -23.39 -22.94 -21.49
CA PRO B 186 -24.41 -24.00 -21.53
C PRO B 186 -25.71 -23.70 -20.77
N ALA B 187 -25.61 -23.03 -19.62
CA ALA B 187 -26.81 -22.67 -18.85
C ALA B 187 -27.67 -21.63 -19.54
N ARG B 188 -27.02 -20.67 -20.20
CA ARG B 188 -27.71 -19.63 -20.99
C ARG B 188 -28.56 -20.26 -22.11
N SER B 189 -28.09 -21.40 -22.64
CA SER B 189 -28.80 -22.11 -23.69
C SER B 189 -29.85 -23.08 -23.13
N PHE B 190 -29.49 -23.73 -22.03
CA PHE B 190 -30.33 -24.74 -21.40
C PHE B 190 -31.62 -24.15 -20.80
N GLY B 191 -31.47 -23.09 -20.02
CA GLY B 191 -32.59 -22.42 -19.34
C GLY B 191 -33.85 -22.19 -20.17
N PRO B 192 -33.75 -21.36 -21.23
CA PRO B 192 -34.90 -21.10 -22.09
C PRO B 192 -35.39 -22.33 -22.87
N ALA B 193 -34.48 -23.21 -23.24
CA ALA B 193 -34.82 -24.45 -23.94
C ALA B 193 -35.73 -25.34 -23.09
N VAL B 194 -35.46 -25.37 -21.78
CA VAL B 194 -36.27 -26.14 -20.83
C VAL B 194 -37.65 -25.54 -20.65
N VAL B 195 -37.72 -24.21 -20.49
CA VAL B 195 -38.97 -23.52 -20.21
C VAL B 195 -39.90 -23.50 -21.43
N MET B 196 -39.32 -23.48 -22.62
CA MET B 196 -40.09 -23.45 -23.86
C MET B 196 -40.25 -24.84 -24.47
N ASN B 197 -39.68 -25.84 -23.80
CA ASN B 197 -39.66 -27.23 -24.30
C ASN B 197 -39.19 -27.28 -25.76
N ARG B 198 -38.01 -26.67 -26.00
CA ARG B 198 -37.52 -26.47 -27.35
C ARG B 198 -36.03 -26.67 -27.48
N PHE B 199 -35.64 -27.88 -27.86
CA PHE B 199 -34.25 -28.23 -28.10
C PHE B 199 -34.06 -28.45 -29.58
N SER B 200 -33.27 -27.58 -30.21
CA SER B 200 -32.94 -27.72 -31.61
C SER B 200 -31.98 -28.90 -31.81
N PRO B 201 -31.96 -29.48 -33.02
CA PRO B 201 -30.99 -30.56 -33.29
C PRO B 201 -29.54 -30.16 -32.94
N ALA B 202 -29.19 -28.90 -33.17
CA ALA B 202 -27.82 -28.45 -32.96
C ALA B 202 -27.53 -27.97 -31.54
N HIS B 203 -28.41 -28.30 -30.59
CA HIS B 203 -28.24 -27.91 -29.19
C HIS B 203 -26.90 -28.36 -28.59
N TRP B 204 -26.39 -29.50 -29.03
CA TRP B 204 -25.08 -30.02 -28.59
C TRP B 204 -23.94 -28.98 -28.78
N VAL B 205 -24.05 -28.17 -29.83
CA VAL B 205 -23.07 -27.11 -30.13
C VAL B 205 -22.88 -26.18 -28.93
N PHE B 206 -23.99 -25.82 -28.29
CA PHE B 206 -23.97 -24.87 -27.17
C PHE B 206 -23.44 -25.48 -25.86
N TRP B 207 -23.12 -26.77 -25.90
CA TRP B 207 -22.47 -27.46 -24.78
C TRP B 207 -21.02 -27.77 -25.13
N VAL B 208 -20.80 -28.39 -26.29
CA VAL B 208 -19.47 -28.85 -26.69
C VAL B 208 -18.52 -27.69 -26.99
N GLY B 209 -19.00 -26.70 -27.73
CA GLY B 209 -18.20 -25.52 -28.07
C GLY B 209 -17.67 -24.76 -26.86
N PRO B 210 -18.59 -24.20 -26.05
CA PRO B 210 -18.18 -23.50 -24.81
C PRO B 210 -17.29 -24.33 -23.88
N ILE B 211 -17.64 -25.59 -23.62
CA ILE B 211 -16.83 -26.42 -22.71
C ILE B 211 -15.41 -26.67 -23.24
N VAL B 212 -15.28 -27.07 -24.51
CA VAL B 212 -13.96 -27.31 -25.11
C VAL B 212 -13.11 -26.03 -25.14
N GLY B 213 -13.73 -24.93 -25.55
CA GLY B 213 -13.09 -23.62 -25.56
C GLY B 213 -12.51 -23.24 -24.22
N ALA B 214 -13.34 -23.28 -23.18
CA ALA B 214 -12.92 -22.93 -21.82
C ALA B 214 -11.83 -23.86 -21.27
N VAL B 215 -12.00 -25.17 -21.47
CA VAL B 215 -11.04 -26.17 -20.99
C VAL B 215 -9.68 -26.00 -21.67
N LEU B 216 -9.68 -25.73 -22.98
CA LEU B 216 -8.45 -25.42 -23.69
C LEU B 216 -7.74 -24.20 -23.12
N ALA B 217 -8.51 -23.16 -22.79
CA ALA B 217 -7.96 -21.96 -22.15
C ALA B 217 -7.36 -22.30 -20.78
N ALA B 218 -8.06 -23.15 -20.03
CA ALA B 218 -7.60 -23.61 -18.73
C ALA B 218 -6.27 -24.37 -18.84
N ILE B 219 -6.20 -25.31 -19.78
CA ILE B 219 -4.96 -26.06 -19.99
C ILE B 219 -3.82 -25.10 -20.33
N LEU B 220 -4.06 -24.24 -21.33
CA LEU B 220 -3.08 -23.24 -21.74
C LEU B 220 -2.61 -22.34 -20.58
N TYR B 221 -3.55 -21.81 -19.82
CA TYR B 221 -3.24 -20.86 -18.75
C TYR B 221 -2.58 -21.51 -17.52
N PHE B 222 -3.25 -22.51 -16.96
CA PHE B 222 -2.82 -23.12 -15.71
C PHE B 222 -1.71 -24.15 -15.84
N TYR B 223 -1.50 -24.71 -17.03
CA TYR B 223 -0.47 -25.73 -17.21
C TYR B 223 0.72 -25.34 -18.10
N LEU B 224 0.51 -24.48 -19.09
CA LEU B 224 1.60 -24.10 -20.00
C LEU B 224 2.18 -22.71 -19.76
N LEU B 225 1.32 -21.70 -19.59
CA LEU B 225 1.76 -20.31 -19.45
C LEU B 225 2.18 -19.98 -18.02
N PHE B 226 1.26 -20.18 -17.07
CA PHE B 226 1.54 -19.89 -15.66
C PHE B 226 1.27 -21.10 -14.75
N PRO B 227 2.10 -22.16 -14.87
CA PRO B 227 1.92 -23.32 -14.00
C PRO B 227 2.20 -22.96 -12.54
N ASN B 228 1.70 -23.76 -11.61
CA ASN B 228 2.00 -23.51 -10.21
C ASN B 228 2.83 -24.61 -9.56
N SER B 229 3.17 -24.39 -8.30
CA SER B 229 4.00 -25.30 -7.50
C SER B 229 3.44 -26.73 -7.41
N LEU B 230 2.73 -27.00 -6.31
CA LEU B 230 1.91 -28.20 -6.11
C LEU B 230 2.53 -29.58 -6.39
N SER B 231 2.56 -30.39 -5.33
CA SER B 231 2.84 -31.81 -5.41
C SER B 231 1.60 -32.54 -5.92
N LEU B 232 1.77 -33.78 -6.37
CA LEU B 232 0.64 -34.59 -6.84
C LEU B 232 -0.41 -34.83 -5.74
N SER B 233 0.05 -35.04 -4.51
CA SER B 233 -0.86 -35.25 -3.38
C SER B 233 -1.67 -34.00 -3.05
N GLU B 234 -1.06 -32.84 -3.27
CA GLU B 234 -1.75 -31.56 -3.12
C GLU B 234 -2.82 -31.37 -4.22
N ARG B 235 -2.50 -31.84 -5.42
CA ARG B 235 -3.43 -31.79 -6.56
C ARG B 235 -4.65 -32.69 -6.35
N VAL B 236 -4.41 -33.86 -5.74
CA VAL B 236 -5.47 -34.78 -5.39
C VAL B 236 -6.34 -34.16 -4.28
N ALA B 237 -5.67 -33.52 -3.31
CA ALA B 237 -6.35 -32.87 -2.19
C ALA B 237 -7.29 -31.73 -2.62
N ILE B 238 -6.87 -30.95 -3.63
CA ILE B 238 -7.71 -29.91 -4.21
C ILE B 238 -8.99 -30.49 -4.83
N ILE B 239 -8.84 -31.57 -5.59
CA ILE B 239 -9.96 -32.29 -6.19
C ILE B 239 -10.94 -32.78 -5.14
N LYS B 240 -10.42 -33.23 -3.99
CA LYS B 240 -11.27 -33.69 -2.88
C LYS B 240 -11.79 -32.57 -1.98
N GLY B 241 -11.07 -31.45 -1.95
CA GLY B 241 -11.48 -30.29 -1.16
C GLY B 241 -10.89 -30.29 0.23
N THR B 242 -9.72 -30.93 0.38
CA THR B 242 -9.05 -31.06 1.67
C THR B 242 -7.65 -30.46 1.62
N TYR B 243 -7.44 -29.54 0.69
CA TYR B 243 -6.14 -28.89 0.52
C TYR B 243 -6.00 -27.70 1.46
N GLU B 244 -4.97 -27.72 2.30
CA GLU B 244 -4.63 -26.59 3.18
C GLU B 244 -3.48 -25.78 2.57
N PRO B 245 -3.75 -24.53 2.15
CA PRO B 245 -2.74 -23.71 1.46
C PRO B 245 -1.73 -23.06 2.41
N LYS C 2 19.61 -15.86 -19.62
CA LYS C 2 20.66 -16.77 -20.16
C LYS C 2 20.55 -16.86 -21.68
N LYS C 3 20.77 -15.72 -22.34
CA LYS C 3 20.53 -15.54 -23.78
C LYS C 3 19.02 -15.44 -24.03
N GLU C 4 18.58 -14.25 -24.43
CA GLU C 4 17.16 -13.88 -24.48
C GLU C 4 16.31 -14.84 -25.32
N VAL C 5 16.70 -15.02 -26.59
CA VAL C 5 15.95 -15.83 -27.56
C VAL C 5 15.72 -17.29 -27.10
N CYS C 6 16.61 -17.79 -26.25
CA CYS C 6 16.62 -19.20 -25.86
C CYS C 6 15.73 -19.53 -24.65
N SER C 7 15.36 -18.50 -23.88
CA SER C 7 14.58 -18.70 -22.65
C SER C 7 13.17 -19.22 -22.89
N VAL C 8 12.61 -19.85 -21.86
CA VAL C 8 11.22 -20.32 -21.87
C VAL C 8 10.26 -19.12 -21.95
N ALA C 9 10.58 -18.08 -21.18
CA ALA C 9 9.80 -16.84 -21.17
C ALA C 9 9.64 -16.22 -22.57
N PHE C 10 10.71 -16.25 -23.35
CA PHE C 10 10.71 -15.69 -24.70
C PHE C 10 9.81 -16.48 -25.64
N LEU C 11 9.94 -17.81 -25.58
CA LEU C 11 9.12 -18.73 -26.36
C LEU C 11 7.62 -18.48 -26.11
N LYS C 12 7.25 -18.33 -24.85
CA LYS C 12 5.88 -18.00 -24.46
C LYS C 12 5.43 -16.65 -25.04
N ALA C 13 6.31 -15.66 -24.94
CA ALA C 13 6.02 -14.31 -25.42
C ALA C 13 5.75 -14.25 -26.91
N VAL C 14 6.54 -15.00 -27.69
CA VAL C 14 6.35 -15.08 -29.13
C VAL C 14 5.02 -15.75 -29.47
N PHE C 15 4.75 -16.88 -28.80
CA PHE C 15 3.48 -17.58 -28.96
C PHE C 15 2.28 -16.70 -28.60
N ALA C 16 2.40 -15.96 -27.50
CA ALA C 16 1.33 -15.08 -27.00
C ALA C 16 0.99 -13.98 -27.99
N GLU C 17 2.02 -13.41 -28.61
CA GLU C 17 1.84 -12.40 -29.66
C GLU C 17 1.14 -12.99 -30.88
N PHE C 18 1.54 -14.20 -31.26
CA PHE C 18 0.90 -14.94 -32.36
C PHE C 18 -0.58 -15.22 -32.06
N LEU C 19 -0.85 -15.71 -30.85
CA LEU C 19 -2.22 -16.05 -30.44
C LEU C 19 -3.10 -14.81 -30.28
N ALA C 20 -2.56 -13.76 -29.67
CA ALA C 20 -3.29 -12.49 -29.52
C ALA C 20 -3.71 -11.92 -30.87
N THR C 21 -2.79 -11.86 -31.83
CA THR C 21 -3.09 -11.30 -33.15
C THR C 21 -4.10 -12.17 -33.92
N LEU C 22 -3.99 -13.49 -33.76
CA LEU C 22 -4.95 -14.43 -34.34
C LEU C 22 -6.38 -14.12 -33.88
N ILE C 23 -6.54 -14.02 -32.56
CA ILE C 23 -7.85 -13.77 -31.96
C ILE C 23 -8.36 -12.37 -32.32
N PHE C 24 -7.48 -11.38 -32.20
CA PHE C 24 -7.81 -10.00 -32.53
C PHE C 24 -8.37 -9.88 -33.94
N VAL C 25 -7.63 -10.42 -34.91
CA VAL C 25 -8.03 -10.33 -36.31
C VAL C 25 -9.34 -11.10 -36.57
N PHE C 26 -9.47 -12.29 -35.99
CA PHE C 26 -10.71 -13.05 -36.08
C PHE C 26 -11.92 -12.23 -35.65
N PHE C 27 -11.86 -11.66 -34.44
CA PHE C 27 -12.98 -10.89 -33.88
C PHE C 27 -13.22 -9.59 -34.65
N GLY C 28 -12.13 -8.89 -34.96
CA GLY C 28 -12.19 -7.63 -35.68
C GLY C 28 -12.87 -7.76 -37.03
N LEU C 29 -12.31 -8.60 -37.89
CA LEU C 29 -12.88 -8.82 -39.21
C LEU C 29 -14.27 -9.43 -39.12
N GLY C 30 -14.46 -10.35 -38.17
CA GLY C 30 -15.74 -11.03 -37.97
C GLY C 30 -16.88 -10.08 -37.66
N SER C 31 -16.57 -9.03 -36.90
CA SER C 31 -17.56 -8.04 -36.50
C SER C 31 -17.87 -7.04 -37.61
N ALA C 32 -17.01 -7.00 -38.63
CA ALA C 32 -17.09 -6.00 -39.68
C ALA C 32 -17.71 -6.49 -40.99
N LEU C 33 -17.93 -7.80 -41.13
CA LEU C 33 -18.51 -8.37 -42.35
C LEU C 33 -19.92 -7.84 -42.59
N LYS C 34 -20.32 -7.71 -43.86
CA LYS C 34 -21.67 -7.24 -44.22
C LYS C 34 -22.68 -8.36 -44.01
N TRP C 35 -23.11 -8.56 -42.76
CA TRP C 35 -24.10 -9.57 -42.43
C TRP C 35 -25.46 -9.06 -42.88
N PRO C 36 -26.05 -9.69 -43.91
CA PRO C 36 -27.29 -9.17 -44.50
C PRO C 36 -28.47 -9.07 -43.53
N SER C 37 -28.50 -9.91 -42.50
CA SER C 37 -29.58 -9.88 -41.51
C SER C 37 -29.58 -8.60 -40.64
N ALA C 38 -28.38 -8.08 -40.39
CA ALA C 38 -28.19 -6.87 -39.59
C ALA C 38 -26.80 -6.31 -39.83
N LEU C 39 -26.69 -5.39 -40.77
CA LEU C 39 -25.42 -4.77 -41.13
C LEU C 39 -24.80 -4.08 -39.91
N PRO C 40 -23.57 -4.47 -39.54
CA PRO C 40 -22.88 -3.86 -38.40
C PRO C 40 -22.76 -2.35 -38.55
N THR C 41 -23.07 -1.64 -37.46
CA THR C 41 -22.98 -0.18 -37.44
C THR C 41 -21.54 0.25 -37.14
N ILE C 42 -21.26 1.53 -37.34
CA ILE C 42 -19.92 2.08 -37.10
C ILE C 42 -19.48 1.85 -35.66
N LEU C 43 -20.36 2.21 -34.72
CA LEU C 43 -20.07 2.06 -33.31
C LEU C 43 -19.96 0.58 -32.90
N GLN C 44 -20.76 -0.26 -33.54
CA GLN C 44 -20.70 -1.72 -33.33
C GLN C 44 -19.30 -2.27 -33.65
N ILE C 45 -18.80 -1.95 -34.84
CA ILE C 45 -17.48 -2.38 -35.31
C ILE C 45 -16.36 -1.82 -34.41
N ALA C 46 -16.46 -0.53 -34.10
CA ALA C 46 -15.45 0.17 -33.29
C ALA C 46 -15.29 -0.45 -31.90
N LEU C 47 -16.40 -0.79 -31.24
CA LEU C 47 -16.33 -1.44 -29.94
C LEU C 47 -15.78 -2.86 -30.00
N ALA C 48 -16.19 -3.62 -31.01
CA ALA C 48 -15.63 -4.95 -31.24
C ALA C 48 -14.09 -4.93 -31.32
N PHE C 49 -13.55 -4.09 -32.19
CA PHE C 49 -12.10 -3.95 -32.35
C PHE C 49 -11.40 -3.55 -31.06
N GLY C 50 -11.94 -2.52 -30.39
CA GLY C 50 -11.38 -1.98 -29.16
C GLY C 50 -11.43 -2.95 -28.00
N LEU C 51 -12.59 -3.56 -27.79
CA LEU C 51 -12.77 -4.55 -26.72
C LEU C 51 -11.95 -5.80 -26.94
N ALA C 52 -11.71 -6.16 -28.21
CA ALA C 52 -10.82 -7.26 -28.54
C ALA C 52 -9.42 -6.99 -27.95
N ILE C 53 -8.92 -5.77 -28.17
CA ILE C 53 -7.61 -5.35 -27.67
C ILE C 53 -7.58 -5.28 -26.14
N GLY C 54 -8.59 -4.66 -25.56
CA GLY C 54 -8.72 -4.59 -24.10
C GLY C 54 -8.70 -5.96 -23.42
N THR C 55 -9.46 -6.90 -23.98
CA THR C 55 -9.55 -8.26 -23.46
C THR C 55 -8.20 -9.00 -23.60
N LEU C 56 -7.60 -8.90 -24.78
CA LEU C 56 -6.33 -9.58 -25.06
C LEU C 56 -5.15 -8.96 -24.33
N ALA C 57 -5.21 -7.65 -24.11
CA ALA C 57 -4.21 -6.94 -23.32
C ALA C 57 -4.28 -7.37 -21.85
N GLN C 58 -5.49 -7.51 -21.33
CA GLN C 58 -5.72 -8.02 -19.98
C GLN C 58 -5.26 -9.47 -19.84
N ALA C 59 -5.57 -10.28 -20.85
CA ALA C 59 -5.31 -11.72 -20.77
C ALA C 59 -3.88 -12.14 -21.07
N LEU C 60 -3.30 -11.62 -22.16
CA LEU C 60 -1.98 -12.07 -22.64
C LEU C 60 -0.87 -11.03 -22.52
N GLY C 61 -1.22 -9.82 -22.11
CA GLY C 61 -0.25 -8.76 -21.87
C GLY C 61 0.84 -9.13 -20.87
N PRO C 62 0.47 -9.75 -19.74
CA PRO C 62 1.50 -10.16 -18.77
C PRO C 62 2.52 -11.16 -19.32
N VAL C 63 2.16 -11.86 -20.40
CA VAL C 63 3.04 -12.85 -21.02
C VAL C 63 4.08 -12.23 -21.96
N SER C 64 3.68 -11.24 -22.75
CA SER C 64 4.51 -10.73 -23.85
C SER C 64 4.72 -9.22 -23.86
N GLY C 65 3.90 -8.49 -23.10
CA GLY C 65 3.81 -7.04 -23.25
C GLY C 65 2.59 -6.69 -24.07
N GLY C 66 2.03 -7.67 -24.76
CA GLY C 66 0.76 -7.54 -25.48
C GLY C 66 0.74 -6.47 -26.55
N HIS C 67 1.67 -6.56 -27.50
CA HIS C 67 1.76 -5.56 -28.57
C HIS C 67 0.67 -5.73 -29.64
N ILE C 68 0.52 -6.95 -30.15
CA ILE C 68 -0.52 -7.32 -31.12
C ILE C 68 -0.50 -6.40 -32.35
N ASN C 69 0.62 -5.73 -32.60
CA ASN C 69 0.68 -4.66 -33.59
C ASN C 69 2.14 -4.31 -33.98
N PRO C 70 2.53 -4.63 -35.24
CA PRO C 70 3.89 -4.37 -35.73
C PRO C 70 4.33 -2.91 -35.54
N ALA C 71 3.40 -1.98 -35.70
CA ALA C 71 3.66 -0.56 -35.50
C ALA C 71 4.11 -0.23 -34.07
N ILE C 72 3.40 -0.77 -33.09
CA ILE C 72 3.73 -0.57 -31.67
C ILE C 72 5.07 -1.21 -31.31
N THR C 73 5.26 -2.45 -31.76
CA THR C 73 6.50 -3.19 -31.53
C THR C 73 7.72 -2.45 -32.09
N LEU C 74 7.59 -1.92 -33.31
CA LEU C 74 8.68 -1.16 -33.94
C LEU C 74 8.93 0.17 -33.23
N ALA C 75 7.84 0.84 -32.83
CA ALA C 75 7.94 2.06 -32.03
C ALA C 75 8.69 1.83 -30.72
N LEU C 76 8.44 0.69 -30.08
CA LEU C 76 9.11 0.33 -28.84
C LEU C 76 10.59 0.03 -29.02
N LEU C 77 10.96 -0.47 -30.20
CA LEU C 77 12.36 -0.70 -30.54
C LEU C 77 13.09 0.64 -30.66
N VAL C 78 12.54 1.53 -31.50
CA VAL C 78 13.05 2.89 -31.68
C VAL C 78 13.21 3.59 -30.32
N GLY C 79 12.17 3.53 -29.49
CA GLY C 79 12.19 4.17 -28.17
C GLY C 79 13.09 3.49 -27.15
N ASN C 80 13.89 2.53 -27.62
CA ASN C 80 14.87 1.80 -26.81
C ASN C 80 14.24 1.05 -25.62
N GLN C 81 13.14 0.35 -25.89
CA GLN C 81 12.39 -0.35 -24.84
C GLN C 81 12.50 -1.86 -24.95
N ILE C 82 12.81 -2.35 -26.15
CA ILE C 82 12.94 -3.79 -26.42
C ILE C 82 14.17 -4.08 -27.28
N SER C 83 14.52 -5.36 -27.37
CA SER C 83 15.65 -5.79 -28.20
C SER C 83 15.25 -5.93 -29.66
N LEU C 84 16.27 -5.94 -30.53
CA LEU C 84 16.06 -6.09 -31.97
C LEU C 84 15.47 -7.46 -32.26
N LEU C 85 15.96 -8.48 -31.56
CA LEU C 85 15.50 -9.86 -31.78
C LEU C 85 14.04 -10.06 -31.36
N ARG C 86 13.66 -9.48 -30.22
CA ARG C 86 12.26 -9.50 -29.77
C ARG C 86 11.34 -8.85 -30.81
N ALA C 87 11.76 -7.69 -31.34
CA ALA C 87 11.01 -6.98 -32.37
C ALA C 87 10.81 -7.80 -33.63
N PHE C 88 11.88 -8.48 -34.07
CA PHE C 88 11.84 -9.38 -35.22
C PHE C 88 10.83 -10.50 -35.04
N PHE C 89 10.92 -11.21 -33.92
CA PHE C 89 10.04 -12.36 -33.66
C PHE C 89 8.58 -11.98 -33.41
N TYR C 90 8.37 -10.89 -32.66
CA TYR C 90 7.02 -10.35 -32.43
C TYR C 90 6.34 -9.98 -33.75
N VAL C 91 7.02 -9.17 -34.57
CA VAL C 91 6.48 -8.76 -35.86
C VAL C 91 6.14 -10.01 -36.71
N ALA C 92 7.09 -10.93 -36.81
CA ALA C 92 6.88 -12.20 -37.53
C ALA C 92 5.66 -12.96 -37.00
N ALA C 93 5.60 -13.13 -35.68
CA ALA C 93 4.48 -13.82 -35.02
C ALA C 93 3.15 -13.09 -35.22
N GLN C 94 3.20 -11.76 -35.18
CA GLN C 94 2.03 -10.92 -35.41
C GLN C 94 1.44 -11.11 -36.80
N LEU C 95 2.32 -11.09 -37.82
CA LEU C 95 1.90 -11.27 -39.22
C LEU C 95 1.36 -12.68 -39.51
N VAL C 96 2.00 -13.70 -38.95
CA VAL C 96 1.54 -15.08 -39.09
C VAL C 96 0.19 -15.26 -38.39
N GLY C 97 0.03 -14.63 -37.22
CA GLY C 97 -1.22 -14.65 -36.46
C GLY C 97 -2.38 -14.02 -37.19
N ALA C 98 -2.13 -12.88 -37.83
CA ALA C 98 -3.16 -12.17 -38.61
C ALA C 98 -3.67 -13.02 -39.78
N ILE C 99 -2.75 -13.66 -40.50
CA ILE C 99 -3.11 -14.59 -41.59
C ILE C 99 -3.92 -15.77 -41.04
N ALA C 100 -3.48 -16.32 -39.91
CA ALA C 100 -4.17 -17.44 -39.28
C ALA C 100 -5.59 -17.05 -38.88
N GLY C 101 -5.72 -15.89 -38.23
CA GLY C 101 -7.02 -15.38 -37.80
C GLY C 101 -7.96 -15.14 -38.96
N ALA C 102 -7.46 -14.48 -40.00
CA ALA C 102 -8.23 -14.22 -41.22
C ALA C 102 -8.61 -15.53 -41.91
N GLY C 103 -7.65 -16.46 -41.98
CA GLY C 103 -7.87 -17.80 -42.50
C GLY C 103 -8.99 -18.56 -41.80
N ILE C 104 -9.00 -18.51 -40.46
CA ILE C 104 -10.02 -19.19 -39.66
C ILE C 104 -11.41 -18.60 -39.88
N LEU C 105 -11.49 -17.29 -40.02
CA LEU C 105 -12.75 -16.62 -40.34
C LEU C 105 -13.30 -17.08 -41.69
N TYR C 106 -12.44 -17.07 -42.71
CA TYR C 106 -12.77 -17.55 -44.06
C TYR C 106 -13.40 -18.95 -44.00
N GLY C 107 -12.88 -19.81 -43.12
CA GLY C 107 -13.41 -21.16 -42.95
C GLY C 107 -14.78 -21.28 -42.30
N VAL C 108 -15.15 -20.28 -41.48
CA VAL C 108 -16.44 -20.36 -40.75
C VAL C 108 -17.53 -19.42 -41.28
N ALA C 109 -17.15 -18.35 -41.97
CA ALA C 109 -18.10 -17.35 -42.44
C ALA C 109 -18.98 -17.86 -43.60
N PRO C 110 -20.29 -17.61 -43.54
CA PRO C 110 -21.16 -17.98 -44.67
C PRO C 110 -20.88 -17.11 -45.89
N LEU C 111 -21.28 -17.61 -47.06
CA LEU C 111 -20.99 -16.96 -48.33
C LEU C 111 -21.64 -15.58 -48.46
N ASN C 112 -22.83 -15.42 -47.89
CA ASN C 112 -23.56 -14.14 -47.94
C ASN C 112 -22.92 -13.00 -47.12
N ALA C 113 -21.96 -13.35 -46.27
CA ALA C 113 -21.32 -12.37 -45.39
C ALA C 113 -19.81 -12.22 -45.63
N ARG C 114 -19.22 -13.21 -46.29
CA ARG C 114 -17.77 -13.23 -46.54
C ARG C 114 -17.25 -11.95 -47.20
N GLY C 115 -17.87 -11.55 -48.31
CA GLY C 115 -17.48 -10.36 -49.05
C GLY C 115 -15.98 -10.32 -49.33
N ASN C 116 -15.36 -9.19 -49.02
CA ASN C 116 -13.91 -9.00 -49.16
C ASN C 116 -13.11 -9.47 -47.94
N LEU C 117 -13.79 -10.05 -46.96
CA LEU C 117 -13.18 -10.42 -45.66
C LEU C 117 -12.68 -9.19 -44.87
N ALA C 118 -13.34 -8.05 -45.08
CA ALA C 118 -13.09 -6.80 -44.34
C ALA C 118 -11.66 -6.29 -44.46
N VAL C 119 -11.08 -6.44 -45.66
CA VAL C 119 -9.79 -5.83 -45.98
C VAL C 119 -9.96 -4.31 -45.88
N ASN C 120 -8.90 -3.61 -45.49
CA ASN C 120 -8.92 -2.16 -45.53
C ASN C 120 -9.08 -1.67 -46.96
N ALA C 121 -9.77 -0.55 -47.12
CA ALA C 121 -10.07 -0.02 -48.45
C ALA C 121 -10.16 1.48 -48.38
N LEU C 122 -9.40 2.14 -49.24
CA LEU C 122 -9.38 3.60 -49.31
C LEU C 122 -10.71 4.16 -49.82
N ASN C 123 -11.21 5.20 -49.14
CA ASN C 123 -12.38 5.96 -49.57
C ASN C 123 -12.11 6.57 -50.96
N ASN C 124 -13.05 6.39 -51.88
CA ASN C 124 -12.92 6.92 -53.24
C ASN C 124 -12.68 8.43 -53.28
N ASN C 125 -13.21 9.13 -52.27
CA ASN C 125 -13.11 10.58 -52.20
C ASN C 125 -11.91 11.06 -51.40
N THR C 126 -11.04 10.13 -51.02
CA THR C 126 -9.84 10.42 -50.24
C THR C 126 -8.57 10.05 -51.03
N THR C 127 -7.58 10.93 -51.01
CA THR C 127 -6.30 10.64 -51.65
C THR C 127 -5.43 9.79 -50.73
N GLN C 128 -4.45 9.10 -51.31
CA GLN C 128 -3.49 8.30 -50.54
C GLN C 128 -2.76 9.11 -49.47
N GLY C 129 -2.35 10.33 -49.82
CA GLY C 129 -1.65 11.23 -48.90
C GLY C 129 -2.51 11.69 -47.74
N GLN C 130 -3.80 11.87 -47.99
CA GLN C 130 -4.75 12.23 -46.94
C GLN C 130 -4.97 11.08 -45.96
N ALA C 131 -5.17 9.87 -46.51
CA ALA C 131 -5.35 8.65 -45.72
C ALA C 131 -4.11 8.37 -44.88
N MET C 132 -2.96 8.72 -45.46
CA MET C 132 -1.67 8.60 -44.81
C MET C 132 -1.60 9.44 -43.53
N VAL C 133 -2.01 10.70 -43.61
CA VAL C 133 -2.05 11.59 -42.44
C VAL C 133 -3.03 11.10 -41.37
N VAL C 134 -4.20 10.63 -41.80
CA VAL C 134 -5.20 10.09 -40.88
C VAL C 134 -4.62 8.90 -40.10
N GLU C 135 -4.11 7.89 -40.81
CA GLU C 135 -3.51 6.71 -40.18
C GLU C 135 -2.36 7.04 -39.22
N LEU C 136 -1.60 8.08 -39.57
CA LEU C 136 -0.50 8.56 -38.72
C LEU C 136 -1.04 9.05 -37.37
N ILE C 137 -2.04 9.94 -37.43
CA ILE C 137 -2.69 10.50 -36.24
C ILE C 137 -3.39 9.44 -35.38
N LEU C 138 -4.16 8.56 -36.02
CA LEU C 138 -4.86 7.50 -35.32
C LEU C 138 -3.93 6.61 -34.49
N THR C 139 -2.80 6.21 -35.08
CA THR C 139 -1.86 5.31 -34.42
C THR C 139 -0.99 6.08 -33.43
N PHE C 140 -0.75 7.35 -33.72
CA PHE C 140 -0.08 8.26 -32.80
C PHE C 140 -0.79 8.34 -31.44
N GLN C 141 -2.11 8.58 -31.45
CA GLN C 141 -2.86 8.66 -30.18
C GLN C 141 -2.87 7.33 -29.42
N LEU C 142 -3.00 6.22 -30.16
CA LEU C 142 -2.97 4.90 -29.54
C LEU C 142 -1.62 4.60 -28.89
N ALA C 143 -0.54 4.75 -29.65
CA ALA C 143 0.81 4.49 -29.13
C ALA C 143 1.09 5.32 -27.88
N LEU C 144 0.72 6.59 -27.92
CA LEU C 144 0.86 7.52 -26.79
C LEU C 144 0.11 7.02 -25.56
N CYS C 145 -1.14 6.58 -25.77
CA CYS C 145 -1.91 5.98 -24.69
C CYS C 145 -1.25 4.72 -24.13
N ILE C 146 -0.76 3.86 -25.03
CA ILE C 146 -0.07 2.63 -24.65
C ILE C 146 1.17 2.88 -23.78
N PHE C 147 2.03 3.82 -24.21
CA PHE C 147 3.27 4.11 -23.49
C PHE C 147 3.03 4.73 -22.13
N ALA C 148 2.04 5.62 -22.04
CA ALA C 148 1.68 6.26 -20.77
C ALA C 148 1.07 5.25 -19.79
N SER C 149 0.28 4.32 -20.30
CA SER C 149 -0.44 3.35 -19.48
C SER C 149 0.44 2.19 -19.00
N THR C 150 1.56 1.95 -19.68
CA THR C 150 2.43 0.83 -19.30
C THR C 150 3.78 1.29 -18.75
N ASP C 151 3.88 2.58 -18.43
CA ASP C 151 5.09 3.16 -17.84
C ASP C 151 5.13 2.91 -16.34
N SER C 152 6.08 2.09 -15.90
CA SER C 152 6.21 1.75 -14.47
C SER C 152 6.67 2.92 -13.59
N ARG C 153 7.05 4.04 -14.21
CA ARG C 153 7.45 5.24 -13.46
C ARG C 153 6.26 6.15 -13.13
N ARG C 154 5.06 5.76 -13.56
CA ARG C 154 3.85 6.57 -13.40
C ARG C 154 3.36 6.57 -11.95
N THR C 155 3.07 7.77 -11.43
CA THR C 155 2.53 7.94 -10.07
C THR C 155 1.05 8.31 -10.06
N GLU C 156 0.59 8.94 -11.15
CA GLU C 156 -0.83 9.22 -11.33
C GLU C 156 -1.61 7.92 -11.47
N PRO C 157 -2.80 7.84 -10.85
CA PRO C 157 -3.55 6.57 -10.84
C PRO C 157 -3.78 6.08 -12.27
N VAL C 158 -3.31 4.87 -12.57
CA VAL C 158 -3.35 4.35 -13.93
C VAL C 158 -4.74 3.83 -14.35
N GLY C 159 -5.52 3.40 -13.36
CA GLY C 159 -6.85 2.84 -13.62
C GLY C 159 -6.75 1.49 -14.27
N SER C 160 -7.37 1.34 -15.43
CA SER C 160 -7.29 0.10 -16.21
C SER C 160 -6.49 0.34 -17.49
N PRO C 161 -5.21 -0.05 -17.50
CA PRO C 161 -4.41 0.10 -18.71
C PRO C 161 -5.07 -0.61 -19.89
N ALA C 162 -5.51 -1.84 -19.67
CA ALA C 162 -6.10 -2.68 -20.72
C ALA C 162 -7.31 -1.99 -21.39
N LEU C 163 -8.23 -1.49 -20.58
CA LEU C 163 -9.43 -0.86 -21.09
C LEU C 163 -9.18 0.53 -21.70
N SER C 164 -8.23 1.27 -21.13
CA SER C 164 -7.85 2.57 -21.70
C SER C 164 -7.24 2.40 -23.09
N ILE C 165 -6.34 1.43 -23.22
CA ILE C 165 -5.73 1.10 -24.52
C ILE C 165 -6.83 0.63 -25.47
N GLY C 166 -7.67 -0.28 -24.98
CA GLY C 166 -8.79 -0.80 -25.74
C GLY C 166 -9.68 0.29 -26.30
N LEU C 167 -10.13 1.18 -25.44
CA LEU C 167 -11.02 2.26 -25.85
C LEU C 167 -10.36 3.30 -26.76
N SER C 168 -9.05 3.39 -26.69
CA SER C 168 -8.25 4.19 -27.62
C SER C 168 -8.36 3.63 -29.04
N VAL C 169 -8.34 2.30 -29.16
CA VAL C 169 -8.57 1.61 -30.42
C VAL C 169 -9.98 1.92 -30.97
N THR C 170 -10.98 1.79 -30.10
CA THR C 170 -12.35 2.18 -30.43
C THR C 170 -12.40 3.61 -30.96
N LEU C 171 -11.69 4.53 -30.28
CA LEU C 171 -11.60 5.93 -30.72
C LEU C 171 -11.02 6.05 -32.12
N GLY C 172 -9.89 5.37 -32.36
CA GLY C 172 -9.31 5.29 -33.69
C GLY C 172 -10.33 4.95 -34.77
N HIS C 173 -11.12 3.92 -34.53
CA HIS C 173 -12.12 3.44 -35.49
C HIS C 173 -13.28 4.39 -35.76
N LEU C 174 -13.69 5.14 -34.75
CA LEU C 174 -14.83 6.05 -34.90
C LEU C 174 -14.58 7.18 -35.91
N VAL C 175 -13.31 7.41 -36.23
CA VAL C 175 -12.91 8.34 -37.29
C VAL C 175 -12.32 7.59 -38.51
N GLY C 176 -11.44 6.64 -38.23
CA GLY C 176 -10.72 5.89 -39.27
C GLY C 176 -11.55 5.09 -40.26
N ILE C 177 -12.62 4.44 -39.80
CA ILE C 177 -13.44 3.60 -40.68
C ILE C 177 -13.87 4.36 -41.95
N TYR C 178 -14.22 5.64 -41.77
CA TYR C 178 -14.70 6.49 -42.87
C TYR C 178 -13.66 6.77 -43.95
N PHE C 179 -12.38 6.65 -43.61
CA PHE C 179 -11.29 6.96 -44.53
C PHE C 179 -10.73 5.71 -45.21
N THR C 180 -10.33 4.72 -44.41
CA THR C 180 -9.55 3.58 -44.86
C THR C 180 -10.13 2.24 -44.41
N GLY C 181 -11.22 2.30 -43.65
CA GLY C 181 -11.74 1.13 -42.94
C GLY C 181 -11.05 0.99 -41.60
N CYS C 182 -10.06 1.86 -41.39
CA CYS C 182 -9.24 1.94 -40.19
C CYS C 182 -8.24 0.79 -40.09
N SER C 183 -6.96 1.12 -40.24
CA SER C 183 -5.90 0.14 -40.11
C SER C 183 -5.28 0.19 -38.73
N MET C 184 -4.53 1.27 -38.45
CA MET C 184 -3.79 1.46 -37.19
C MET C 184 -2.82 0.32 -36.87
N ASN C 185 -2.75 -0.66 -37.77
CA ASN C 185 -2.12 -1.95 -37.48
C ASN C 185 -1.84 -2.70 -38.78
N PRO C 186 -0.55 -2.75 -39.19
CA PRO C 186 -0.18 -3.37 -40.46
C PRO C 186 -0.56 -4.86 -40.57
N ALA C 187 -0.46 -5.61 -39.47
CA ALA C 187 -0.90 -7.01 -39.44
C ALA C 187 -2.39 -7.14 -39.78
N ARG C 188 -3.22 -6.30 -39.18
CA ARG C 188 -4.66 -6.27 -39.41
C ARG C 188 -5.00 -6.04 -40.90
N SER C 189 -4.15 -5.29 -41.58
CA SER C 189 -4.32 -5.05 -43.00
C SER C 189 -3.75 -6.19 -43.85
N PHE C 190 -2.62 -6.74 -43.40
CA PHE C 190 -1.92 -7.81 -44.11
C PHE C 190 -2.70 -9.14 -44.10
N GLY C 191 -3.17 -9.55 -42.93
CA GLY C 191 -3.88 -10.81 -42.73
C GLY C 191 -4.92 -11.15 -43.79
N PRO C 192 -6.01 -10.37 -43.88
CA PRO C 192 -7.06 -10.69 -44.86
C PRO C 192 -6.62 -10.46 -46.32
N ALA C 193 -5.69 -9.53 -46.54
CA ALA C 193 -5.13 -9.27 -47.86
C ALA C 193 -4.45 -10.52 -48.43
N VAL C 194 -3.65 -11.20 -47.60
CA VAL C 194 -3.00 -12.44 -47.99
C VAL C 194 -4.01 -13.55 -48.26
N VAL C 195 -4.96 -13.73 -47.33
CA VAL C 195 -5.94 -14.81 -47.42
C VAL C 195 -6.81 -14.66 -48.66
N MET C 196 -7.28 -13.44 -48.90
CA MET C 196 -8.11 -13.13 -50.06
C MET C 196 -7.31 -12.90 -51.34
N ASN C 197 -5.99 -12.85 -51.22
CA ASN C 197 -5.08 -12.61 -52.34
C ASN C 197 -5.42 -11.31 -53.09
N ARG C 198 -5.63 -10.25 -52.32
CA ARG C 198 -5.97 -8.93 -52.85
C ARG C 198 -5.30 -7.82 -52.05
N PHE C 199 -4.43 -7.09 -52.73
CA PHE C 199 -3.75 -5.96 -52.13
C PHE C 199 -4.19 -4.71 -52.89
N SER C 200 -4.76 -3.75 -52.17
CA SER C 200 -5.17 -2.48 -52.75
C SER C 200 -3.96 -1.69 -53.27
N PRO C 201 -4.19 -0.75 -54.21
CA PRO C 201 -3.11 0.15 -54.63
C PRO C 201 -2.56 0.99 -53.47
N ALA C 202 -3.38 1.21 -52.44
CA ALA C 202 -2.98 2.05 -51.31
C ALA C 202 -2.46 1.27 -50.10
N HIS C 203 -2.18 -0.02 -50.31
CA HIS C 203 -1.76 -0.91 -49.23
C HIS C 203 -0.56 -0.43 -48.41
N TRP C 204 0.34 0.31 -49.05
CA TRP C 204 1.51 0.87 -48.37
C TRP C 204 1.10 1.86 -47.27
N VAL C 205 0.00 2.57 -47.49
CA VAL C 205 -0.55 3.51 -46.50
C VAL C 205 -0.82 2.81 -45.17
N PHE C 206 -1.30 1.57 -45.23
CA PHE C 206 -1.63 0.80 -44.03
C PHE C 206 -0.37 0.27 -43.30
N TRP C 207 0.77 0.43 -43.94
CA TRP C 207 2.07 0.13 -43.32
C TRP C 207 2.75 1.40 -42.84
N VAL C 208 2.97 2.33 -43.78
CA VAL C 208 3.74 3.55 -43.51
C VAL C 208 3.02 4.46 -42.50
N GLY C 209 1.73 4.72 -42.73
CA GLY C 209 0.89 5.50 -41.81
C GLY C 209 1.01 5.11 -40.34
N PRO C 210 0.56 3.89 -39.98
CA PRO C 210 0.67 3.37 -38.62
C PRO C 210 2.08 3.31 -38.03
N ILE C 211 3.09 3.01 -38.85
CA ILE C 211 4.46 2.90 -38.34
C ILE C 211 5.05 4.27 -38.03
N VAL C 212 4.88 5.22 -38.94
CA VAL C 212 5.34 6.60 -38.72
C VAL C 212 4.66 7.21 -37.47
N GLY C 213 3.34 7.10 -37.39
CA GLY C 213 2.58 7.62 -36.25
C GLY C 213 3.06 7.10 -34.90
N ALA C 214 3.22 5.79 -34.80
CA ALA C 214 3.69 5.15 -33.56
C ALA C 214 5.14 5.51 -33.23
N VAL C 215 6.00 5.56 -34.24
CA VAL C 215 7.40 5.94 -34.04
C VAL C 215 7.52 7.39 -33.53
N LEU C 216 6.79 8.31 -34.16
CA LEU C 216 6.73 9.70 -33.69
C LEU C 216 6.27 9.80 -32.25
N ALA C 217 5.26 8.99 -31.89
CA ALA C 217 4.77 8.93 -30.52
C ALA C 217 5.85 8.43 -29.57
N ALA C 218 6.62 7.43 -30.00
CA ALA C 218 7.71 6.89 -29.19
C ALA C 218 8.83 7.91 -29.00
N ILE C 219 9.20 8.60 -30.08
CA ILE C 219 10.23 9.65 -29.99
C ILE C 219 9.77 10.78 -29.06
N LEU C 220 8.50 11.18 -29.19
CA LEU C 220 7.94 12.19 -28.28
C LEU C 220 7.91 11.73 -26.82
N TYR C 221 7.43 10.51 -26.58
CA TYR C 221 7.27 10.02 -25.21
C TYR C 221 8.59 9.68 -24.51
N PHE C 222 9.42 8.87 -25.17
CA PHE C 222 10.62 8.31 -24.55
C PHE C 222 11.88 9.19 -24.63
N TYR C 223 11.91 10.14 -25.56
CA TYR C 223 13.08 11.01 -25.72
C TYR C 223 12.84 12.48 -25.44
N LEU C 224 11.59 12.93 -25.55
CA LEU C 224 11.28 14.34 -25.29
C LEU C 224 10.52 14.59 -23.98
N LEU C 225 9.52 13.76 -23.69
CA LEU C 225 8.67 13.98 -22.52
C LEU C 225 9.20 13.30 -21.25
N PHE C 226 9.44 11.99 -21.33
CA PHE C 226 9.90 11.22 -20.19
C PHE C 226 11.16 10.38 -20.48
N PRO C 227 12.32 11.03 -20.71
CA PRO C 227 13.55 10.29 -20.97
C PRO C 227 14.05 9.53 -19.75
N ASN C 228 14.97 8.59 -19.94
CA ASN C 228 15.48 7.78 -18.82
C ASN C 228 16.96 7.94 -18.48
N SER C 229 17.69 8.68 -19.31
CA SER C 229 19.10 9.06 -19.06
C SER C 229 20.09 7.89 -18.95
N LEU C 230 19.86 6.82 -19.71
CA LEU C 230 20.78 5.67 -19.72
C LEU C 230 22.06 6.02 -20.47
N SER C 231 23.18 5.41 -20.06
CA SER C 231 24.45 5.54 -20.78
C SER C 231 24.37 4.82 -22.12
N LEU C 232 25.32 5.12 -23.01
CA LEU C 232 25.29 4.60 -24.38
C LEU C 232 25.51 3.08 -24.45
N SER C 233 26.27 2.54 -23.50
CA SER C 233 26.52 1.11 -23.42
C SER C 233 25.28 0.35 -22.98
N GLU C 234 24.46 0.99 -22.15
CA GLU C 234 23.20 0.41 -21.70
C GLU C 234 22.18 0.35 -22.83
N ARG C 235 22.15 1.41 -23.64
CA ARG C 235 21.22 1.50 -24.78
C ARG C 235 21.52 0.42 -25.81
N VAL C 236 22.82 0.23 -26.09
CA VAL C 236 23.29 -0.82 -27.00
C VAL C 236 22.94 -2.20 -26.42
N ALA C 237 23.09 -2.35 -25.11
CA ALA C 237 22.77 -3.62 -24.42
C ALA C 237 21.30 -4.01 -24.55
N ILE C 238 20.40 -3.03 -24.44
CA ILE C 238 18.96 -3.25 -24.65
C ILE C 238 18.69 -3.77 -26.06
N ILE C 239 19.29 -3.13 -27.06
CA ILE C 239 19.16 -3.54 -28.46
C ILE C 239 19.59 -5.00 -28.66
N LYS C 240 20.64 -5.42 -27.96
CA LYS C 240 21.17 -6.79 -28.06
C LYS C 240 20.48 -7.77 -27.11
N GLY C 241 19.68 -7.25 -26.19
CA GLY C 241 18.97 -8.08 -25.21
C GLY C 241 19.85 -8.59 -24.09
N THR C 242 20.94 -7.85 -23.81
CA THR C 242 21.87 -8.22 -22.74
C THR C 242 21.89 -7.19 -21.61
N TYR C 243 20.81 -6.42 -21.49
CA TYR C 243 20.70 -5.38 -20.47
C TYR C 243 20.26 -5.94 -19.11
N GLU C 244 21.01 -5.57 -18.07
CA GLU C 244 20.69 -5.98 -16.69
C GLU C 244 20.35 -4.76 -15.78
N PRO C 245 19.14 -4.74 -15.21
CA PRO C 245 18.74 -3.65 -14.31
C PRO C 245 19.06 -3.98 -12.85
N LYS D 2 -20.76 14.75 16.61
CA LYS D 2 -21.05 15.96 17.45
C LYS D 2 -22.48 16.48 17.20
N LYS D 3 -23.46 15.61 17.48
CA LYS D 3 -24.90 15.81 17.17
C LYS D 3 -25.16 15.86 15.66
N GLU D 4 -25.52 14.70 15.11
CA GLU D 4 -25.52 14.44 13.65
C GLU D 4 -26.18 15.51 12.80
N VAL D 5 -27.42 15.86 13.14
CA VAL D 5 -28.24 16.78 12.34
C VAL D 5 -27.73 18.21 12.34
N CYS D 6 -26.89 18.55 13.32
CA CYS D 6 -26.40 19.91 13.50
C CYS D 6 -25.04 20.17 12.87
N SER D 7 -24.36 19.10 12.44
CA SER D 7 -23.01 19.22 11.88
C SER D 7 -23.00 19.83 10.48
N VAL D 8 -21.90 20.52 10.15
CA VAL D 8 -21.68 21.05 8.80
C VAL D 8 -21.65 19.91 7.78
N ALA D 9 -21.02 18.80 8.14
CA ALA D 9 -20.99 17.59 7.32
C ALA D 9 -22.38 17.16 6.87
N PHE D 10 -23.31 17.10 7.81
CA PHE D 10 -24.69 16.66 7.53
C PHE D 10 -25.40 17.59 6.54
N LEU D 11 -25.17 18.89 6.70
CA LEU D 11 -25.75 19.91 5.82
C LEU D 11 -25.27 19.76 4.38
N LYS D 12 -23.96 19.54 4.22
CA LYS D 12 -23.35 19.30 2.93
C LYS D 12 -23.92 18.05 2.28
N ALA D 13 -24.03 17.00 3.09
CA ALA D 13 -24.57 15.71 2.66
C ALA D 13 -25.97 15.86 2.05
N VAL D 14 -26.85 16.56 2.76
CA VAL D 14 -28.23 16.77 2.31
C VAL D 14 -28.27 17.62 1.03
N PHE D 15 -27.44 18.66 0.98
CA PHE D 15 -27.28 19.47 -0.22
C PHE D 15 -26.81 18.65 -1.44
N ALA D 16 -25.85 17.76 -1.21
CA ALA D 16 -25.29 16.92 -2.27
C ALA D 16 -26.32 15.94 -2.83
N GLU D 17 -27.16 15.40 -1.94
CA GLU D 17 -28.25 14.51 -2.37
C GLU D 17 -29.32 15.28 -3.15
N PHE D 18 -29.56 16.53 -2.75
CA PHE D 18 -30.45 17.42 -3.48
C PHE D 18 -29.87 17.72 -4.87
N LEU D 19 -28.61 18.12 -4.91
CA LEU D 19 -27.93 18.47 -6.15
C LEU D 19 -27.73 17.29 -7.10
N ALA D 20 -27.37 16.13 -6.57
CA ALA D 20 -27.14 14.95 -7.40
C ALA D 20 -28.43 14.50 -8.07
N THR D 21 -29.53 14.49 -7.32
CA THR D 21 -30.82 14.10 -7.88
C THR D 21 -31.32 15.10 -8.94
N LEU D 22 -31.11 16.39 -8.68
CA LEU D 22 -31.43 17.44 -9.66
C LEU D 22 -30.74 17.17 -10.99
N ILE D 23 -29.41 17.06 -10.95
CA ILE D 23 -28.60 16.82 -12.13
C ILE D 23 -28.94 15.47 -12.78
N PHE D 24 -29.06 14.43 -11.98
CA PHE D 24 -29.44 13.12 -12.50
C PHE D 24 -30.74 13.19 -13.29
N VAL D 25 -31.79 13.72 -12.66
CA VAL D 25 -33.11 13.76 -13.29
C VAL D 25 -33.10 14.64 -14.55
N PHE D 26 -32.44 15.80 -14.47
CA PHE D 26 -32.28 16.66 -15.64
C PHE D 26 -31.66 15.93 -16.84
N PHE D 27 -30.56 15.20 -16.60
CA PHE D 27 -29.86 14.49 -17.67
C PHE D 27 -30.65 13.29 -18.16
N GLY D 28 -31.18 12.52 -17.21
CA GLY D 28 -31.96 11.33 -17.52
C GLY D 28 -33.12 11.65 -18.43
N LEU D 29 -33.99 12.55 -17.98
CA LEU D 29 -35.18 12.92 -18.74
C LEU D 29 -34.80 13.58 -20.07
N GLY D 30 -33.82 14.49 -20.02
CA GLY D 30 -33.39 15.24 -21.20
C GLY D 30 -32.86 14.37 -22.32
N SER D 31 -32.33 13.20 -21.97
CA SER D 31 -31.79 12.28 -22.97
C SER D 31 -32.88 11.42 -23.62
N ALA D 32 -34.05 11.38 -22.99
CA ALA D 32 -35.12 10.44 -23.34
C ALA D 32 -36.31 11.07 -24.06
N LEU D 33 -36.26 12.38 -24.27
CA LEU D 33 -37.32 13.11 -24.97
C LEU D 33 -37.38 12.69 -26.44
N LYS D 34 -38.53 12.86 -27.08
CA LYS D 34 -38.69 12.49 -28.49
C LYS D 34 -38.16 13.60 -29.39
N TRP D 35 -36.86 13.86 -29.28
CA TRP D 35 -36.20 14.84 -30.13
C TRP D 35 -36.45 14.55 -31.60
N PRO D 36 -37.11 15.49 -32.31
CA PRO D 36 -37.46 15.25 -33.72
C PRO D 36 -36.25 15.13 -34.65
N SER D 37 -35.15 15.83 -34.32
CA SER D 37 -33.92 15.75 -35.12
C SER D 37 -33.39 14.32 -35.21
N ALA D 38 -33.37 13.62 -34.05
CA ALA D 38 -32.91 12.25 -33.95
C ALA D 38 -33.54 11.60 -32.72
N LEU D 39 -34.50 10.70 -32.94
CA LEU D 39 -35.14 10.01 -31.84
C LEU D 39 -34.11 9.15 -31.09
N PRO D 40 -33.92 9.43 -29.77
CA PRO D 40 -33.05 8.64 -28.92
C PRO D 40 -33.38 7.14 -28.95
N THR D 41 -32.35 6.31 -29.07
CA THR D 41 -32.50 4.86 -29.07
C THR D 41 -32.42 4.30 -27.65
N ILE D 42 -32.80 3.03 -27.49
CA ILE D 42 -32.77 2.35 -26.21
C ILE D 42 -31.39 2.43 -25.56
N LEU D 43 -30.37 1.96 -26.26
CA LEU D 43 -29.00 1.97 -25.74
C LEU D 43 -28.55 3.39 -25.36
N GLN D 44 -28.90 4.35 -26.21
CA GLN D 44 -28.56 5.74 -25.99
C GLN D 44 -29.13 6.27 -24.67
N ILE D 45 -30.42 6.02 -24.42
CA ILE D 45 -31.08 6.43 -23.19
C ILE D 45 -30.45 5.71 -21.99
N ALA D 46 -30.31 4.39 -22.12
CA ALA D 46 -29.75 3.54 -21.05
C ALA D 46 -28.37 4.01 -20.59
N LEU D 47 -27.51 4.37 -21.54
CA LEU D 47 -26.18 4.88 -21.21
C LEU D 47 -26.21 6.26 -20.56
N ALA D 48 -27.15 7.10 -20.97
CA ALA D 48 -27.28 8.44 -20.36
C ALA D 48 -27.62 8.37 -18.87
N PHE D 49 -28.55 7.47 -18.52
CA PHE D 49 -28.95 7.29 -17.13
C PHE D 49 -27.82 6.72 -16.29
N GLY D 50 -27.13 5.73 -16.85
CA GLY D 50 -26.01 5.06 -16.18
C GLY D 50 -24.78 5.93 -16.00
N LEU D 51 -24.41 6.65 -17.05
CA LEU D 51 -23.29 7.58 -16.98
C LEU D 51 -23.56 8.76 -16.06
N ALA D 52 -24.81 9.22 -16.01
CA ALA D 52 -25.23 10.24 -15.06
C ALA D 52 -24.97 9.76 -13.63
N ILE D 53 -25.53 8.62 -13.26
CA ILE D 53 -25.30 8.02 -11.94
C ILE D 53 -23.81 7.80 -11.68
N GLY D 54 -23.10 7.26 -12.68
CA GLY D 54 -21.67 6.99 -12.58
C GLY D 54 -20.82 8.23 -12.36
N THR D 55 -21.18 9.33 -13.02
CA THR D 55 -20.49 10.60 -12.88
C THR D 55 -20.78 11.21 -11.51
N LEU D 56 -22.04 11.14 -11.10
CA LEU D 56 -22.47 11.73 -9.83
C LEU D 56 -22.00 10.95 -8.61
N ALA D 57 -21.88 9.63 -8.75
CA ALA D 57 -21.31 8.80 -7.69
C ALA D 57 -19.86 9.21 -7.45
N GLN D 58 -19.11 9.34 -8.55
CA GLN D 58 -17.71 9.76 -8.51
C GLN D 58 -17.54 11.16 -7.92
N ALA D 59 -18.45 12.07 -8.26
CA ALA D 59 -18.31 13.48 -7.93
C ALA D 59 -18.86 13.85 -6.54
N LEU D 60 -20.05 13.38 -6.20
CA LEU D 60 -20.73 13.81 -4.98
C LEU D 60 -20.82 12.75 -3.89
N GLY D 61 -20.54 11.50 -4.26
CA GLY D 61 -20.52 10.37 -3.32
C GLY D 61 -19.66 10.55 -2.07
N PRO D 62 -18.45 11.11 -2.22
CA PRO D 62 -17.62 11.41 -1.03
C PRO D 62 -18.29 12.35 -0.02
N VAL D 63 -19.26 13.15 -0.47
CA VAL D 63 -19.95 14.10 0.40
C VAL D 63 -21.10 13.47 1.21
N SER D 64 -21.88 12.61 0.56
CA SER D 64 -23.13 12.11 1.15
C SER D 64 -23.34 10.59 1.09
N GLY D 65 -22.47 9.91 0.35
CA GLY D 65 -22.66 8.48 0.06
C GLY D 65 -23.26 8.30 -1.32
N GLY D 66 -23.79 9.39 -1.87
CA GLY D 66 -24.36 9.42 -3.22
C GLY D 66 -25.43 8.37 -3.46
N HIS D 67 -26.53 8.46 -2.73
CA HIS D 67 -27.65 7.55 -2.92
C HIS D 67 -28.44 7.91 -4.16
N ILE D 68 -28.78 9.19 -4.29
CA ILE D 68 -29.48 9.73 -5.46
C ILE D 68 -30.80 8.97 -5.76
N ASN D 69 -31.31 8.27 -4.76
CA ASN D 69 -32.39 7.32 -4.93
C ASN D 69 -33.04 6.97 -3.59
N PRO D 70 -34.33 7.32 -3.40
CA PRO D 70 -35.03 6.99 -2.15
C PRO D 70 -35.10 5.49 -1.86
N ALA D 71 -35.20 4.66 -2.90
CA ALA D 71 -35.25 3.21 -2.71
C ALA D 71 -33.96 2.70 -2.06
N ILE D 72 -32.83 3.24 -2.49
CA ILE D 72 -31.52 2.87 -1.95
C ILE D 72 -31.35 3.38 -0.51
N THR D 73 -31.75 4.63 -0.29
CA THR D 73 -31.70 5.26 1.03
C THR D 73 -32.50 4.45 2.06
N LEU D 74 -33.71 4.03 1.70
CA LEU D 74 -34.57 3.24 2.60
C LEU D 74 -34.02 1.84 2.85
N ALA D 75 -33.42 1.26 1.81
CA ALA D 75 -32.75 -0.04 1.91
C ALA D 75 -31.60 0.00 2.91
N LEU D 76 -30.81 1.07 2.88
CA LEU D 76 -29.67 1.23 3.78
C LEU D 76 -30.11 1.46 5.23
N LEU D 77 -31.28 2.08 5.41
CA LEU D 77 -31.92 2.19 6.72
C LEU D 77 -32.26 0.79 7.25
N VAL D 78 -33.05 0.04 6.49
CA VAL D 78 -33.45 -1.32 6.87
C VAL D 78 -32.24 -2.22 7.18
N GLY D 79 -31.16 -2.07 6.41
CA GLY D 79 -29.94 -2.84 6.62
C GLY D 79 -29.05 -2.34 7.74
N ASN D 80 -29.54 -1.35 8.48
CA ASN D 80 -28.87 -0.81 9.69
C ASN D 80 -27.54 -0.11 9.38
N GLN D 81 -27.53 0.67 8.31
CA GLN D 81 -26.33 1.35 7.82
C GLN D 81 -26.39 2.87 8.01
N ILE D 82 -27.60 3.43 8.00
CA ILE D 82 -27.78 4.88 8.24
C ILE D 82 -28.83 5.13 9.33
N SER D 83 -28.85 6.34 9.85
CA SER D 83 -29.84 6.73 10.85
C SER D 83 -31.19 7.10 10.23
N LEU D 84 -32.24 7.05 11.05
CA LEU D 84 -33.60 7.41 10.61
C LEU D 84 -33.68 8.85 10.10
N LEU D 85 -33.02 9.77 10.80
CA LEU D 85 -33.03 11.17 10.41
C LEU D 85 -32.26 11.46 9.13
N ARG D 86 -31.14 10.76 8.92
CA ARG D 86 -30.42 10.82 7.65
C ARG D 86 -31.31 10.32 6.49
N ALA D 87 -32.08 9.27 6.76
CA ALA D 87 -33.03 8.74 5.77
C ALA D 87 -34.09 9.77 5.38
N PHE D 88 -34.81 10.30 6.38
CA PHE D 88 -35.86 11.29 6.14
C PHE D 88 -35.35 12.49 5.34
N PHE D 89 -34.25 13.09 5.78
CA PHE D 89 -33.67 14.24 5.09
C PHE D 89 -33.17 13.92 3.67
N TYR D 90 -32.51 12.79 3.49
CA TYR D 90 -32.04 12.35 2.18
C TYR D 90 -33.21 12.16 1.20
N VAL D 91 -34.22 11.41 1.63
CA VAL D 91 -35.42 11.18 0.82
C VAL D 91 -36.08 12.51 0.43
N ALA D 92 -36.30 13.37 1.42
CA ALA D 92 -36.83 14.72 1.19
C ALA D 92 -35.99 15.50 0.19
N ALA D 93 -34.67 15.46 0.37
CA ALA D 93 -33.72 16.13 -0.56
C ALA D 93 -33.75 15.53 -1.97
N GLN D 94 -33.94 14.22 -2.03
CA GLN D 94 -34.04 13.52 -3.32
C GLN D 94 -35.31 13.87 -4.08
N LEU D 95 -36.45 13.86 -3.39
CA LEU D 95 -37.72 14.22 -4.02
C LEU D 95 -37.77 15.67 -4.50
N VAL D 96 -37.32 16.59 -3.66
CA VAL D 96 -37.26 18.02 -4.02
C VAL D 96 -36.29 18.26 -5.18
N GLY D 97 -35.18 17.54 -5.18
CA GLY D 97 -34.18 17.63 -6.24
C GLY D 97 -34.70 17.17 -7.58
N ALA D 98 -35.42 16.05 -7.58
CA ALA D 98 -36.01 15.49 -8.79
C ALA D 98 -36.99 16.47 -9.45
N ILE D 99 -37.77 17.16 -8.61
CA ILE D 99 -38.72 18.16 -9.07
C ILE D 99 -37.99 19.37 -9.66
N ALA D 100 -36.90 19.78 -9.01
CA ALA D 100 -36.08 20.88 -9.47
C ALA D 100 -35.46 20.60 -10.84
N GLY D 101 -34.88 19.39 -11.00
CA GLY D 101 -34.26 18.97 -12.25
C GLY D 101 -35.24 18.88 -13.41
N ALA D 102 -36.36 18.21 -13.16
CA ALA D 102 -37.46 18.10 -14.13
C ALA D 102 -38.03 19.48 -14.48
N GLY D 103 -38.12 20.36 -13.47
CA GLY D 103 -38.54 21.73 -13.68
C GLY D 103 -37.57 22.53 -14.51
N ILE D 104 -36.27 22.37 -14.26
CA ILE D 104 -35.24 23.06 -15.02
C ILE D 104 -35.27 22.62 -16.49
N LEU D 105 -35.47 21.32 -16.72
CA LEU D 105 -35.60 20.77 -18.07
C LEU D 105 -36.79 21.37 -18.82
N TYR D 106 -37.94 21.43 -18.14
CA TYR D 106 -39.15 22.04 -18.70
C TYR D 106 -38.89 23.46 -19.24
N GLY D 107 -38.15 24.25 -18.46
CA GLY D 107 -37.83 25.62 -18.82
C GLY D 107 -36.86 25.79 -19.98
N VAL D 108 -36.10 24.75 -20.31
CA VAL D 108 -35.09 24.86 -21.38
C VAL D 108 -35.44 24.09 -22.67
N ALA D 109 -36.24 23.04 -22.56
CA ALA D 109 -36.55 22.19 -23.71
C ALA D 109 -37.54 22.85 -24.68
N PRO D 110 -37.30 22.73 -26.00
CA PRO D 110 -38.23 23.25 -26.99
C PRO D 110 -39.56 22.50 -26.97
N LEU D 111 -40.61 23.16 -27.47
CA LEU D 111 -41.98 22.65 -27.45
C LEU D 111 -42.14 21.35 -28.22
N ASN D 112 -41.45 21.25 -29.36
CA ASN D 112 -41.51 20.06 -30.20
C ASN D 112 -40.79 18.84 -29.61
N ALA D 113 -40.02 19.06 -28.56
CA ALA D 113 -39.28 18.00 -27.88
C ALA D 113 -39.82 17.68 -26.48
N ARG D 114 -40.57 18.62 -25.90
CA ARG D 114 -41.08 18.49 -24.53
C ARG D 114 -41.87 17.20 -24.28
N GLY D 115 -42.95 16.99 -25.04
CA GLY D 115 -43.80 15.81 -24.90
C GLY D 115 -44.37 15.67 -23.50
N ASN D 116 -44.25 14.46 -22.94
CA ASN D 116 -44.66 14.19 -21.55
C ASN D 116 -43.52 14.28 -20.52
N LEU D 117 -42.39 14.84 -20.98
CA LEU D 117 -41.19 15.04 -20.16
C LEU D 117 -40.60 13.73 -19.60
N ALA D 118 -40.73 12.66 -20.40
CA ALA D 118 -40.16 11.34 -20.09
C ALA D 118 -40.59 10.76 -18.74
N VAL D 119 -41.87 10.93 -18.41
CA VAL D 119 -42.46 10.25 -17.27
C VAL D 119 -42.37 8.75 -17.50
N ASN D 120 -42.37 7.98 -16.41
CA ASN D 120 -42.51 6.53 -16.52
C ASN D 120 -43.91 6.16 -16.99
N ALA D 121 -44.00 5.09 -17.76
CA ALA D 121 -45.27 4.60 -18.29
C ALA D 121 -45.14 3.15 -18.70
N LEU D 122 -46.16 2.36 -18.36
CA LEU D 122 -46.23 0.96 -18.75
C LEU D 122 -46.29 0.75 -20.27
N ASN D 123 -45.79 -0.40 -20.71
CA ASN D 123 -46.14 -0.94 -22.02
C ASN D 123 -47.65 -1.19 -22.04
N ASN D 124 -48.32 -0.84 -23.13
CA ASN D 124 -49.76 -1.03 -23.24
C ASN D 124 -50.21 -2.51 -23.17
N ASN D 125 -49.24 -3.43 -23.08
CA ASN D 125 -49.51 -4.86 -22.91
C ASN D 125 -48.92 -5.48 -21.64
N THR D 126 -48.20 -4.67 -20.85
CA THR D 126 -47.70 -5.08 -19.55
C THR D 126 -48.73 -4.70 -18.48
N THR D 127 -49.04 -5.65 -17.61
CA THR D 127 -49.94 -5.37 -16.49
C THR D 127 -49.16 -4.73 -15.34
N GLN D 128 -49.89 -4.13 -14.41
CA GLN D 128 -49.28 -3.55 -13.20
C GLN D 128 -48.55 -4.61 -12.36
N GLY D 129 -49.08 -5.83 -12.36
CA GLY D 129 -48.48 -6.94 -11.61
C GLY D 129 -47.15 -7.40 -12.17
N GLN D 130 -47.08 -7.49 -13.50
CA GLN D 130 -45.86 -7.83 -14.22
C GLN D 130 -44.80 -6.75 -14.05
N ALA D 131 -45.23 -5.49 -14.22
CA ALA D 131 -44.37 -4.33 -14.07
C ALA D 131 -43.74 -4.29 -12.68
N MET D 132 -44.55 -4.66 -11.69
CA MET D 132 -44.15 -4.71 -10.28
C MET D 132 -42.95 -5.63 -10.05
N VAL D 133 -43.06 -6.87 -10.54
CA VAL D 133 -42.00 -7.86 -10.41
C VAL D 133 -40.73 -7.43 -11.16
N VAL D 134 -40.90 -6.86 -12.35
CA VAL D 134 -39.79 -6.36 -13.14
C VAL D 134 -38.99 -5.28 -12.40
N GLU D 135 -39.69 -4.27 -11.87
CA GLU D 135 -39.05 -3.20 -11.11
C GLU D 135 -38.32 -3.70 -9.87
N LEU D 136 -38.90 -4.72 -9.22
CA LEU D 136 -38.28 -5.37 -8.08
C LEU D 136 -36.91 -5.94 -8.47
N ILE D 137 -36.88 -6.73 -9.54
CA ILE D 137 -35.64 -7.34 -10.04
C ILE D 137 -34.62 -6.27 -10.46
N LEU D 138 -35.07 -5.27 -11.22
CA LEU D 138 -34.20 -4.19 -11.69
C LEU D 138 -33.48 -3.47 -10.55
N THR D 139 -34.21 -3.11 -9.51
CA THR D 139 -33.66 -2.36 -8.38
C THR D 139 -32.85 -3.27 -7.46
N PHE D 140 -33.24 -4.53 -7.41
CA PHE D 140 -32.54 -5.55 -6.62
C PHE D 140 -31.08 -5.70 -7.06
N GLN D 141 -30.84 -5.96 -8.35
CA GLN D 141 -29.48 -6.12 -8.87
C GLN D 141 -28.65 -4.85 -8.66
N LEU D 142 -29.30 -3.69 -8.81
CA LEU D 142 -28.65 -2.41 -8.58
C LEU D 142 -28.20 -2.26 -7.12
N ALA D 143 -29.16 -2.38 -6.20
CA ALA D 143 -28.88 -2.30 -4.76
C ALA D 143 -27.75 -3.25 -4.37
N LEU D 144 -27.83 -4.48 -4.86
CA LEU D 144 -26.82 -5.50 -4.56
C LEU D 144 -25.44 -5.06 -5.06
N CYS D 145 -25.40 -4.47 -6.25
CA CYS D 145 -24.13 -3.98 -6.81
C CYS D 145 -23.60 -2.81 -5.97
N ILE D 146 -24.49 -1.94 -5.52
CA ILE D 146 -24.12 -0.80 -4.69
C ILE D 146 -23.51 -1.25 -3.36
N PHE D 147 -24.19 -2.16 -2.65
CA PHE D 147 -23.73 -2.63 -1.34
C PHE D 147 -22.39 -3.38 -1.42
N ALA D 148 -22.23 -4.18 -2.48
CA ALA D 148 -20.99 -4.90 -2.71
C ALA D 148 -19.82 -3.94 -3.02
N SER D 149 -20.10 -2.88 -3.78
CA SER D 149 -19.08 -1.97 -4.27
C SER D 149 -18.65 -0.90 -3.27
N THR D 150 -19.43 -0.71 -2.20
CA THR D 150 -19.12 0.31 -1.19
C THR D 150 -18.79 -0.28 0.18
N ASP D 151 -18.68 -1.61 0.24
CA ASP D 151 -18.39 -2.31 1.49
C ASP D 151 -16.91 -2.13 1.85
N SER D 152 -16.66 -1.53 3.01
CA SER D 152 -15.32 -1.26 3.51
C SER D 152 -14.56 -2.56 3.77
N ARG D 153 -15.29 -3.63 4.02
CA ARG D 153 -14.70 -4.93 4.37
C ARG D 153 -14.19 -5.70 3.14
N ARG D 154 -14.47 -5.16 1.94
CA ARG D 154 -14.10 -5.84 0.69
C ARG D 154 -12.58 -5.99 0.49
N THR D 155 -12.17 -7.22 0.17
CA THR D 155 -10.76 -7.53 -0.11
C THR D 155 -10.52 -7.84 -1.59
N GLU D 156 -11.59 -8.20 -2.30
CA GLU D 156 -11.56 -8.36 -3.76
C GLU D 156 -11.26 -7.02 -4.42
N PRO D 157 -10.42 -7.02 -5.47
CA PRO D 157 -10.17 -5.76 -6.19
C PRO D 157 -11.50 -5.12 -6.56
N VAL D 158 -11.68 -3.85 -6.19
CA VAL D 158 -12.98 -3.19 -6.36
C VAL D 158 -13.17 -2.55 -7.74
N GLY D 159 -12.06 -2.18 -8.39
CA GLY D 159 -12.10 -1.50 -9.68
C GLY D 159 -12.64 -0.10 -9.49
N SER D 160 -13.63 0.28 -10.30
CA SER D 160 -14.30 1.57 -10.11
C SER D 160 -15.71 1.33 -9.62
N PRO D 161 -15.99 1.63 -8.34
CA PRO D 161 -17.34 1.44 -7.84
C PRO D 161 -18.35 2.35 -8.56
N ALA D 162 -17.96 3.59 -8.86
CA ALA D 162 -18.83 4.55 -9.52
C ALA D 162 -19.29 4.08 -10.91
N LEU D 163 -18.35 3.59 -11.72
CA LEU D 163 -18.67 3.12 -13.06
C LEU D 163 -19.43 1.78 -13.04
N SER D 164 -19.09 0.92 -12.08
CA SER D 164 -19.81 -0.35 -11.89
C SER D 164 -21.27 -0.09 -11.55
N ILE D 165 -21.51 0.80 -10.58
CA ILE D 165 -22.87 1.18 -10.21
C ILE D 165 -23.55 1.86 -11.40
N GLY D 166 -22.81 2.73 -12.09
CA GLY D 166 -23.30 3.41 -13.28
C GLY D 166 -23.79 2.44 -14.32
N LEU D 167 -22.96 1.45 -14.64
CA LEU D 167 -23.28 0.50 -15.70
C LEU D 167 -24.37 -0.50 -15.28
N SER D 168 -24.53 -0.67 -13.97
CA SER D 168 -25.62 -1.47 -13.41
C SER D 168 -26.98 -0.77 -13.63
N VAL D 169 -26.98 0.57 -13.59
CA VAL D 169 -28.15 1.35 -13.95
C VAL D 169 -28.45 1.16 -15.44
N THR D 170 -27.42 1.32 -16.29
CA THR D 170 -27.55 1.07 -17.73
C THR D 170 -28.16 -0.31 -17.97
N LEU D 171 -27.66 -1.32 -17.28
CA LEU D 171 -28.20 -2.68 -17.37
C LEU D 171 -29.70 -2.71 -17.10
N GLY D 172 -30.12 -2.04 -16.03
CA GLY D 172 -31.53 -1.93 -15.68
C GLY D 172 -32.38 -1.38 -16.81
N HIS D 173 -31.92 -0.29 -17.41
CA HIS D 173 -32.64 0.36 -18.52
C HIS D 173 -32.75 -0.49 -19.79
N LEU D 174 -31.74 -1.31 -20.07
CA LEU D 174 -31.74 -2.15 -21.28
C LEU D 174 -32.86 -3.20 -21.31
N VAL D 175 -33.45 -3.49 -20.17
CA VAL D 175 -34.62 -4.35 -20.08
C VAL D 175 -35.82 -3.54 -19.61
N GLY D 176 -35.59 -2.64 -18.65
CA GLY D 176 -36.67 -1.92 -17.99
C GLY D 176 -37.49 -0.97 -18.84
N ILE D 177 -36.84 -0.31 -19.80
CA ILE D 177 -37.51 0.64 -20.69
C ILE D 177 -38.70 0.01 -21.43
N TYR D 178 -38.58 -1.27 -21.76
CA TYR D 178 -39.62 -2.00 -22.48
C TYR D 178 -40.85 -2.27 -21.63
N PHE D 179 -40.67 -2.27 -20.31
CA PHE D 179 -41.78 -2.58 -19.42
C PHE D 179 -42.43 -1.32 -18.83
N THR D 180 -41.62 -0.44 -18.26
CA THR D 180 -42.13 0.71 -17.52
C THR D 180 -41.45 2.02 -17.87
N GLY D 181 -40.60 1.99 -18.90
CA GLY D 181 -39.73 3.13 -19.20
C GLY D 181 -38.54 3.11 -18.26
N CYS D 182 -38.55 2.15 -17.33
CA CYS D 182 -37.55 1.96 -16.29
C CYS D 182 -37.53 3.05 -15.23
N SER D 183 -37.84 2.67 -14.00
CA SER D 183 -37.82 3.59 -12.87
C SER D 183 -36.57 3.36 -12.02
N MET D 184 -36.54 2.23 -11.32
CA MET D 184 -35.49 1.86 -10.34
C MET D 184 -35.30 2.89 -9.22
N ASN D 185 -36.10 3.94 -9.24
CA ASN D 185 -35.86 5.15 -8.47
C ASN D 185 -37.15 5.96 -8.36
N PRO D 186 -37.84 5.87 -7.20
CA PRO D 186 -39.12 6.57 -7.02
C PRO D 186 -39.03 8.08 -7.25
N ALA D 187 -37.88 8.69 -6.93
CA ALA D 187 -37.66 10.13 -7.19
C ALA D 187 -37.64 10.43 -8.68
N ARG D 188 -37.01 9.55 -9.46
CA ARG D 188 -36.98 9.68 -10.92
C ARG D 188 -38.39 9.62 -11.52
N SER D 189 -39.26 8.80 -10.95
CA SER D 189 -40.65 8.72 -11.38
C SER D 189 -41.47 9.92 -10.88
N PHE D 190 -41.16 10.39 -9.68
CA PHE D 190 -41.94 11.42 -9.01
C PHE D 190 -41.72 12.83 -9.59
N GLY D 191 -40.46 13.15 -9.91
CA GLY D 191 -40.08 14.46 -10.44
C GLY D 191 -40.88 14.96 -11.64
N PRO D 192 -40.81 14.24 -12.78
CA PRO D 192 -41.57 14.66 -13.97
C PRO D 192 -43.09 14.55 -13.79
N ALA D 193 -43.55 13.58 -13.01
CA ALA D 193 -44.98 13.43 -12.70
C ALA D 193 -45.55 14.67 -12.01
N VAL D 194 -44.76 15.25 -11.10
CA VAL D 194 -45.14 16.48 -10.41
C VAL D 194 -45.16 17.67 -11.38
N VAL D 195 -44.05 17.90 -12.09
CA VAL D 195 -43.93 19.05 -12.98
C VAL D 195 -45.00 19.04 -14.09
N MET D 196 -45.32 17.87 -14.62
CA MET D 196 -46.31 17.75 -15.68
C MET D 196 -47.74 17.52 -15.15
N ASN D 197 -47.87 17.38 -13.83
CA ASN D 197 -49.13 17.02 -13.19
C ASN D 197 -49.77 15.82 -13.89
N ARG D 198 -49.00 14.73 -13.94
CA ARG D 198 -49.36 13.57 -14.75
C ARG D 198 -49.04 12.27 -14.02
N PHE D 199 -50.02 11.78 -13.26
CA PHE D 199 -49.86 10.53 -12.51
C PHE D 199 -50.78 9.48 -13.13
N SER D 200 -50.18 8.46 -13.75
CA SER D 200 -50.96 7.35 -14.29
C SER D 200 -51.46 6.46 -13.15
N PRO D 201 -52.49 5.62 -13.41
CA PRO D 201 -52.93 4.67 -12.38
C PRO D 201 -51.81 3.77 -11.87
N ALA D 202 -50.83 3.45 -12.73
CA ALA D 202 -49.73 2.56 -12.36
C ALA D 202 -48.63 3.22 -11.50
N HIS D 203 -48.76 4.50 -11.18
CA HIS D 203 -47.73 5.24 -10.44
C HIS D 203 -47.19 4.54 -9.19
N TRP D 204 -48.06 3.80 -8.48
CA TRP D 204 -47.67 3.10 -7.26
C TRP D 204 -46.55 2.09 -7.50
N VAL D 205 -46.55 1.50 -8.70
CA VAL D 205 -45.55 0.50 -9.09
C VAL D 205 -44.13 1.07 -8.99
N PHE D 206 -43.97 2.32 -9.44
CA PHE D 206 -42.66 2.97 -9.45
C PHE D 206 -42.18 3.37 -8.05
N TRP D 207 -43.02 3.12 -7.04
CA TRP D 207 -42.65 3.32 -5.64
C TRP D 207 -42.42 1.97 -4.96
N VAL D 208 -43.44 1.12 -4.97
CA VAL D 208 -43.37 -0.17 -4.29
C VAL D 208 -42.33 -1.10 -4.92
N GLY D 209 -42.36 -1.22 -6.25
CA GLY D 209 -41.42 -2.06 -6.99
C GLY D 209 -39.97 -1.85 -6.60
N PRO D 210 -39.42 -0.64 -6.84
CA PRO D 210 -38.06 -0.31 -6.43
C PRO D 210 -37.75 -0.42 -4.93
N ILE D 211 -38.64 0.07 -4.06
CA ILE D 211 -38.39 0.00 -2.61
C ILE D 211 -38.29 -1.44 -2.11
N VAL D 212 -39.25 -2.29 -2.49
CA VAL D 212 -39.21 -3.70 -2.11
C VAL D 212 -37.94 -4.38 -2.66
N GLY D 213 -37.60 -4.08 -3.91
CA GLY D 213 -36.39 -4.63 -4.55
C GLY D 213 -35.10 -4.30 -3.84
N ALA D 214 -34.95 -3.02 -3.47
CA ALA D 214 -33.80 -2.55 -2.71
C ALA D 214 -33.76 -3.14 -1.29
N VAL D 215 -34.91 -3.14 -0.60
CA VAL D 215 -35.01 -3.67 0.76
C VAL D 215 -34.65 -5.17 0.83
N LEU D 216 -35.08 -5.95 -0.16
CA LEU D 216 -34.73 -7.37 -0.22
C LEU D 216 -33.24 -7.59 -0.43
N ALA D 217 -32.63 -6.72 -1.23
CA ALA D 217 -31.18 -6.76 -1.46
C ALA D 217 -30.40 -6.41 -0.19
N ALA D 218 -30.95 -5.48 0.60
CA ALA D 218 -30.32 -5.07 1.85
C ALA D 218 -30.39 -6.20 2.88
N ILE D 219 -31.58 -6.80 3.00
CA ILE D 219 -31.79 -7.93 3.92
C ILE D 219 -30.82 -9.06 3.58
N LEU D 220 -30.73 -9.40 2.28
CA LEU D 220 -29.82 -10.45 1.83
C LEU D 220 -28.35 -10.12 2.12
N TYR D 221 -27.93 -8.93 1.69
CA TYR D 221 -26.53 -8.54 1.78
C TYR D 221 -26.04 -8.36 3.22
N PHE D 222 -26.77 -7.58 4.01
CA PHE D 222 -26.32 -7.17 5.34
C PHE D 222 -26.68 -8.15 6.47
N TYR D 223 -27.69 -8.99 6.25
CA TYR D 223 -28.15 -9.89 7.31
C TYR D 223 -27.94 -11.36 6.99
N LEU D 224 -27.81 -11.70 5.71
CA LEU D 224 -27.61 -13.09 5.32
C LEU D 224 -26.19 -13.36 4.81
N LEU D 225 -25.75 -12.61 3.79
CA LEU D 225 -24.45 -12.87 3.17
C LEU D 225 -23.24 -12.36 3.96
N PHE D 226 -23.28 -11.08 4.34
CA PHE D 226 -22.16 -10.45 5.06
C PHE D 226 -22.63 -9.67 6.28
N PRO D 227 -23.09 -10.37 7.34
CA PRO D 227 -23.60 -9.71 8.54
C PRO D 227 -22.52 -8.95 9.33
N ASN D 228 -22.93 -7.98 10.12
CA ASN D 228 -22.03 -7.21 10.98
C ASN D 228 -22.04 -7.70 12.44
N SER D 229 -23.11 -8.39 12.81
CA SER D 229 -23.45 -8.72 14.21
C SER D 229 -23.90 -7.50 15.02
N LEU D 230 -22.98 -6.90 15.79
CA LEU D 230 -23.26 -5.73 16.64
C LEU D 230 -24.29 -6.01 17.75
N SER D 231 -24.09 -5.36 18.89
CA SER D 231 -25.04 -5.48 20.00
C SER D 231 -26.31 -4.71 19.67
N LEU D 232 -27.44 -5.17 20.22
CA LEU D 232 -28.75 -4.54 19.97
C LEU D 232 -28.82 -3.08 20.41
N SER D 233 -27.93 -2.67 21.30
CA SER D 233 -27.88 -1.27 21.72
C SER D 233 -27.11 -0.42 20.69
N GLU D 234 -26.11 -1.03 20.04
CA GLU D 234 -25.39 -0.38 18.94
C GLU D 234 -26.27 -0.22 17.71
N ARG D 235 -27.12 -1.20 17.44
CA ARG D 235 -28.08 -1.17 16.32
C ARG D 235 -29.07 -0.02 16.50
N VAL D 236 -29.59 0.08 17.73
CA VAL D 236 -30.50 1.16 18.11
C VAL D 236 -29.77 2.51 18.05
N ALA D 237 -28.50 2.52 18.43
CA ALA D 237 -27.65 3.71 18.35
C ALA D 237 -27.47 4.19 16.91
N ILE D 238 -27.38 3.26 15.96
CA ILE D 238 -27.30 3.58 14.54
C ILE D 238 -28.57 4.27 14.05
N ILE D 239 -29.73 3.69 14.38
CA ILE D 239 -31.04 4.26 14.04
C ILE D 239 -31.20 5.68 14.60
N LYS D 240 -30.80 5.88 15.86
CA LYS D 240 -30.95 7.17 16.54
C LYS D 240 -29.82 8.16 16.22
N GLY D 241 -28.80 7.69 15.51
CA GLY D 241 -27.70 8.54 15.04
C GLY D 241 -26.57 8.76 16.03
N THR D 242 -26.52 7.93 17.08
CA THR D 242 -25.58 8.13 18.18
C THR D 242 -24.48 7.06 18.25
N TYR D 243 -24.35 6.26 17.20
CA TYR D 243 -23.35 5.19 17.16
C TYR D 243 -21.94 5.71 16.94
N GLU D 244 -20.99 5.18 17.71
CA GLU D 244 -19.57 5.54 17.57
C GLU D 244 -18.71 4.31 17.32
N PRO D 245 -17.89 4.33 16.24
CA PRO D 245 -17.07 3.18 15.87
C PRO D 245 -15.75 3.12 16.65
N LYS E 2 21.64 -14.61 -17.47
CA LYS E 2 22.74 -14.59 -18.48
C LYS E 2 24.08 -14.95 -17.85
N LYS E 3 24.19 -16.21 -17.42
CA LYS E 3 25.35 -16.79 -16.72
C LYS E 3 25.64 -16.08 -15.39
N GLU E 4 25.19 -16.72 -14.31
CA GLU E 4 25.22 -16.16 -12.95
C GLU E 4 26.59 -15.62 -12.54
N VAL E 5 27.62 -16.46 -12.61
CA VAL E 5 28.98 -16.11 -12.18
C VAL E 5 29.62 -14.97 -13.00
N CYS E 6 29.09 -14.76 -14.21
CA CYS E 6 29.64 -13.76 -15.12
C CYS E 6 29.08 -12.35 -14.97
N SER E 7 27.99 -12.21 -14.21
CA SER E 7 27.34 -10.91 -14.03
C SER E 7 28.15 -9.93 -13.17
N VAL E 8 27.92 -8.64 -13.41
CA VAL E 8 28.48 -7.57 -12.58
C VAL E 8 27.83 -7.65 -11.19
N ALA E 9 26.53 -7.90 -11.16
CA ALA E 9 25.78 -8.08 -9.92
C ALA E 9 26.38 -9.16 -9.03
N PHE E 10 26.86 -10.24 -9.64
CA PHE E 10 27.49 -11.34 -8.90
C PHE E 10 28.85 -10.93 -8.33
N LEU E 11 29.61 -10.17 -9.10
CA LEU E 11 30.90 -9.66 -8.67
C LEU E 11 30.75 -8.69 -7.48
N LYS E 12 29.73 -7.83 -7.55
CA LYS E 12 29.38 -6.92 -6.45
C LYS E 12 29.04 -7.71 -5.19
N ALA E 13 28.23 -8.75 -5.37
CA ALA E 13 27.78 -9.62 -4.29
C ALA E 13 28.94 -10.25 -3.53
N VAL E 14 29.87 -10.85 -4.28
CA VAL E 14 31.04 -11.48 -3.68
C VAL E 14 31.91 -10.46 -2.94
N PHE E 15 32.14 -9.31 -3.57
CA PHE E 15 32.89 -8.22 -2.94
C PHE E 15 32.24 -7.73 -1.66
N ALA E 16 30.92 -7.57 -1.69
CA ALA E 16 30.14 -7.12 -0.53
C ALA E 16 30.28 -8.09 0.63
N GLU E 17 30.21 -9.39 0.33
CA GLU E 17 30.44 -10.42 1.34
C GLU E 17 31.85 -10.31 1.95
N PHE E 18 32.84 -10.03 1.10
CA PHE E 18 34.22 -9.80 1.54
C PHE E 18 34.31 -8.58 2.46
N LEU E 19 33.72 -7.48 2.01
CA LEU E 19 33.77 -6.21 2.73
C LEU E 19 33.00 -6.27 4.05
N ALA E 20 31.81 -6.86 4.02
CA ALA E 20 30.99 -7.01 5.21
C ALA E 20 31.72 -7.82 6.27
N THR E 21 32.29 -8.96 5.88
CA THR E 21 33.00 -9.81 6.85
C THR E 21 34.21 -9.11 7.44
N LEU E 22 34.98 -8.42 6.60
CA LEU E 22 36.09 -7.60 7.05
C LEU E 22 35.66 -6.61 8.13
N ILE E 23 34.64 -5.82 7.82
CA ILE E 23 34.14 -4.81 8.76
C ILE E 23 33.62 -5.47 10.05
N PHE E 24 32.79 -6.50 9.91
CA PHE E 24 32.24 -7.22 11.06
C PHE E 24 33.33 -7.72 12.00
N VAL E 25 34.33 -8.38 11.44
CA VAL E 25 35.41 -8.99 12.22
C VAL E 25 36.27 -7.93 12.91
N PHE E 26 36.54 -6.82 12.21
CA PHE E 26 37.25 -5.70 12.79
C PHE E 26 36.54 -5.14 14.02
N PHE E 27 35.24 -4.88 13.90
CA PHE E 27 34.44 -4.34 15.02
C PHE E 27 34.25 -5.33 16.15
N GLY E 28 33.93 -6.57 15.81
CA GLY E 28 33.73 -7.62 16.81
C GLY E 28 34.96 -7.85 17.68
N LEU E 29 36.07 -8.20 17.05
CA LEU E 29 37.31 -8.45 17.78
C LEU E 29 37.79 -7.19 18.50
N GLY E 30 37.70 -6.04 17.82
CA GLY E 30 38.15 -4.77 18.37
C GLY E 30 37.40 -4.36 19.63
N SER E 31 36.11 -4.68 19.68
CA SER E 31 35.28 -4.35 20.84
C SER E 31 35.56 -5.27 22.02
N ALA E 32 36.17 -6.43 21.73
CA ALA E 32 36.33 -7.50 22.72
C ALA E 32 37.73 -7.59 23.36
N LEU E 33 38.69 -6.85 22.82
CA LEU E 33 40.06 -6.80 23.38
C LEU E 33 40.07 -6.35 24.84
N LYS E 34 41.02 -6.87 25.62
CA LYS E 34 41.14 -6.49 27.04
C LYS E 34 41.81 -5.13 27.18
N TRP E 35 41.05 -4.09 26.84
CA TRP E 35 41.51 -2.71 27.02
C TRP E 35 41.69 -2.43 28.51
N PRO E 36 42.94 -2.17 28.95
CA PRO E 36 43.21 -1.99 30.38
C PRO E 36 42.47 -0.79 30.98
N SER E 37 42.33 0.30 30.23
CA SER E 37 41.64 1.49 30.74
C SER E 37 40.19 1.20 31.16
N ALA E 38 39.50 0.35 30.40
CA ALA E 38 38.14 -0.09 30.71
C ALA E 38 37.83 -1.42 30.03
N LEU E 39 37.91 -2.49 30.81
CA LEU E 39 37.65 -3.84 30.32
C LEU E 39 36.21 -3.97 29.82
N PRO E 40 36.03 -4.32 28.54
CA PRO E 40 34.70 -4.51 27.96
C PRO E 40 33.85 -5.51 28.73
N THR E 41 32.61 -5.11 29.03
CA THR E 41 31.67 -5.97 29.73
C THR E 41 30.99 -6.92 28.74
N ILE E 42 30.36 -7.97 29.26
CA ILE E 42 29.70 -8.98 28.42
C ILE E 42 28.65 -8.33 27.52
N LEU E 43 27.85 -7.45 28.11
CA LEU E 43 26.79 -6.77 27.38
C LEU E 43 27.37 -5.84 26.31
N GLN E 44 28.46 -5.16 26.66
CA GLN E 44 29.19 -4.29 25.74
C GLN E 44 29.62 -5.06 24.48
N ILE E 45 30.24 -6.22 24.67
CA ILE E 45 30.71 -7.07 23.57
C ILE E 45 29.55 -7.61 22.71
N ALA E 46 28.53 -8.13 23.38
CA ALA E 46 27.36 -8.69 22.69
C ALA E 46 26.67 -7.66 21.78
N LEU E 47 26.42 -6.47 22.30
CA LEU E 47 25.84 -5.39 21.50
C LEU E 47 26.73 -4.99 20.33
N ALA E 48 28.03 -4.90 20.56
CA ALA E 48 28.99 -4.57 19.50
C ALA E 48 28.94 -5.57 18.34
N PHE E 49 29.08 -6.86 18.65
CA PHE E 49 28.94 -7.90 17.63
C PHE E 49 27.57 -7.83 16.94
N GLY E 50 26.52 -7.71 17.75
CA GLY E 50 25.15 -7.64 17.24
C GLY E 50 24.85 -6.47 16.34
N LEU E 51 25.17 -5.26 16.81
CA LEU E 51 24.96 -4.03 16.04
C LEU E 51 25.78 -3.97 14.77
N ALA E 52 26.96 -4.61 14.78
CA ALA E 52 27.77 -4.75 13.57
C ALA E 52 27.01 -5.53 12.48
N ILE E 53 26.41 -6.66 12.85
CA ILE E 53 25.61 -7.45 11.91
C ILE E 53 24.36 -6.69 11.46
N GLY E 54 23.69 -6.04 12.41
CA GLY E 54 22.55 -5.16 12.11
C GLY E 54 22.89 -4.07 11.10
N THR E 55 23.99 -3.37 11.34
CA THR E 55 24.42 -2.27 10.49
C THR E 55 24.77 -2.75 9.08
N LEU E 56 25.55 -3.82 9.01
CA LEU E 56 26.03 -4.35 7.73
C LEU E 56 24.95 -5.06 6.93
N ALA E 57 24.02 -5.72 7.64
CA ALA E 57 22.84 -6.30 7.00
C ALA E 57 21.98 -5.22 6.34
N GLN E 58 21.82 -4.11 7.05
CA GLN E 58 21.08 -2.95 6.55
C GLN E 58 21.76 -2.30 5.34
N ALA E 59 23.09 -2.21 5.38
CA ALA E 59 23.86 -1.51 4.36
C ALA E 59 24.27 -2.37 3.16
N LEU E 60 24.80 -3.56 3.40
CA LEU E 60 25.34 -4.39 2.32
C LEU E 60 24.46 -5.59 1.93
N GLY E 61 23.46 -5.86 2.76
CA GLY E 61 22.50 -6.93 2.50
C GLY E 61 21.79 -6.82 1.16
N PRO E 62 21.33 -5.60 0.78
CA PRO E 62 20.72 -5.41 -0.52
C PRO E 62 21.61 -5.78 -1.71
N VAL E 63 22.92 -5.87 -1.49
CA VAL E 63 23.86 -6.18 -2.57
C VAL E 63 24.03 -7.69 -2.75
N SER E 64 24.22 -8.41 -1.65
CA SER E 64 24.65 -9.80 -1.69
C SER E 64 23.68 -10.79 -1.04
N GLY E 65 22.80 -10.28 -0.19
CA GLY E 65 22.03 -11.11 0.73
C GLY E 65 22.51 -10.89 2.15
N GLY E 66 23.76 -10.44 2.30
CA GLY E 66 24.36 -10.15 3.60
C GLY E 66 24.50 -11.35 4.50
N HIS E 67 25.17 -12.39 4.01
CA HIS E 67 25.38 -13.63 4.75
C HIS E 67 26.41 -13.45 5.86
N ILE E 68 27.60 -12.95 5.47
CA ILE E 68 28.68 -12.60 6.40
C ILE E 68 29.07 -13.75 7.34
N ASN E 69 28.70 -14.97 6.95
CA ASN E 69 28.79 -16.15 7.80
C ASN E 69 28.70 -17.42 6.95
N PRO E 70 29.79 -18.20 6.87
CA PRO E 70 29.83 -19.45 6.13
C PRO E 70 28.74 -20.43 6.52
N ALA E 71 28.38 -20.45 7.81
CA ALA E 71 27.33 -21.34 8.31
C ALA E 71 25.98 -21.01 7.68
N ILE E 72 25.67 -19.72 7.57
CA ILE E 72 24.41 -19.27 6.99
C ILE E 72 24.35 -19.58 5.49
N THR E 73 25.44 -19.27 4.78
CA THR E 73 25.58 -19.53 3.35
C THR E 73 25.40 -21.02 3.00
N LEU E 74 26.10 -21.89 3.74
CA LEU E 74 25.98 -23.33 3.53
C LEU E 74 24.59 -23.85 3.91
N ALA E 75 23.99 -23.24 4.93
CA ALA E 75 22.61 -23.56 5.31
C ALA E 75 21.65 -23.20 4.18
N LEU E 76 21.85 -22.02 3.58
CA LEU E 76 21.01 -21.56 2.48
C LEU E 76 21.16 -22.42 1.23
N LEU E 77 22.34 -23.03 1.06
CA LEU E 77 22.57 -23.97 -0.02
C LEU E 77 21.76 -25.24 0.22
N VAL E 78 21.96 -25.84 1.39
CA VAL E 78 21.22 -27.05 1.79
C VAL E 78 19.72 -26.83 1.63
N GLY E 79 19.22 -25.69 2.12
CA GLY E 79 17.80 -25.33 2.01
C GLY E 79 17.33 -24.96 0.61
N ASN E 80 18.20 -25.18 -0.38
CA ASN E 80 17.89 -24.96 -1.80
C ASN E 80 17.53 -23.51 -2.15
N GLN E 81 18.26 -22.57 -1.57
CA GLN E 81 17.96 -21.15 -1.71
C GLN E 81 18.97 -20.41 -2.60
N ILE E 82 20.16 -20.97 -2.71
CA ILE E 82 21.22 -20.39 -3.52
C ILE E 82 21.94 -21.45 -4.35
N SER E 83 22.77 -21.01 -5.29
CA SER E 83 23.56 -21.90 -6.13
C SER E 83 24.81 -22.38 -5.42
N LEU E 84 25.35 -23.50 -5.88
CA LEU E 84 26.61 -24.06 -5.37
C LEU E 84 27.77 -23.10 -5.59
N LEU E 85 27.81 -22.44 -6.75
CA LEU E 85 28.90 -21.51 -7.06
C LEU E 85 28.84 -20.25 -6.20
N ARG E 86 27.64 -19.70 -6.00
CA ARG E 86 27.46 -18.58 -5.09
C ARG E 86 27.94 -18.94 -3.68
N ALA E 87 27.55 -20.13 -3.22
CA ALA E 87 27.97 -20.64 -1.91
C ALA E 87 29.50 -20.67 -1.78
N PHE E 88 30.15 -21.25 -2.79
CA PHE E 88 31.61 -21.36 -2.84
C PHE E 88 32.31 -19.99 -2.79
N PHE E 89 31.90 -19.08 -3.66
CA PHE E 89 32.53 -17.76 -3.73
C PHE E 89 32.26 -16.89 -2.50
N TYR E 90 31.08 -17.07 -1.91
CA TYR E 90 30.69 -16.38 -0.66
C TYR E 90 31.56 -16.84 0.51
N VAL E 91 31.65 -18.15 0.72
CA VAL E 91 32.44 -18.71 1.82
C VAL E 91 33.90 -18.26 1.71
N ALA E 92 34.44 -18.33 0.49
CA ALA E 92 35.81 -17.91 0.21
C ALA E 92 36.02 -16.44 0.56
N ALA E 93 35.12 -15.58 0.09
CA ALA E 93 35.19 -14.13 0.35
C ALA E 93 35.06 -13.80 1.84
N GLN E 94 34.20 -14.53 2.54
CA GLN E 94 34.01 -14.35 3.97
C GLN E 94 35.27 -14.70 4.75
N LEU E 95 35.90 -15.82 4.38
CA LEU E 95 37.15 -16.26 5.02
C LEU E 95 38.29 -15.28 4.80
N VAL E 96 38.46 -14.83 3.56
CA VAL E 96 39.48 -13.83 3.21
C VAL E 96 39.21 -12.49 3.91
N GLY E 97 37.93 -12.10 3.92
CA GLY E 97 37.50 -10.88 4.61
C GLY E 97 37.81 -10.90 6.09
N ALA E 98 37.49 -12.02 6.74
CA ALA E 98 37.76 -12.21 8.17
C ALA E 98 39.25 -12.10 8.50
N ILE E 99 40.09 -12.69 7.65
CA ILE E 99 41.55 -12.59 7.82
C ILE E 99 42.00 -11.14 7.69
N ALA E 100 41.49 -10.44 6.67
CA ALA E 100 41.84 -9.05 6.44
C ALA E 100 41.40 -8.15 7.58
N GLY E 101 40.15 -8.36 8.04
CA GLY E 101 39.60 -7.61 9.17
C GLY E 101 40.43 -7.77 10.42
N ALA E 102 40.71 -9.02 10.78
CA ALA E 102 41.59 -9.33 11.91
C ALA E 102 43.00 -8.75 11.72
N GLY E 103 43.50 -8.81 10.49
CA GLY E 103 44.82 -8.25 10.13
C GLY E 103 44.90 -6.75 10.32
N ILE E 104 43.88 -6.04 9.85
CA ILE E 104 43.76 -4.60 10.05
C ILE E 104 43.75 -4.24 11.55
N LEU E 105 42.97 -4.98 12.34
CA LEU E 105 42.92 -4.74 13.78
C LEU E 105 44.29 -4.93 14.44
N TYR E 106 45.01 -5.98 14.04
CA TYR E 106 46.39 -6.20 14.46
C TYR E 106 47.27 -4.98 14.21
N GLY E 107 47.10 -4.36 13.05
CA GLY E 107 47.87 -3.18 12.67
C GLY E 107 47.59 -1.91 13.45
N VAL E 108 46.39 -1.79 14.01
CA VAL E 108 46.00 -0.56 14.71
C VAL E 108 46.01 -0.64 16.24
N ALA E 109 45.86 -1.85 16.77
CA ALA E 109 45.71 -2.04 18.23
C ALA E 109 47.03 -1.90 18.98
N PRO E 110 47.01 -1.21 20.14
CA PRO E 110 48.23 -1.08 20.94
C PRO E 110 48.66 -2.41 21.56
N LEU E 111 49.94 -2.54 21.84
CA LEU E 111 50.51 -3.77 22.41
C LEU E 111 49.81 -4.23 23.70
N ASN E 112 49.37 -3.28 24.53
CA ASN E 112 48.73 -3.62 25.81
C ASN E 112 47.27 -4.12 25.70
N ALA E 113 46.71 -4.05 24.50
CA ALA E 113 45.33 -4.44 24.25
C ALA E 113 45.23 -5.62 23.27
N ARG E 114 46.30 -5.85 22.51
CA ARG E 114 46.32 -6.88 21.48
C ARG E 114 45.95 -8.27 21.99
N GLY E 115 46.65 -8.71 23.04
CA GLY E 115 46.39 -10.01 23.66
C GLY E 115 46.45 -11.15 22.66
N ASN E 116 45.40 -11.96 22.64
CA ASN E 116 45.25 -13.05 21.68
C ASN E 116 44.52 -12.64 20.41
N LEU E 117 44.31 -11.33 20.23
CA LEU E 117 43.43 -10.80 19.18
C LEU E 117 42.01 -11.37 19.25
N ALA E 118 41.53 -11.65 20.47
CA ALA E 118 40.16 -12.12 20.74
C ALA E 118 39.73 -13.39 19.99
N VAL E 119 40.66 -14.32 19.82
CA VAL E 119 40.34 -15.63 19.27
C VAL E 119 39.32 -16.33 20.17
N ASN E 120 38.49 -17.20 19.61
CA ASN E 120 37.61 -18.01 20.42
C ASN E 120 38.44 -18.96 21.27
N ALA E 121 37.94 -19.27 22.47
CA ALA E 121 38.65 -20.14 23.39
C ALA E 121 37.65 -20.91 24.23
N LEU E 122 37.92 -22.20 24.42
CA LEU E 122 37.03 -23.04 25.19
C LEU E 122 37.23 -22.81 26.69
N ASN E 123 36.12 -22.63 27.41
CA ASN E 123 36.12 -22.60 28.88
C ASN E 123 36.76 -23.89 29.41
N ASN E 124 37.70 -23.76 30.34
CA ASN E 124 38.40 -24.91 30.93
C ASN E 124 37.48 -25.88 31.67
N ASN E 125 36.30 -25.38 32.05
CA ASN E 125 35.30 -26.18 32.77
C ASN E 125 34.27 -26.79 31.83
N THR E 126 34.52 -26.69 30.53
CA THR E 126 33.61 -27.15 29.49
C THR E 126 34.32 -28.13 28.56
N THR E 127 33.66 -29.24 28.26
CA THR E 127 34.18 -30.21 27.29
C THR E 127 33.83 -29.76 25.87
N GLN E 128 34.56 -30.29 24.90
CA GLN E 128 34.31 -29.98 23.50
C GLN E 128 32.87 -30.33 23.08
N GLY E 129 32.38 -31.48 23.55
CA GLY E 129 31.03 -31.94 23.26
C GLY E 129 29.96 -30.98 23.76
N GLN E 130 30.17 -30.45 24.96
CA GLN E 130 29.27 -29.47 25.55
C GLN E 130 29.29 -28.14 24.78
N ALA E 131 30.47 -27.70 24.39
CA ALA E 131 30.64 -26.47 23.61
C ALA E 131 29.91 -26.56 22.28
N MET E 132 29.99 -27.73 21.65
CA MET E 132 29.41 -27.98 20.35
C MET E 132 27.88 -27.92 20.35
N VAL E 133 27.26 -28.49 21.38
CA VAL E 133 25.81 -28.38 21.56
C VAL E 133 25.42 -26.89 21.72
N VAL E 134 26.18 -26.16 22.53
CA VAL E 134 25.97 -24.73 22.73
C VAL E 134 26.10 -23.96 21.41
N GLU E 135 27.17 -24.20 20.65
CA GLU E 135 27.36 -23.52 19.37
C GLU E 135 26.26 -23.87 18.37
N LEU E 136 25.84 -25.13 18.38
CA LEU E 136 24.72 -25.60 17.55
C LEU E 136 23.47 -24.77 17.84
N ILE E 137 23.10 -24.69 19.12
CA ILE E 137 21.91 -23.95 19.55
C ILE E 137 21.98 -22.44 19.23
N LEU E 138 23.11 -21.80 19.53
CA LEU E 138 23.27 -20.37 19.27
C LEU E 138 23.08 -20.03 17.79
N THR E 139 23.61 -20.87 16.90
CA THR E 139 23.50 -20.62 15.46
C THR E 139 22.14 -21.03 14.90
N PHE E 140 21.52 -22.03 15.53
CA PHE E 140 20.17 -22.45 15.18
C PHE E 140 19.17 -21.30 15.34
N GLN E 141 19.22 -20.60 16.47
CA GLN E 141 18.27 -19.51 16.71
C GLN E 141 18.52 -18.34 15.76
N LEU E 142 19.79 -18.04 15.49
CA LEU E 142 20.18 -17.03 14.52
C LEU E 142 19.68 -17.37 13.11
N ALA E 143 20.03 -18.56 12.63
CA ALA E 143 19.63 -19.02 11.31
C ALA E 143 18.11 -18.93 11.13
N LEU E 144 17.38 -19.39 12.15
CA LEU E 144 15.92 -19.38 12.14
C LEU E 144 15.37 -17.96 11.99
N CYS E 145 15.93 -17.04 12.78
CA CYS E 145 15.53 -15.64 12.71
C CYS E 145 15.81 -15.03 11.34
N ILE E 146 16.98 -15.33 10.78
CA ILE E 146 17.31 -14.88 9.42
C ILE E 146 16.28 -15.38 8.39
N PHE E 147 16.03 -16.68 8.36
CA PHE E 147 15.16 -17.27 7.33
C PHE E 147 13.75 -16.70 7.41
N ALA E 148 13.24 -16.53 8.63
CA ALA E 148 11.93 -15.92 8.86
C ALA E 148 11.87 -14.45 8.41
N SER E 149 12.93 -13.69 8.69
CA SER E 149 12.98 -12.25 8.43
C SER E 149 13.21 -11.91 6.96
N THR E 150 13.82 -12.83 6.22
CA THR E 150 14.14 -12.59 4.81
C THR E 150 13.21 -13.34 3.85
N ASP E 151 12.19 -14.00 4.40
CA ASP E 151 11.22 -14.75 3.59
C ASP E 151 10.25 -13.79 2.93
N SER E 152 10.23 -13.79 1.60
CA SER E 152 9.38 -12.86 0.84
C SER E 152 7.89 -13.19 0.94
N ARG E 153 7.55 -14.41 1.37
CA ARG E 153 6.17 -14.85 1.49
C ARG E 153 5.51 -14.44 2.81
N ARG E 154 6.25 -13.72 3.65
CA ARG E 154 5.77 -13.33 4.98
C ARG E 154 4.68 -12.25 4.94
N THR E 155 3.52 -12.57 5.52
CA THR E 155 2.41 -11.61 5.64
C THR E 155 2.42 -10.88 6.98
N GLU E 156 2.96 -11.54 8.00
CA GLU E 156 3.24 -10.91 9.30
C GLU E 156 4.08 -9.66 9.15
N PRO E 157 3.76 -8.59 9.92
CA PRO E 157 4.63 -7.40 9.92
C PRO E 157 6.07 -7.80 10.28
N VAL E 158 7.01 -7.44 9.42
CA VAL E 158 8.40 -7.92 9.54
C VAL E 158 9.26 -6.99 10.38
N GLY E 159 8.85 -5.72 10.48
CA GLY E 159 9.57 -4.72 11.27
C GLY E 159 10.91 -4.37 10.63
N SER E 160 11.98 -4.54 11.39
CA SER E 160 13.33 -4.36 10.86
C SER E 160 14.07 -5.69 10.85
N PRO E 161 14.16 -6.33 9.67
CA PRO E 161 14.88 -7.60 9.61
C PRO E 161 16.32 -7.43 10.04
N ALA E 162 16.97 -6.35 9.60
CA ALA E 162 18.35 -6.07 9.95
C ALA E 162 18.58 -5.97 11.46
N LEU E 163 17.68 -5.27 12.15
CA LEU E 163 17.79 -5.10 13.59
C LEU E 163 17.36 -6.34 14.36
N SER E 164 16.37 -7.07 13.84
CA SER E 164 15.99 -8.34 14.42
C SER E 164 17.16 -9.33 14.35
N ILE E 165 17.78 -9.43 13.17
CA ILE E 165 18.90 -10.35 12.96
C ILE E 165 20.09 -9.95 13.84
N GLY E 166 20.40 -8.65 13.86
CA GLY E 166 21.48 -8.12 14.67
C GLY E 166 21.31 -8.43 16.15
N LEU E 167 20.09 -8.28 16.64
CA LEU E 167 19.82 -8.50 18.06
C LEU E 167 19.86 -9.97 18.47
N SER E 168 19.63 -10.84 17.50
CA SER E 168 19.75 -12.28 17.69
C SER E 168 21.21 -12.72 17.84
N VAL E 169 22.12 -12.00 17.16
CA VAL E 169 23.55 -12.16 17.37
C VAL E 169 23.94 -11.75 18.80
N THR E 170 23.49 -10.56 19.22
CA THR E 170 23.65 -10.09 20.60
C THR E 170 23.19 -11.14 21.61
N LEU E 171 22.00 -11.70 21.37
CA LEU E 171 21.47 -12.80 22.18
C LEU E 171 22.44 -13.98 22.22
N GLY E 172 22.92 -14.42 21.06
CA GLY E 172 23.87 -15.52 20.98
C GLY E 172 25.06 -15.28 21.89
N HIS E 173 25.60 -14.06 21.84
CA HIS E 173 26.77 -13.70 22.64
C HIS E 173 26.53 -13.65 24.15
N LEU E 174 25.34 -13.22 24.56
CA LEU E 174 25.00 -13.12 25.98
C LEU E 174 25.02 -14.45 26.73
N VAL E 175 25.03 -15.56 25.97
CA VAL E 175 25.23 -16.89 26.55
C VAL E 175 26.55 -17.52 26.06
N GLY E 176 26.80 -17.42 24.76
CA GLY E 176 27.96 -18.07 24.13
C GLY E 176 29.33 -17.64 24.61
N ILE E 177 29.50 -16.35 24.92
CA ILE E 177 30.77 -15.81 25.41
C ILE E 177 31.33 -16.63 26.58
N TYR E 178 30.44 -17.08 27.46
CA TYR E 178 30.81 -17.86 28.64
C TYR E 178 31.33 -19.27 28.34
N PHE E 179 30.93 -19.85 27.21
CA PHE E 179 31.35 -21.21 26.84
C PHE E 179 32.56 -21.24 25.90
N THR E 180 32.51 -20.44 24.83
CA THR E 180 33.53 -20.48 23.78
C THR E 180 34.09 -19.11 23.40
N GLY E 181 33.59 -18.05 24.04
CA GLY E 181 33.84 -16.69 23.58
C GLY E 181 32.83 -16.32 22.51
N CYS E 182 32.00 -17.31 22.15
CA CYS E 182 30.91 -17.18 21.16
C CYS E 182 31.44 -17.12 19.72
N SER E 183 31.28 -18.23 19.00
CA SER E 183 31.64 -18.27 17.59
C SER E 183 30.46 -17.93 16.68
N MET E 184 29.47 -18.84 16.61
CA MET E 184 28.31 -18.72 15.72
C MET E 184 28.68 -18.57 14.24
N ASN E 185 29.97 -18.64 13.94
CA ASN E 185 30.50 -18.14 12.69
C ASN E 185 31.94 -18.64 12.47
N PRO E 186 32.11 -19.60 11.56
CA PRO E 186 33.43 -20.18 11.27
C PRO E 186 34.46 -19.13 10.81
N ALA E 187 34.01 -18.14 10.04
CA ALA E 187 34.90 -17.07 9.58
C ALA E 187 35.42 -16.21 10.74
N ARG E 188 34.53 -15.88 11.68
CA ARG E 188 34.89 -15.10 12.87
C ARG E 188 35.94 -15.82 13.73
N SER E 189 35.94 -17.14 13.70
CA SER E 189 36.93 -17.93 14.41
C SER E 189 38.23 -18.10 13.62
N PHE E 190 38.09 -18.27 12.31
CA PHE E 190 39.23 -18.48 11.41
C PHE E 190 40.11 -17.23 11.31
N GLY E 191 39.49 -16.07 11.08
CA GLY E 191 40.18 -14.79 10.93
C GLY E 191 41.33 -14.53 11.90
N PRO E 192 41.04 -14.35 13.19
CA PRO E 192 42.10 -14.11 14.18
C PRO E 192 43.04 -15.30 14.40
N ALA E 193 42.55 -16.53 14.24
CA ALA E 193 43.39 -17.73 14.37
C ALA E 193 44.51 -17.76 13.35
N VAL E 194 44.22 -17.33 12.12
CA VAL E 194 45.19 -17.26 11.04
C VAL E 194 46.21 -16.17 11.29
N VAL E 195 45.73 -14.96 11.58
CA VAL E 195 46.59 -13.79 11.79
C VAL E 195 47.55 -14.04 12.96
N MET E 196 47.06 -14.68 14.01
CA MET E 196 47.87 -14.97 15.19
C MET E 196 48.65 -16.27 15.08
N ASN E 197 48.40 -17.04 14.02
CA ASN E 197 49.02 -18.35 13.82
C ASN E 197 48.77 -19.25 15.05
N ARG E 198 47.51 -19.32 15.46
CA ARG E 198 47.14 -19.96 16.72
C ARG E 198 45.75 -20.60 16.65
N PHE E 199 45.74 -21.92 16.50
CA PHE E 199 44.51 -22.70 16.44
C PHE E 199 44.43 -23.59 17.67
N SER E 200 43.35 -23.47 18.44
CA SER E 200 43.17 -24.26 19.65
C SER E 200 42.76 -25.70 19.33
N PRO E 201 42.92 -26.61 20.31
CA PRO E 201 42.51 -28.01 20.09
C PRO E 201 41.03 -28.13 19.73
N ALA E 202 40.21 -27.17 20.19
CA ALA E 202 38.76 -27.22 19.99
C ALA E 202 38.28 -26.46 18.75
N HIS E 203 39.20 -26.08 17.86
CA HIS E 203 38.85 -25.29 16.68
C HIS E 203 37.73 -25.87 15.80
N TRP E 204 37.68 -27.19 15.69
CA TRP E 204 36.65 -27.88 14.88
C TRP E 204 35.22 -27.61 15.38
N VAL E 205 35.09 -27.38 16.69
CA VAL E 205 33.82 -27.02 17.32
C VAL E 205 33.27 -25.74 16.68
N PHE E 206 34.15 -24.76 16.45
CA PHE E 206 33.77 -23.47 15.87
C PHE E 206 33.36 -23.56 14.40
N TRP E 207 33.59 -24.72 13.80
CA TRP E 207 33.13 -25.03 12.45
C TRP E 207 31.87 -25.89 12.49
N VAL E 208 32.01 -27.09 13.06
CA VAL E 208 30.95 -28.10 13.05
C VAL E 208 29.70 -27.63 13.80
N GLY E 209 29.91 -27.01 14.96
CA GLY E 209 28.81 -26.48 15.77
C GLY E 209 27.90 -25.53 14.99
N PRO E 210 28.43 -24.35 14.59
CA PRO E 210 27.67 -23.39 13.78
C PRO E 210 27.08 -23.95 12.49
N ILE E 211 27.84 -24.76 11.76
CA ILE E 211 27.34 -25.32 10.49
C ILE E 211 26.14 -26.25 10.72
N VAL E 212 26.28 -27.21 11.64
CA VAL E 212 25.19 -28.15 11.95
C VAL E 212 23.95 -27.41 12.47
N GLY E 213 24.15 -26.45 13.36
CA GLY E 213 23.07 -25.62 13.89
C GLY E 213 22.28 -24.91 12.80
N ALA E 214 22.99 -24.26 11.89
CA ALA E 214 22.36 -23.52 10.79
C ALA E 214 21.70 -24.46 9.77
N VAL E 215 22.36 -25.58 9.46
CA VAL E 215 21.81 -26.54 8.51
C VAL E 215 20.49 -27.12 9.05
N LEU E 216 20.48 -27.56 10.30
CA LEU E 216 19.25 -28.07 10.93
C LEU E 216 18.10 -27.09 10.85
N ALA E 217 18.37 -25.80 11.10
CA ALA E 217 17.37 -24.75 11.00
C ALA E 217 16.85 -24.58 9.57
N ALA E 218 17.76 -24.74 8.60
CA ALA E 218 17.40 -24.68 7.19
C ALA E 218 16.46 -25.81 6.80
N ILE E 219 16.76 -27.02 7.30
CA ILE E 219 15.92 -28.18 7.04
C ILE E 219 14.54 -27.99 7.66
N LEU E 220 14.52 -27.52 8.91
CA LEU E 220 13.26 -27.23 9.60
C LEU E 220 12.42 -26.16 8.89
N TYR E 221 13.06 -25.06 8.50
CA TYR E 221 12.36 -23.93 7.90
C TYR E 221 11.89 -24.18 6.47
N PHE E 222 12.82 -24.59 5.62
CA PHE E 222 12.56 -24.70 4.18
C PHE E 222 11.91 -26.01 3.74
N TYR E 223 11.99 -27.05 4.56
CA TYR E 223 11.40 -28.35 4.18
C TYR E 223 10.29 -28.85 5.08
N LEU E 224 10.21 -28.33 6.31
CA LEU E 224 9.17 -28.78 7.25
C LEU E 224 8.12 -27.71 7.56
N LEU E 225 8.55 -26.53 7.96
CA LEU E 225 7.62 -25.48 8.40
C LEU E 225 6.98 -24.72 7.24
N PHE E 226 7.81 -24.19 6.34
CA PHE E 226 7.32 -23.40 5.21
C PHE E 226 7.95 -23.89 3.91
N PRO E 227 7.57 -25.10 3.46
CA PRO E 227 8.19 -25.59 2.23
C PRO E 227 7.65 -24.86 1.02
N ASN E 228 8.39 -24.94 -0.08
CA ASN E 228 7.87 -24.54 -1.37
C ASN E 228 7.86 -25.75 -2.30
N SER E 229 7.65 -25.51 -3.58
CA SER E 229 7.74 -26.52 -4.63
C SER E 229 7.29 -25.81 -5.90
N LEU E 230 7.92 -26.05 -7.05
CA LEU E 230 9.27 -26.62 -7.24
C LEU E 230 9.38 -28.12 -7.49
N SER E 231 9.54 -28.43 -8.78
CA SER E 231 9.83 -29.78 -9.26
C SER E 231 11.31 -30.07 -9.06
N LEU E 232 11.66 -31.36 -9.14
CA LEU E 232 13.03 -31.82 -8.92
C LEU E 232 14.06 -31.19 -9.88
N SER E 233 13.62 -30.89 -11.11
CA SER E 233 14.52 -30.25 -12.08
C SER E 233 14.72 -28.77 -11.79
N GLU E 234 13.76 -28.16 -11.10
CA GLU E 234 13.88 -26.76 -10.65
C GLU E 234 14.85 -26.66 -9.48
N ARG E 235 14.79 -27.65 -8.59
CA ARG E 235 15.72 -27.77 -7.47
C ARG E 235 17.16 -27.83 -7.98
N VAL E 236 17.36 -28.59 -9.05
CA VAL E 236 18.67 -28.76 -9.67
C VAL E 236 19.09 -27.47 -10.39
N ALA E 237 18.13 -26.78 -11.00
CA ALA E 237 18.40 -25.50 -11.65
C ALA E 237 18.87 -24.44 -10.66
N ILE E 238 18.33 -24.48 -9.44
CA ILE E 238 18.75 -23.60 -8.35
C ILE E 238 20.19 -23.89 -7.92
N ILE E 239 20.53 -25.17 -7.76
CA ILE E 239 21.91 -25.57 -7.44
C ILE E 239 22.86 -25.16 -8.56
N LYS E 240 22.42 -25.35 -9.81
CA LYS E 240 23.25 -25.04 -10.98
C LYS E 240 23.28 -23.55 -11.33
N GLY E 241 22.43 -22.76 -10.68
CA GLY E 241 22.39 -21.31 -10.90
C GLY E 241 21.70 -20.89 -12.19
N THR E 242 20.90 -21.78 -12.76
CA THR E 242 20.23 -21.54 -14.04
C THR E 242 18.72 -21.37 -13.90
N TYR E 243 18.24 -21.27 -12.67
CA TYR E 243 16.81 -21.19 -12.39
C TYR E 243 16.17 -19.83 -12.77
N GLU E 244 15.06 -19.89 -13.51
CA GLU E 244 14.28 -18.71 -13.88
C GLU E 244 12.91 -18.72 -13.17
N PRO E 245 12.68 -17.76 -12.24
CA PRO E 245 11.45 -17.68 -11.44
C PRO E 245 10.17 -17.61 -12.28
N LYS F 2 -20.00 13.47 19.02
CA LYS F 2 -21.33 13.56 19.70
C LYS F 2 -21.16 14.01 21.15
N LYS F 3 -20.71 15.26 21.32
CA LYS F 3 -20.29 15.83 22.62
C LYS F 3 -19.07 15.14 23.22
N GLU F 4 -17.89 15.71 22.95
CA GLU F 4 -16.59 15.12 23.28
C GLU F 4 -16.51 14.48 24.66
N VAL F 5 -16.78 15.26 25.71
CA VAL F 5 -16.65 14.81 27.09
C VAL F 5 -17.70 13.75 27.49
N CYS F 6 -18.76 13.64 26.70
CA CYS F 6 -19.81 12.67 26.98
C CYS F 6 -19.57 11.30 26.34
N SER F 7 -18.67 11.23 25.35
CA SER F 7 -18.45 10.01 24.58
C SER F 7 -17.75 8.91 25.37
N VAL F 8 -18.01 7.66 24.98
CA VAL F 8 -17.36 6.49 25.57
C VAL F 8 -15.88 6.47 25.20
N ALA F 9 -15.54 7.07 24.05
CA ALA F 9 -14.16 7.19 23.61
C ALA F 9 -13.34 8.07 24.57
N PHE F 10 -13.93 9.19 25.00
CA PHE F 10 -13.27 10.14 25.88
C PHE F 10 -13.04 9.57 27.28
N LEU F 11 -13.99 8.76 27.73
CA LEU F 11 -13.89 8.08 29.02
C LEU F 11 -12.73 7.07 28.97
N LYS F 12 -12.72 6.24 27.93
CA LYS F 12 -11.67 5.25 27.70
C LYS F 12 -10.30 5.91 27.63
N ALA F 13 -10.24 7.07 26.97
CA ALA F 13 -9.01 7.83 26.84
C ALA F 13 -8.47 8.31 28.19
N VAL F 14 -9.36 8.90 29.00
CA VAL F 14 -8.99 9.45 30.30
C VAL F 14 -8.48 8.32 31.20
N PHE F 15 -9.21 7.22 31.22
CA PHE F 15 -8.79 6.02 31.94
C PHE F 15 -7.39 5.56 31.52
N ALA F 16 -7.17 5.50 30.20
CA ALA F 16 -5.90 5.05 29.64
C ALA F 16 -4.72 5.90 30.13
N GLU F 17 -4.90 7.22 30.18
CA GLU F 17 -3.86 8.12 30.68
C GLU F 17 -3.59 7.90 32.16
N PHE F 18 -4.65 7.65 32.92
CA PHE F 18 -4.53 7.27 34.33
C PHE F 18 -3.71 5.99 34.48
N LEU F 19 -4.15 4.93 33.79
CA LEU F 19 -3.50 3.62 33.87
C LEU F 19 -2.07 3.62 33.31
N ALA F 20 -1.87 4.30 32.18
CA ALA F 20 -0.54 4.40 31.57
C ALA F 20 0.45 5.06 32.52
N THR F 21 0.03 6.16 33.14
CA THR F 21 0.89 6.91 34.06
C THR F 21 1.15 6.13 35.35
N LEU F 22 0.13 5.42 35.85
CA LEU F 22 0.28 4.55 37.00
C LEU F 22 1.40 3.53 36.78
N ILE F 23 1.31 2.78 35.68
CA ILE F 23 2.31 1.79 35.30
C ILE F 23 3.69 2.44 35.09
N PHE F 24 3.75 3.49 34.27
CA PHE F 24 4.99 4.21 34.01
C PHE F 24 5.73 4.55 35.30
N VAL F 25 5.01 5.16 36.25
CA VAL F 25 5.61 5.63 37.49
C VAL F 25 6.05 4.44 38.35
N PHE F 26 5.21 3.41 38.40
CA PHE F 26 5.54 2.19 39.14
C PHE F 26 6.86 1.58 38.66
N PHE F 27 7.02 1.48 37.33
CA PHE F 27 8.21 0.87 36.75
C PHE F 27 9.44 1.78 36.86
N GLY F 28 9.25 3.05 36.52
CA GLY F 28 10.33 4.02 36.55
C GLY F 28 10.97 4.08 37.93
N LEU F 29 10.14 4.33 38.94
CA LEU F 29 10.60 4.41 40.31
C LEU F 29 11.15 3.08 40.82
N GLY F 30 10.44 1.98 40.52
CA GLY F 30 10.83 0.64 40.96
C GLY F 30 12.23 0.23 40.54
N SER F 31 12.59 0.64 39.31
CA SER F 31 13.89 0.32 38.73
C SER F 31 15.02 1.20 39.26
N ALA F 32 14.65 2.34 39.87
CA ALA F 32 15.64 3.33 40.32
C ALA F 32 15.92 3.29 41.83
N LEU F 33 15.21 2.42 42.56
CA LEU F 33 15.44 2.26 44.00
C LEU F 33 16.86 1.77 44.30
N LYS F 34 17.37 2.13 45.48
CA LYS F 34 18.70 1.69 45.90
C LYS F 34 18.67 0.25 46.44
N TRP F 35 18.42 -0.71 45.54
CA TRP F 35 18.44 -2.12 45.87
C TRP F 35 19.84 -2.53 46.32
N PRO F 36 19.97 -3.02 47.57
CA PRO F 36 21.30 -3.37 48.08
C PRO F 36 21.94 -4.61 47.42
N SER F 37 21.14 -5.51 46.85
CA SER F 37 21.67 -6.69 46.15
C SER F 37 22.50 -6.29 44.91
N ALA F 38 21.98 -5.33 44.16
CA ALA F 38 22.63 -4.81 42.96
C ALA F 38 22.13 -3.39 42.73
N LEU F 39 22.98 -2.42 42.99
CA LEU F 39 22.61 -1.01 42.83
C LEU F 39 22.46 -0.67 41.35
N PRO F 40 21.25 -0.22 40.95
CA PRO F 40 20.95 0.16 39.57
C PRO F 40 21.96 1.15 38.99
N THR F 41 22.44 0.85 37.79
CA THR F 41 23.36 1.73 37.07
C THR F 41 22.57 2.77 36.28
N ILE F 42 23.26 3.81 35.81
CA ILE F 42 22.63 4.86 35.00
C ILE F 42 21.94 4.26 33.77
N LEU F 43 22.66 3.43 33.02
CA LEU F 43 22.10 2.85 31.80
C LEU F 43 20.91 1.95 32.10
N GLN F 44 20.99 1.22 33.21
CA GLN F 44 19.92 0.36 33.70
C GLN F 44 18.62 1.15 33.92
N ILE F 45 18.72 2.25 34.64
CA ILE F 45 17.59 3.13 34.97
C ILE F 45 17.05 3.81 33.70
N ALA F 46 17.96 4.37 32.91
CA ALA F 46 17.59 5.08 31.67
C ALA F 46 16.76 4.20 30.71
N LEU F 47 17.18 2.95 30.54
CA LEU F 47 16.44 2.02 29.68
C LEU F 47 15.08 1.65 30.26
N ALA F 48 15.03 1.42 31.58
CA ALA F 48 13.77 1.10 32.25
C ALA F 48 12.70 2.18 32.03
N PHE F 49 13.08 3.44 32.23
CA PHE F 49 12.18 4.56 32.01
C PHE F 49 11.74 4.64 30.56
N GLY F 50 12.71 4.54 29.64
CA GLY F 50 12.46 4.57 28.20
C GLY F 50 11.60 3.43 27.68
N LEU F 51 11.86 2.22 28.16
CA LEU F 51 11.08 1.05 27.72
C LEU F 51 9.68 1.04 28.30
N ALA F 52 9.52 1.60 29.51
CA ALA F 52 8.19 1.81 30.07
C ALA F 52 7.34 2.65 29.12
N ILE F 53 7.87 3.80 28.71
CA ILE F 53 7.16 4.69 27.78
C ILE F 53 6.86 4.01 26.44
N GLY F 54 7.89 3.42 25.83
CA GLY F 54 7.77 2.73 24.54
C GLY F 54 6.74 1.61 24.54
N THR F 55 6.69 0.86 25.64
CA THR F 55 5.70 -0.20 25.81
C THR F 55 4.29 0.40 25.89
N LEU F 56 4.14 1.43 26.73
CA LEU F 56 2.83 2.04 26.99
C LEU F 56 2.30 2.85 25.82
N ALA F 57 3.19 3.51 25.10
CA ALA F 57 2.83 4.17 23.84
C ALA F 57 2.29 3.15 22.84
N GLN F 58 2.97 2.00 22.74
CA GLN F 58 2.54 0.91 21.88
C GLN F 58 1.17 0.34 22.31
N ALA F 59 1.00 0.17 23.62
CA ALA F 59 -0.15 -0.54 24.17
C ALA F 59 -1.40 0.32 24.35
N LEU F 60 -1.23 1.57 24.79
CA LEU F 60 -2.38 2.41 25.15
C LEU F 60 -2.50 3.71 24.35
N GLY F 61 -1.47 4.00 23.54
CA GLY F 61 -1.50 5.16 22.65
C GLY F 61 -2.69 5.23 21.70
N PRO F 62 -3.10 4.08 21.11
CA PRO F 62 -4.29 4.10 20.25
C PRO F 62 -5.59 4.43 20.99
N VAL F 63 -5.55 4.43 22.33
CA VAL F 63 -6.74 4.71 23.13
C VAL F 63 -6.86 6.21 23.46
N SER F 64 -5.72 6.88 23.66
CA SER F 64 -5.72 8.25 24.18
C SER F 64 -4.71 9.22 23.54
N GLY F 65 -3.82 8.70 22.71
CA GLY F 65 -2.71 9.50 22.19
C GLY F 65 -1.42 9.20 22.92
N GLY F 66 -1.53 8.55 24.08
CA GLY F 66 -0.38 8.11 24.88
C GLY F 66 0.51 9.24 25.38
N HIS F 67 -0.12 10.27 25.97
CA HIS F 67 0.59 11.45 26.44
C HIS F 67 1.46 11.14 27.65
N ILE F 68 0.84 10.60 28.70
CA ILE F 68 1.52 10.13 29.92
C ILE F 68 2.39 11.22 30.59
N ASN F 69 2.14 12.48 30.25
CA ASN F 69 3.03 13.57 30.60
C ASN F 69 2.35 14.95 30.47
N PRO F 70 2.05 15.60 31.63
CA PRO F 70 1.43 16.92 31.64
C PRO F 70 2.15 17.94 30.75
N ALA F 71 3.48 17.89 30.71
CA ALA F 71 4.26 18.75 29.83
C ALA F 71 3.87 18.53 28.36
N ILE F 72 3.77 17.26 27.95
CA ILE F 72 3.39 16.92 26.58
C ILE F 72 1.95 17.31 26.26
N THR F 73 1.04 17.00 27.18
CA THR F 73 -0.38 17.34 27.05
C THR F 73 -0.60 18.85 26.87
N LEU F 74 0.00 19.64 27.75
CA LEU F 74 -0.10 21.10 27.69
C LEU F 74 0.49 21.66 26.39
N ALA F 75 1.61 21.09 25.95
CA ALA F 75 2.26 21.47 24.70
C ALA F 75 1.35 21.21 23.49
N LEU F 76 0.60 20.12 23.53
CA LEU F 76 -0.34 19.80 22.48
C LEU F 76 -1.56 20.73 22.45
N LEU F 77 -1.94 21.24 23.62
CA LEU F 77 -2.97 22.27 23.74
C LEU F 77 -2.52 23.58 23.06
N VAL F 78 -1.35 24.08 23.43
CA VAL F 78 -0.76 25.29 22.84
C VAL F 78 -0.54 25.13 21.34
N GLY F 79 -0.18 23.92 20.91
CA GLY F 79 0.03 23.64 19.49
C GLY F 79 -1.26 23.50 18.71
N ASN F 80 -2.38 23.64 19.42
CA ASN F 80 -3.74 23.55 18.85
C ASN F 80 -4.05 22.16 18.29
N GLN F 81 -3.66 21.14 19.05
CA GLN F 81 -3.82 19.75 18.67
C GLN F 81 -4.89 19.03 19.50
N ILE F 82 -5.20 19.58 20.67
CA ILE F 82 -6.23 19.02 21.56
C ILE F 82 -7.10 20.13 22.18
N SER F 83 -8.26 19.74 22.70
CA SER F 83 -9.18 20.68 23.34
C SER F 83 -8.76 20.98 24.79
N LEU F 84 -9.25 22.11 25.30
CA LEU F 84 -8.99 22.53 26.67
C LEU F 84 -9.49 21.50 27.70
N LEU F 85 -10.68 20.96 27.47
CA LEU F 85 -11.25 19.95 28.35
C LEU F 85 -10.50 18.61 28.31
N ARG F 86 -10.03 18.22 27.13
CA ARG F 86 -9.18 17.02 27.02
C ARG F 86 -7.90 17.24 27.81
N ALA F 87 -7.29 18.41 27.65
CA ALA F 87 -6.07 18.78 28.38
C ALA F 87 -6.26 18.69 29.88
N PHE F 88 -7.37 19.28 30.36
CA PHE F 88 -7.66 19.32 31.79
C PHE F 88 -7.82 17.92 32.38
N PHE F 89 -8.64 17.09 31.74
CA PHE F 89 -8.88 15.73 32.21
C PHE F 89 -7.61 14.86 32.13
N TYR F 90 -6.85 15.04 31.05
CA TYR F 90 -5.60 14.28 30.84
C TYR F 90 -4.60 14.58 31.94
N VAL F 91 -4.35 15.87 32.19
CA VAL F 91 -3.44 16.29 33.26
C VAL F 91 -3.88 15.74 34.62
N ALA F 92 -5.18 15.84 34.90
CA ALA F 92 -5.75 15.31 36.14
C ALA F 92 -5.53 13.81 36.29
N ALA F 93 -5.83 13.04 35.25
CA ALA F 93 -5.67 11.59 35.26
C ALA F 93 -4.20 11.16 35.43
N GLN F 94 -3.31 11.95 34.82
CA GLN F 94 -1.86 11.72 34.90
C GLN F 94 -1.34 11.93 36.31
N LEU F 95 -1.70 13.07 36.91
CA LEU F 95 -1.32 13.38 38.28
C LEU F 95 -1.86 12.34 39.27
N VAL F 96 -3.11 11.93 39.07
CA VAL F 96 -3.73 10.92 39.94
C VAL F 96 -3.02 9.56 39.78
N GLY F 97 -2.81 9.14 38.53
CA GLY F 97 -2.11 7.89 38.22
C GLY F 97 -0.70 7.82 38.77
N ALA F 98 0.02 8.95 38.69
CA ALA F 98 1.37 9.05 39.25
C ALA F 98 1.41 8.79 40.77
N ILE F 99 0.38 9.27 41.48
CA ILE F 99 0.25 9.04 42.92
C ILE F 99 -0.08 7.56 43.20
N ALA F 100 -1.01 6.99 42.42
CA ALA F 100 -1.38 5.59 42.56
C ALA F 100 -0.20 4.65 42.27
N GLY F 101 0.58 4.97 41.24
CA GLY F 101 1.74 4.17 40.85
C GLY F 101 2.82 4.20 41.91
N ALA F 102 3.18 5.42 42.33
CA ALA F 102 4.14 5.62 43.43
C ALA F 102 3.63 4.94 44.70
N GLY F 103 2.31 5.01 44.92
CA GLY F 103 1.66 4.43 46.09
C GLY F 103 1.69 2.92 46.10
N ILE F 104 1.40 2.31 44.95
CA ILE F 104 1.47 0.84 44.80
C ILE F 104 2.91 0.35 45.01
N LEU F 105 3.88 1.09 44.48
CA LEU F 105 5.29 0.73 44.67
C LEU F 105 5.70 0.80 46.14
N TYR F 106 5.25 1.85 46.83
CA TYR F 106 5.49 2.01 48.27
C TYR F 106 5.02 0.78 49.05
N GLY F 107 3.87 0.24 48.67
CA GLY F 107 3.26 -0.87 49.36
C GLY F 107 3.90 -2.23 49.11
N VAL F 108 4.63 -2.37 48.02
CA VAL F 108 5.29 -3.65 47.69
C VAL F 108 6.79 -3.69 47.95
N ALA F 109 7.43 -2.52 47.93
CA ALA F 109 8.88 -2.45 48.06
C ALA F 109 9.38 -2.74 49.48
N PRO F 110 10.39 -3.62 49.62
CA PRO F 110 10.98 -3.88 50.94
C PRO F 110 11.67 -2.65 51.52
N LEU F 111 11.71 -2.57 52.85
CA LEU F 111 12.27 -1.44 53.59
C LEU F 111 13.70 -1.09 53.21
N ASN F 112 14.52 -2.11 52.98
CA ASN F 112 15.94 -1.90 52.63
C ASN F 112 16.18 -1.28 51.25
N ALA F 113 15.13 -1.16 50.45
CA ALA F 113 15.24 -0.63 49.10
C ALA F 113 14.36 0.61 48.85
N ARG F 114 13.27 0.73 49.60
CA ARG F 114 12.31 1.83 49.43
C ARG F 114 12.94 3.23 49.41
N GLY F 115 13.71 3.56 50.45
CA GLY F 115 14.44 4.84 50.51
C GLY F 115 13.55 6.05 50.35
N ASN F 116 13.95 6.97 49.48
CA ASN F 116 13.15 8.16 49.21
C ASN F 116 12.18 7.98 48.04
N LEU F 117 11.94 6.72 47.68
CA LEU F 117 11.04 6.34 46.57
C LEU F 117 11.40 7.01 45.23
N ALA F 118 12.70 7.21 45.02
CA ALA F 118 13.24 7.78 43.78
C ALA F 118 12.63 9.12 43.39
N VAL F 119 12.48 10.02 44.36
CA VAL F 119 12.06 11.39 44.07
C VAL F 119 13.16 12.07 43.25
N ASN F 120 12.80 13.12 42.52
CA ASN F 120 13.79 13.95 41.86
C ASN F 120 14.49 14.79 42.92
N ALA F 121 15.78 15.05 42.70
CA ALA F 121 16.58 15.82 43.64
C ALA F 121 17.74 16.45 42.90
N LEU F 122 17.98 17.73 43.19
CA LEU F 122 19.10 18.47 42.63
C LEU F 122 20.45 17.86 43.01
N ASN F 123 21.36 17.81 42.05
CA ASN F 123 22.78 17.63 42.35
C ASN F 123 23.19 18.84 43.19
N ASN F 124 23.82 18.61 44.34
CA ASN F 124 24.18 19.69 45.25
C ASN F 124 25.21 20.70 44.71
N ASN F 125 25.88 20.33 43.61
CA ASN F 125 26.78 21.23 42.90
C ASN F 125 26.05 21.95 41.75
N THR F 126 24.77 21.65 41.58
CA THR F 126 23.93 22.28 40.54
C THR F 126 22.91 23.26 41.15
N THR F 127 22.84 24.45 40.57
CA THR F 127 21.88 25.47 40.98
C THR F 127 20.49 25.17 40.41
N GLN F 128 19.48 25.86 40.93
CA GLN F 128 18.11 25.71 40.44
C GLN F 128 17.98 26.20 38.99
N GLY F 129 18.71 27.26 38.67
CA GLY F 129 18.67 27.88 37.35
C GLY F 129 19.28 27.00 36.27
N GLN F 130 20.42 26.38 36.60
CA GLN F 130 21.09 25.44 35.70
C GLN F 130 20.24 24.21 35.44
N ALA F 131 19.61 23.70 36.51
CA ALA F 131 18.74 22.54 36.43
C ALA F 131 17.58 22.80 35.47
N MET F 132 17.06 24.02 35.53
CA MET F 132 15.95 24.46 34.70
C MET F 132 16.24 24.41 33.20
N VAL F 133 17.39 24.94 32.81
CA VAL F 133 17.82 24.92 31.41
C VAL F 133 17.98 23.47 30.94
N VAL F 134 18.61 22.63 31.77
CA VAL F 134 18.81 21.22 31.46
C VAL F 134 17.47 20.49 31.25
N GLU F 135 16.56 20.63 32.21
CA GLU F 135 15.22 20.03 32.11
C GLU F 135 14.43 20.52 30.88
N LEU F 136 14.65 21.78 30.51
CA LEU F 136 14.03 22.39 29.34
C LEU F 136 14.52 21.71 28.07
N ILE F 137 15.83 21.50 28.01
CA ILE F 137 16.47 20.83 26.86
C ILE F 137 16.03 19.37 26.74
N LEU F 138 16.02 18.66 27.88
CA LEU F 138 15.65 17.25 27.93
C LEU F 138 14.23 17.01 27.41
N THR F 139 13.32 17.91 27.77
CA THR F 139 11.91 17.76 27.38
C THR F 139 11.69 18.26 25.96
N PHE F 140 12.46 19.27 25.55
CA PHE F 140 12.42 19.81 24.20
C PHE F 140 12.65 18.70 23.15
N GLN F 141 13.72 17.92 23.30
CA GLN F 141 14.05 16.89 22.33
C GLN F 141 13.00 15.79 22.31
N LEU F 142 12.51 15.41 23.49
CA LEU F 142 11.46 14.42 23.61
C LEU F 142 10.20 14.87 22.86
N ALA F 143 9.77 16.11 23.13
CA ALA F 143 8.58 16.65 22.51
C ALA F 143 8.69 16.69 20.98
N LEU F 144 9.81 17.19 20.47
CA LEU F 144 10.05 17.20 19.02
C LEU F 144 9.93 15.81 18.42
N CYS F 145 10.52 14.82 19.09
CA CYS F 145 10.47 13.45 18.63
C CYS F 145 9.03 12.92 18.60
N ILE F 146 8.28 13.21 19.67
CA ILE F 146 6.86 12.85 19.75
C ILE F 146 6.03 13.50 18.63
N PHE F 147 6.19 14.82 18.45
CA PHE F 147 5.41 15.55 17.45
C PHE F 147 5.72 15.09 16.02
N ALA F 148 6.99 14.75 15.76
CA ALA F 148 7.41 14.29 14.45
C ALA F 148 6.98 12.84 14.16
N SER F 149 6.93 12.03 15.22
CA SER F 149 6.62 10.60 15.11
C SER F 149 5.14 10.30 15.04
N THR F 150 4.30 11.28 15.39
CA THR F 150 2.85 11.08 15.41
C THR F 150 2.12 11.92 14.35
N ASP F 151 2.89 12.66 13.56
CA ASP F 151 2.35 13.49 12.49
C ASP F 151 1.89 12.60 11.33
N SER F 152 0.59 12.66 11.04
CA SER F 152 0.01 11.89 9.94
C SER F 152 0.42 12.42 8.57
N ARG F 153 0.95 13.63 8.54
CA ARG F 153 1.42 14.24 7.29
C ARG F 153 2.81 13.76 6.89
N ARG F 154 3.49 13.05 7.80
CA ARG F 154 4.84 12.50 7.57
C ARG F 154 4.87 11.49 6.42
N THR F 155 5.79 11.70 5.48
CA THR F 155 5.96 10.81 4.32
C THR F 155 7.25 9.99 4.44
N GLU F 156 8.23 10.54 5.16
CA GLU F 156 9.45 9.80 5.51
C GLU F 156 9.11 8.56 6.33
N PRO F 157 9.82 7.44 6.10
CA PRO F 157 9.51 6.22 6.85
C PRO F 157 9.56 6.47 8.35
N VAL F 158 8.48 6.15 9.06
CA VAL F 158 8.36 6.46 10.47
C VAL F 158 9.07 5.45 11.38
N GLY F 159 9.29 4.23 10.87
CA GLY F 159 9.85 3.14 11.67
C GLY F 159 8.90 2.77 12.79
N SER F 160 9.41 2.79 14.03
CA SER F 160 8.58 2.53 15.20
C SER F 160 8.40 3.79 16.02
N PRO F 161 7.23 4.46 15.90
CA PRO F 161 7.01 5.67 16.69
C PRO F 161 7.16 5.43 18.20
N ALA F 162 6.61 4.30 18.69
CA ALA F 162 6.65 3.96 20.10
C ALA F 162 8.07 3.76 20.65
N LEU F 163 8.90 3.03 19.90
CA LEU F 163 10.28 2.79 20.31
C LEU F 163 11.19 4.00 20.15
N SER F 164 10.95 4.81 19.11
CA SER F 164 11.68 6.07 18.93
C SER F 164 11.45 7.01 20.10
N ILE F 165 10.18 7.15 20.49
CA ILE F 165 9.80 8.02 21.61
C ILE F 165 10.38 7.48 22.91
N GLY F 166 10.32 6.16 23.09
CA GLY F 166 10.85 5.51 24.27
C GLY F 166 12.34 5.75 24.42
N LEU F 167 13.08 5.54 23.33
CA LEU F 167 14.53 5.71 23.37
C LEU F 167 14.95 7.17 23.54
N SER F 168 14.08 8.08 23.12
CA SER F 168 14.26 9.52 23.37
C SER F 168 14.18 9.83 24.86
N VAL F 169 13.33 9.09 25.58
CA VAL F 169 13.25 9.19 27.03
C VAL F 169 14.54 8.66 27.68
N THR F 170 15.01 7.50 27.20
CA THR F 170 16.28 6.93 27.65
C THR F 170 17.43 7.93 27.46
N LEU F 171 17.47 8.58 26.31
CA LEU F 171 18.45 9.62 26.01
C LEU F 171 18.42 10.74 27.06
N GLY F 172 17.21 11.19 27.40
CA GLY F 172 17.02 12.23 28.41
C GLY F 172 17.62 11.85 29.75
N HIS F 173 17.44 10.59 30.14
CA HIS F 173 17.95 10.09 31.41
C HIS F 173 19.48 9.92 31.44
N LEU F 174 20.08 9.58 30.32
CA LEU F 174 21.55 9.40 30.24
C LEU F 174 22.35 10.68 30.55
N VAL F 175 21.69 11.82 30.42
CA VAL F 175 22.29 13.10 30.80
C VAL F 175 21.63 13.66 32.07
N GLY F 176 20.31 13.58 32.14
CA GLY F 176 19.52 14.25 33.17
C GLY F 176 19.61 13.72 34.59
N ILE F 177 19.87 12.42 34.74
CA ILE F 177 19.98 11.81 36.07
C ILE F 177 21.08 12.49 36.89
N TYR F 178 22.12 12.95 36.21
CA TYR F 178 23.24 13.63 36.84
C TYR F 178 22.89 15.02 37.36
N PHE F 179 21.89 15.66 36.76
CA PHE F 179 21.51 17.01 37.15
C PHE F 179 20.38 17.02 38.18
N THR F 180 19.29 16.34 37.87
CA THR F 180 18.06 16.43 38.68
C THR F 180 17.48 15.07 39.01
N GLY F 181 18.13 14.01 38.52
CA GLY F 181 17.54 12.67 38.57
C GLY F 181 16.64 12.44 37.37
N CYS F 182 16.52 13.48 36.53
CA CYS F 182 15.72 13.51 35.30
C CYS F 182 14.21 13.49 35.54
N SER F 183 13.57 14.64 35.38
CA SER F 183 12.12 14.73 35.45
C SER F 183 11.48 14.51 34.09
N MET F 184 11.66 15.47 33.17
CA MET F 184 11.01 15.49 31.84
C MET F 184 9.48 15.36 31.90
N ASN F 185 8.95 15.32 33.12
CA ASN F 185 7.57 14.90 33.36
C ASN F 185 7.11 15.33 34.75
N PRO F 186 6.29 16.39 34.83
CA PRO F 186 5.81 16.91 36.13
C PRO F 186 5.08 15.87 36.99
N ALA F 187 4.42 14.90 36.36
CA ALA F 187 3.70 13.85 37.09
C ALA F 187 4.65 12.86 37.74
N ARG F 188 5.69 12.47 37.02
CA ARG F 188 6.72 11.57 37.54
C ARG F 188 7.40 12.20 38.76
N SER F 189 7.45 13.52 38.81
CA SER F 189 8.01 14.24 39.94
C SER F 189 7.00 14.38 41.07
N PHE F 190 5.73 14.54 40.70
CA PHE F 190 4.65 14.77 41.65
C PHE F 190 4.35 13.53 42.49
N GLY F 191 4.03 12.42 41.81
CA GLY F 191 3.66 11.16 42.45
C GLY F 191 4.45 10.77 43.71
N PRO F 192 5.76 10.53 43.57
CA PRO F 192 6.56 10.13 44.73
C PRO F 192 6.73 11.24 45.76
N ALA F 193 6.76 12.50 45.31
CA ALA F 193 6.82 13.65 46.22
C ALA F 193 5.59 13.72 47.11
N VAL F 194 4.42 13.42 46.55
CA VAL F 194 3.19 13.33 47.33
C VAL F 194 3.30 12.18 48.31
N VAL F 195 3.53 10.96 47.80
CA VAL F 195 3.55 9.75 48.63
C VAL F 195 4.53 9.83 49.82
N MET F 196 5.70 10.41 49.59
CA MET F 196 6.72 10.55 50.65
C MET F 196 6.58 11.86 51.44
N ASN F 197 5.73 12.76 50.96
CA ASN F 197 5.63 14.13 51.49
C ASN F 197 6.98 14.85 51.48
N ARG F 198 7.66 14.78 50.33
CA ARG F 198 9.00 15.36 50.23
C ARG F 198 9.13 16.25 49.00
N PHE F 199 8.96 17.54 49.23
CA PHE F 199 9.10 18.55 48.21
C PHE F 199 10.27 19.43 48.58
N SER F 200 11.39 19.31 47.86
CA SER F 200 12.55 20.17 48.09
C SER F 200 12.29 21.58 47.56
N PRO F 201 13.10 22.57 48.00
CA PRO F 201 13.01 23.93 47.47
C PRO F 201 13.11 24.03 45.94
N ALA F 202 13.59 22.97 45.30
CA ALA F 202 13.79 22.96 43.85
C ALA F 202 12.62 22.37 43.07
N HIS F 203 11.55 21.98 43.77
CA HIS F 203 10.44 21.26 43.13
C HIS F 203 9.79 21.97 41.94
N TRP F 204 9.87 23.30 41.91
CA TRP F 204 9.29 24.09 40.83
C TRP F 204 9.99 23.80 39.49
N VAL F 205 11.27 23.43 39.58
CA VAL F 205 12.09 23.13 38.41
C VAL F 205 11.51 21.95 37.63
N PHE F 206 11.04 20.93 38.35
CA PHE F 206 10.49 19.72 37.74
C PHE F 206 9.16 19.96 37.06
N TRP F 207 8.60 21.16 37.23
CA TRP F 207 7.37 21.56 36.58
C TRP F 207 7.65 22.53 35.44
N VAL F 208 8.29 23.65 35.76
CA VAL F 208 8.52 24.70 34.77
C VAL F 208 9.47 24.22 33.66
N GLY F 209 10.58 23.59 34.06
CA GLY F 209 11.54 23.03 33.11
C GLY F 209 10.90 22.23 31.98
N PRO F 210 10.25 21.11 32.32
CA PRO F 210 9.55 20.28 31.33
C PRO F 210 8.49 21.03 30.50
N ILE F 211 7.60 21.76 31.18
CA ILE F 211 6.50 22.46 30.49
C ILE F 211 7.01 23.49 29.47
N VAL F 212 7.96 24.32 29.88
CA VAL F 212 8.53 25.34 28.98
C VAL F 212 9.18 24.68 27.75
N GLY F 213 10.00 23.66 27.99
CA GLY F 213 10.69 22.93 26.93
C GLY F 213 9.74 22.27 25.93
N ALA F 214 8.72 21.60 26.46
CA ALA F 214 7.69 20.98 25.64
C ALA F 214 6.90 22.00 24.83
N VAL F 215 6.57 23.13 25.46
CA VAL F 215 5.80 24.20 24.80
C VAL F 215 6.64 24.85 23.69
N LEU F 216 7.92 25.10 23.97
CA LEU F 216 8.83 25.64 22.95
C LEU F 216 8.90 24.73 21.73
N ALA F 217 8.92 23.41 21.96
CA ALA F 217 8.95 22.42 20.88
C ALA F 217 7.67 22.44 20.05
N ALA F 218 6.54 22.66 20.72
CA ALA F 218 5.24 22.72 20.06
C ALA F 218 5.13 23.95 19.17
N ILE F 219 5.57 25.10 19.69
CA ILE F 219 5.58 26.34 18.93
C ILE F 219 6.48 26.18 17.69
N LEU F 220 7.68 25.63 17.90
CA LEU F 220 8.60 25.39 16.77
C LEU F 220 8.02 24.43 15.75
N TYR F 221 7.42 23.34 16.21
CA TYR F 221 6.94 22.30 15.30
C TYR F 221 5.64 22.67 14.58
N PHE F 222 4.64 23.11 15.35
CA PHE F 222 3.31 23.31 14.78
C PHE F 222 3.09 24.69 14.12
N TYR F 223 3.87 25.69 14.49
CA TYR F 223 3.67 27.03 13.92
C TYR F 223 4.81 27.55 13.05
N LEU F 224 6.01 27.00 13.22
CA LEU F 224 7.16 27.45 12.42
C LEU F 224 7.63 26.44 11.37
N LEU F 225 7.80 25.17 11.77
CA LEU F 225 8.31 24.15 10.85
C LEU F 225 7.23 23.52 9.96
N PHE F 226 6.16 23.04 10.58
CA PHE F 226 5.07 22.37 9.86
C PHE F 226 3.67 22.87 10.26
N PRO F 227 3.34 24.12 9.89
CA PRO F 227 2.00 24.63 10.21
C PRO F 227 0.90 23.93 9.42
N ASN F 228 -0.33 23.95 9.95
CA ASN F 228 -1.49 23.46 9.19
C ASN F 228 -2.37 24.60 8.67
N SER F 229 -2.13 25.81 9.20
CA SER F 229 -2.68 27.07 8.66
C SER F 229 -4.22 27.12 8.58
N LEU F 230 -4.89 26.71 9.65
CA LEU F 230 -6.36 26.72 9.72
C LEU F 230 -6.95 28.12 9.90
N SER F 231 -8.27 28.22 9.80
CA SER F 231 -8.97 29.48 10.08
C SER F 231 -9.12 29.70 11.59
N LEU F 232 -9.27 30.96 12.00
CA LEU F 232 -9.37 31.32 13.41
C LEU F 232 -10.58 30.70 14.12
N SER F 233 -11.66 30.47 13.38
CA SER F 233 -12.83 29.81 13.94
C SER F 233 -12.61 28.30 14.09
N GLU F 234 -11.84 27.72 13.17
CA GLU F 234 -11.44 26.31 13.26
C GLU F 234 -10.50 26.06 14.44
N ARG F 235 -9.64 27.03 14.72
CA ARG F 235 -8.71 26.96 15.85
C ARG F 235 -9.44 27.01 17.18
N VAL F 236 -10.44 27.88 17.27
CA VAL F 236 -11.28 28.03 18.47
C VAL F 236 -12.13 26.77 18.66
N ALA F 237 -12.64 26.24 17.55
CA ALA F 237 -13.39 24.98 17.55
C ALA F 237 -12.58 23.83 18.16
N ILE F 238 -11.28 23.80 17.85
CA ILE F 238 -10.37 22.81 18.43
C ILE F 238 -10.25 22.98 19.95
N ILE F 239 -10.05 24.21 20.39
CA ILE F 239 -9.98 24.56 21.81
C ILE F 239 -11.25 24.13 22.58
N LYS F 240 -12.41 24.25 21.94
CA LYS F 240 -13.69 23.92 22.58
C LYS F 240 -14.17 22.48 22.33
N GLY F 241 -13.40 21.70 21.58
CA GLY F 241 -13.72 20.30 21.32
C GLY F 241 -14.88 20.10 20.35
N THR F 242 -15.14 21.10 19.53
CA THR F 242 -16.26 21.10 18.59
C THR F 242 -15.78 21.14 17.14
N TYR F 243 -14.54 20.69 16.91
CA TYR F 243 -13.97 20.68 15.56
C TYR F 243 -14.26 19.38 14.83
N GLU F 244 -14.78 19.52 13.60
CA GLU F 244 -15.02 18.37 12.72
C GLU F 244 -14.13 18.44 11.47
N PRO F 245 -13.30 17.40 11.25
CA PRO F 245 -12.33 17.37 10.15
C PRO F 245 -13.00 17.24 8.78
N LYS G 2 12.04 27.20 -6.84
CA LYS G 2 12.17 28.67 -7.14
C LYS G 2 13.38 29.31 -6.44
N LYS G 3 14.57 28.99 -6.97
CA LYS G 3 15.88 29.43 -6.45
C LYS G 3 16.20 28.84 -5.07
N GLU G 4 17.14 27.89 -5.06
CA GLU G 4 17.41 27.02 -3.90
C GLU G 4 17.68 27.77 -2.60
N VAL G 5 18.69 28.66 -2.63
CA VAL G 5 19.11 29.40 -1.44
C VAL G 5 18.05 30.34 -0.87
N CYS G 6 17.19 30.87 -1.73
CA CYS G 6 16.21 31.89 -1.34
C CYS G 6 14.93 31.33 -0.73
N SER G 7 14.72 30.02 -0.87
CA SER G 7 13.47 29.40 -0.44
C SER G 7 13.35 29.31 1.08
N VAL G 8 12.10 29.30 1.56
CA VAL G 8 11.80 29.11 2.98
C VAL G 8 12.23 27.71 3.44
N ALA G 9 12.08 26.72 2.55
CA ALA G 9 12.50 25.34 2.81
C ALA G 9 13.99 25.22 3.12
N PHE G 10 14.80 26.04 2.43
CA PHE G 10 16.24 26.08 2.64
C PHE G 10 16.62 26.76 3.95
N LEU G 11 15.85 27.77 4.33
CA LEU G 11 16.05 28.47 5.60
C LEU G 11 15.78 27.55 6.80
N LYS G 12 14.74 26.73 6.68
CA LYS G 12 14.34 25.80 7.73
C LYS G 12 15.34 24.66 7.86
N ALA G 13 15.87 24.21 6.71
CA ALA G 13 16.81 23.10 6.66
C ALA G 13 18.16 23.47 7.28
N VAL G 14 18.67 24.65 6.95
CA VAL G 14 19.92 25.15 7.52
C VAL G 14 19.78 25.34 9.03
N PHE G 15 18.68 25.94 9.45
CA PHE G 15 18.35 26.05 10.88
C PHE G 15 18.23 24.68 11.54
N ALA G 16 17.57 23.74 10.86
CA ALA G 16 17.44 22.37 11.37
C ALA G 16 18.80 21.71 11.64
N GLU G 17 19.73 21.90 10.72
CA GLU G 17 21.10 21.38 10.86
C GLU G 17 21.84 22.05 12.01
N PHE G 18 21.57 23.34 12.22
CA PHE G 18 22.13 24.08 13.36
C PHE G 18 21.61 23.51 14.67
N LEU G 19 20.30 23.39 14.77
CA LEU G 19 19.65 22.94 16.00
C LEU G 19 19.99 21.49 16.34
N ALA G 20 19.97 20.62 15.33
CA ALA G 20 20.28 19.21 15.54
C ALA G 20 21.69 19.00 16.09
N THR G 21 22.67 19.67 15.49
CA THR G 21 24.06 19.54 15.93
C THR G 21 24.24 20.05 17.34
N LEU G 22 23.59 21.18 17.66
CA LEU G 22 23.56 21.74 18.99
C LEU G 22 23.10 20.71 20.00
N ILE G 23 21.91 20.14 19.78
CA ILE G 23 21.34 19.16 20.70
C ILE G 23 22.23 17.92 20.76
N PHE G 24 22.64 17.40 19.60
CA PHE G 24 23.57 16.27 19.52
C PHE G 24 24.82 16.47 20.39
N VAL G 25 25.53 17.56 20.16
CA VAL G 25 26.76 17.84 20.87
C VAL G 25 26.52 18.02 22.36
N PHE G 26 25.45 18.75 22.71
CA PHE G 26 25.07 18.91 24.11
C PHE G 26 24.94 17.55 24.81
N PHE G 27 24.13 16.67 24.22
CA PHE G 27 23.87 15.35 24.81
C PHE G 27 25.08 14.44 24.80
N GLY G 28 25.81 14.44 23.70
CA GLY G 28 26.99 13.59 23.55
C GLY G 28 28.02 13.91 24.59
N LEU G 29 28.44 15.17 24.62
CA LEU G 29 29.47 15.63 25.56
C LEU G 29 29.00 15.51 27.00
N GLY G 30 27.74 15.87 27.25
CA GLY G 30 27.15 15.84 28.57
C GLY G 30 27.06 14.45 29.18
N SER G 31 26.93 13.44 28.32
CA SER G 31 26.85 12.06 28.79
C SER G 31 28.24 11.47 29.07
N ALA G 32 29.27 12.12 28.52
CA ALA G 32 30.64 11.62 28.60
C ALA G 32 31.55 12.38 29.58
N LEU G 33 30.97 13.33 30.32
CA LEU G 33 31.69 14.02 31.38
C LEU G 33 32.04 13.06 32.52
N LYS G 34 33.11 13.35 33.24
CA LYS G 34 33.57 12.49 34.33
C LYS G 34 32.80 12.80 35.61
N TRP G 35 31.52 12.46 35.61
CA TRP G 35 30.66 12.63 36.78
C TRP G 35 31.18 11.76 37.93
N PRO G 36 31.64 12.39 39.03
CA PRO G 36 32.22 11.63 40.14
C PRO G 36 31.18 10.73 40.83
N SER G 37 29.94 11.23 40.92
CA SER G 37 28.78 10.49 41.41
C SER G 37 28.61 9.09 40.78
N ALA G 38 28.95 8.96 39.50
CA ALA G 38 28.94 7.67 38.79
C ALA G 38 29.59 7.86 37.43
N LEU G 39 30.83 7.43 37.30
CA LEU G 39 31.55 7.59 36.03
C LEU G 39 30.82 6.81 34.93
N PRO G 40 30.46 7.51 33.83
CA PRO G 40 29.81 6.90 32.68
C PRO G 40 30.64 5.76 32.10
N THR G 41 29.98 4.65 31.80
CA THR G 41 30.66 3.50 31.20
C THR G 41 30.77 3.67 29.68
N ILE G 42 31.57 2.81 29.05
CA ILE G 42 31.74 2.82 27.59
C ILE G 42 30.39 2.64 26.88
N LEU G 43 29.67 1.59 27.26
CA LEU G 43 28.36 1.32 26.68
C LEU G 43 27.37 2.47 26.89
N GLN G 44 27.42 3.05 28.09
CA GLN G 44 26.57 4.19 28.46
C GLN G 44 26.75 5.39 27.53
N ILE G 45 28.00 5.75 27.26
CA ILE G 45 28.34 6.84 26.33
C ILE G 45 27.95 6.46 24.90
N ALA G 46 28.37 5.28 24.47
CA ALA G 46 28.04 4.74 23.14
C ALA G 46 26.55 4.85 22.82
N LEU G 47 25.70 4.38 23.74
CA LEU G 47 24.25 4.49 23.56
C LEU G 47 23.75 5.94 23.54
N ALA G 48 24.30 6.77 24.43
CA ALA G 48 23.90 8.18 24.49
C ALA G 48 24.08 8.89 23.15
N PHE G 49 25.27 8.79 22.56
CA PHE G 49 25.56 9.39 21.27
C PHE G 49 24.62 8.85 20.20
N GLY G 50 24.50 7.53 20.13
CA GLY G 50 23.67 6.86 19.13
C GLY G 50 22.19 7.19 19.22
N LEU G 51 21.66 7.19 20.44
CA LEU G 51 20.26 7.55 20.64
C LEU G 51 20.03 9.03 20.38
N ALA G 52 21.05 9.86 20.62
CA ALA G 52 20.95 11.27 20.24
C ALA G 52 20.73 11.40 18.72
N ILE G 53 21.59 10.75 17.94
CA ILE G 53 21.46 10.71 16.48
C ILE G 53 20.11 10.10 16.04
N GLY G 54 19.77 8.94 16.61
CA GLY G 54 18.50 8.29 16.34
C GLY G 54 17.31 9.22 16.51
N THR G 55 17.28 9.91 17.65
CA THR G 55 16.17 10.81 17.98
C THR G 55 16.10 12.02 17.04
N LEU G 56 17.25 12.65 16.78
CA LEU G 56 17.30 13.85 15.93
C LEU G 56 17.07 13.55 14.46
N ALA G 57 17.50 12.37 14.02
CA ALA G 57 17.23 11.89 12.65
C ALA G 57 15.73 11.72 12.46
N GLN G 58 15.07 11.17 13.47
CA GLN G 58 13.62 11.01 13.48
C GLN G 58 12.91 12.36 13.52
N ALA G 59 13.41 13.28 14.35
CA ALA G 59 12.72 14.54 14.61
C ALA G 59 12.99 15.65 13.59
N LEU G 60 14.21 15.77 13.09
CA LEU G 60 14.59 16.88 12.21
C LEU G 60 15.05 16.47 10.81
N GLY G 61 15.26 15.17 10.60
CA GLY G 61 15.61 14.61 9.29
C GLY G 61 14.62 14.98 8.19
N PRO G 62 13.30 14.93 8.48
CA PRO G 62 12.32 15.41 7.49
C PRO G 62 12.50 16.87 7.07
N VAL G 63 13.15 17.68 7.90
CA VAL G 63 13.34 19.11 7.59
C VAL G 63 14.57 19.34 6.69
N SER G 64 15.66 18.63 6.96
CA SER G 64 16.94 18.92 6.31
C SER G 64 17.61 17.71 5.65
N GLY G 65 17.21 16.50 6.05
CA GLY G 65 17.91 15.29 5.66
C GLY G 65 18.66 14.69 6.84
N GLY G 66 18.78 15.47 7.90
CA GLY G 66 19.39 15.01 9.15
C GLY G 66 20.85 14.59 9.06
N HIS G 67 21.68 15.46 8.47
CA HIS G 67 23.10 15.19 8.31
C HIS G 67 23.82 15.20 9.66
N ILE G 68 23.74 16.34 10.35
CA ILE G 68 24.32 16.53 11.69
C ILE G 68 25.83 16.24 11.73
N ASN G 69 26.46 16.21 10.56
CA ASN G 69 27.84 15.73 10.43
C ASN G 69 28.51 16.26 9.15
N PRO G 70 29.55 17.10 9.28
CA PRO G 70 30.23 17.70 8.12
C PRO G 70 30.80 16.65 7.15
N ALA G 71 31.27 15.52 7.68
CA ALA G 71 31.78 14.43 6.85
C ALA G 71 30.68 13.84 5.99
N ILE G 72 29.49 13.64 6.55
CA ILE G 72 28.36 13.11 5.81
C ILE G 72 27.93 14.06 4.69
N THR G 73 27.78 15.34 5.04
CA THR G 73 27.45 16.40 4.07
C THR G 73 28.45 16.46 2.90
N LEU G 74 29.74 16.46 3.21
CA LEU G 74 30.77 16.49 2.17
C LEU G 74 30.73 15.22 1.29
N ALA G 75 30.50 14.08 1.91
CA ALA G 75 30.37 12.81 1.19
C ALA G 75 29.18 12.83 0.25
N LEU G 76 28.07 13.41 0.70
CA LEU G 76 26.86 13.52 -0.11
C LEU G 76 27.05 14.50 -1.26
N LEU G 77 27.89 15.52 -1.05
CA LEU G 77 28.29 16.43 -2.12
C LEU G 77 29.12 15.70 -3.17
N VAL G 78 30.13 14.94 -2.72
CA VAL G 78 30.98 14.15 -3.60
C VAL G 78 30.18 13.08 -4.37
N GLY G 79 29.20 12.47 -3.70
CA GLY G 79 28.36 11.45 -4.31
C GLY G 79 27.27 12.01 -5.20
N ASN G 80 27.28 13.33 -5.38
CA ASN G 80 26.37 14.02 -6.30
C ASN G 80 24.89 13.95 -5.87
N GLN G 81 24.64 14.22 -4.58
CA GLN G 81 23.30 14.14 -3.99
C GLN G 81 22.75 15.51 -3.59
N ILE G 82 23.65 16.44 -3.26
CA ILE G 82 23.26 17.79 -2.88
C ILE G 82 24.09 18.84 -3.64
N SER G 83 23.68 20.10 -3.52
CA SER G 83 24.37 21.21 -4.17
C SER G 83 25.55 21.70 -3.34
N LEU G 84 26.44 22.46 -3.96
CA LEU G 84 27.59 23.05 -3.29
C LEU G 84 27.16 24.03 -2.21
N LEU G 85 26.16 24.86 -2.53
CA LEU G 85 25.70 25.87 -1.59
C LEU G 85 24.97 25.26 -0.40
N ARG G 86 24.26 24.14 -0.61
CA ARG G 86 23.66 23.41 0.50
C ARG G 86 24.74 22.83 1.40
N ALA G 87 25.76 22.22 0.79
CA ALA G 87 26.91 21.68 1.52
C ALA G 87 27.62 22.74 2.36
N PHE G 88 27.87 23.91 1.77
CA PHE G 88 28.50 25.02 2.47
C PHE G 88 27.68 25.45 3.70
N PHE G 89 26.39 25.74 3.49
CA PHE G 89 25.52 26.22 4.56
C PHE G 89 25.29 25.19 5.68
N TYR G 90 25.12 23.92 5.30
CA TYR G 90 24.98 22.83 6.26
C TYR G 90 26.21 22.72 7.16
N VAL G 91 27.38 22.62 6.54
CA VAL G 91 28.64 22.49 7.27
C VAL G 91 28.86 23.66 8.23
N ALA G 92 28.66 24.87 7.71
CA ALA G 92 28.71 26.09 8.52
C ALA G 92 27.73 26.05 9.69
N ALA G 93 26.48 25.67 9.41
CA ALA G 93 25.45 25.52 10.45
C ALA G 93 25.80 24.46 11.49
N GLN G 94 26.43 23.37 11.04
CA GLN G 94 26.84 22.27 11.93
C GLN G 94 27.95 22.69 12.89
N LEU G 95 28.94 23.40 12.35
CA LEU G 95 30.05 23.92 13.15
C LEU G 95 29.56 24.95 14.19
N VAL G 96 28.68 25.85 13.77
CA VAL G 96 28.13 26.86 14.69
C VAL G 96 27.29 26.18 15.78
N GLY G 97 26.44 25.24 15.37
CA GLY G 97 25.61 24.46 16.29
C GLY G 97 26.43 23.71 17.32
N ALA G 98 27.52 23.10 16.88
CA ALA G 98 28.41 22.36 17.77
C ALA G 98 29.01 23.28 18.84
N ILE G 99 29.49 24.44 18.43
CA ILE G 99 30.03 25.44 19.35
C ILE G 99 28.97 25.83 20.39
N ALA G 100 27.76 26.14 19.91
CA ALA G 100 26.65 26.52 20.77
C ALA G 100 26.25 25.40 21.74
N GLY G 101 26.24 24.17 21.25
CA GLY G 101 25.91 23.00 22.08
C GLY G 101 26.89 22.83 23.23
N ALA G 102 28.17 22.78 22.90
CA ALA G 102 29.25 22.71 23.88
C ALA G 102 29.23 23.91 24.83
N GLY G 103 28.84 25.07 24.31
CA GLY G 103 28.76 26.30 25.09
C GLY G 103 27.67 26.26 26.13
N ILE G 104 26.51 25.75 25.75
CA ILE G 104 25.40 25.58 26.68
C ILE G 104 25.79 24.61 27.78
N LEU G 105 26.43 23.50 27.41
CA LEU G 105 26.89 22.51 28.39
C LEU G 105 27.84 23.13 29.42
N TYR G 106 28.85 23.86 28.92
CA TYR G 106 29.78 24.60 29.76
C TYR G 106 29.02 25.38 30.84
N GLY G 107 28.03 26.16 30.42
CA GLY G 107 27.22 26.97 31.32
C GLY G 107 26.42 26.24 32.37
N VAL G 108 25.99 25.01 32.08
CA VAL G 108 25.12 24.27 33.00
C VAL G 108 25.82 23.18 33.82
N ALA G 109 26.97 22.71 33.35
CA ALA G 109 27.68 21.61 33.99
C ALA G 109 28.46 22.09 35.23
N PRO G 110 28.30 21.40 36.37
CA PRO G 110 29.01 21.77 37.61
C PRO G 110 30.54 21.67 37.47
N LEU G 111 31.26 22.36 38.36
CA LEU G 111 32.72 22.44 38.30
C LEU G 111 33.43 21.09 38.40
N ASN G 112 32.95 20.22 39.28
CA ASN G 112 33.56 18.91 39.50
C ASN G 112 33.30 17.89 38.37
N ALA G 113 32.53 18.30 37.36
CA ALA G 113 32.20 17.41 36.24
C ALA G 113 32.76 17.92 34.91
N ARG G 114 32.93 19.24 34.79
CA ARG G 114 33.33 19.89 33.55
C ARG G 114 34.54 19.25 32.86
N GLY G 115 35.65 19.10 33.59
CA GLY G 115 36.87 18.49 33.05
C GLY G 115 37.37 19.23 31.83
N ASN G 116 37.56 18.50 30.74
CA ASN G 116 37.98 19.09 29.47
C ASN G 116 36.81 19.21 28.48
N LEU G 117 35.59 19.09 29.02
CA LEU G 117 34.34 19.15 28.25
C LEU G 117 34.23 18.04 27.19
N ALA G 118 34.80 16.88 27.52
CA ALA G 118 34.76 15.68 26.67
C ALA G 118 35.32 15.92 25.27
N VAL G 119 36.42 16.66 25.18
CA VAL G 119 37.13 16.79 23.91
C VAL G 119 37.67 15.43 23.48
N ASN G 120 37.79 15.23 22.17
CA ASN G 120 38.45 14.05 21.66
C ASN G 120 39.91 14.06 22.10
N ALA G 121 40.47 12.89 22.33
CA ALA G 121 41.85 12.75 22.76
C ALA G 121 42.39 11.43 22.26
N LEU G 122 43.50 11.49 21.55
CA LEU G 122 44.18 10.29 21.07
C LEU G 122 44.65 9.43 22.24
N ASN G 123 44.42 8.13 22.16
CA ASN G 123 44.98 7.16 23.10
C ASN G 123 46.48 7.06 22.83
N ASN G 124 47.26 7.48 23.82
CA ASN G 124 48.71 7.63 23.63
C ASN G 124 49.50 6.32 23.56
N ASN G 125 48.79 5.20 23.64
CA ASN G 125 49.38 3.90 23.38
C ASN G 125 49.31 3.53 21.89
N THR G 126 48.56 4.33 21.13
CA THR G 126 48.50 4.21 19.68
C THR G 126 49.10 5.47 19.06
N THR G 127 49.23 5.48 17.73
CA THR G 127 49.77 6.64 17.01
C THR G 127 48.69 7.36 16.20
N GLN G 128 49.02 8.57 15.74
CA GLN G 128 48.18 9.35 14.80
C GLN G 128 47.68 8.51 13.63
N GLY G 129 48.62 7.84 12.96
CA GLY G 129 48.32 7.07 11.76
C GLY G 129 47.36 5.94 12.01
N GLN G 130 47.61 5.22 13.10
CA GLN G 130 46.73 4.13 13.52
C GLN G 130 45.34 4.63 13.87
N ALA G 131 45.28 5.74 14.64
CA ALA G 131 44.00 6.35 15.00
C ALA G 131 43.20 6.85 13.80
N MET G 132 43.91 7.35 12.79
CA MET G 132 43.29 7.86 11.57
C MET G 132 42.67 6.74 10.75
N VAL G 133 43.34 5.59 10.71
CA VAL G 133 42.81 4.39 10.05
C VAL G 133 41.49 3.97 10.73
N VAL G 134 41.48 4.00 12.06
CA VAL G 134 40.30 3.65 12.84
C VAL G 134 39.14 4.60 12.54
N GLU G 135 39.38 5.92 12.61
CA GLU G 135 38.35 6.92 12.33
C GLU G 135 37.84 6.84 10.89
N LEU G 136 38.69 6.34 9.99
CA LEU G 136 38.29 6.12 8.60
C LEU G 136 37.26 5.00 8.54
N ILE G 137 37.55 3.87 9.21
CA ILE G 137 36.65 2.71 9.24
C ILE G 137 35.33 3.02 9.95
N LEU G 138 35.40 3.68 11.10
CA LEU G 138 34.19 4.01 11.88
C LEU G 138 33.18 4.85 11.10
N THR G 139 33.68 5.84 10.36
CA THR G 139 32.82 6.76 9.63
C THR G 139 32.39 6.12 8.31
N PHE G 140 33.23 5.22 7.80
CA PHE G 140 32.93 4.50 6.57
C PHE G 140 31.69 3.63 6.74
N GLN G 141 31.61 2.90 7.85
CA GLN G 141 30.46 2.02 8.10
C GLN G 141 29.20 2.84 8.36
N LEU G 142 29.36 3.97 9.05
CA LEU G 142 28.24 4.86 9.33
C LEU G 142 27.64 5.46 8.06
N ALA G 143 28.51 6.00 7.21
CA ALA G 143 28.10 6.61 5.95
C ALA G 143 27.36 5.61 5.07
N LEU G 144 27.94 4.41 4.95
CA LEU G 144 27.36 3.33 4.14
C LEU G 144 25.96 2.97 4.64
N CYS G 145 25.81 2.93 5.96
CA CYS G 145 24.52 2.68 6.57
C CYS G 145 23.51 3.82 6.31
N ILE G 146 23.99 5.06 6.39
CA ILE G 146 23.18 6.25 6.08
C ILE G 146 22.69 6.22 4.61
N PHE G 147 23.60 5.99 3.68
CA PHE G 147 23.27 6.02 2.25
C PHE G 147 22.30 4.91 1.85
N ALA G 148 22.46 3.73 2.45
CA ALA G 148 21.58 2.61 2.18
C ALA G 148 20.19 2.80 2.78
N SER G 149 20.14 3.44 3.95
CA SER G 149 18.89 3.59 4.70
C SER G 149 18.00 4.70 4.16
N THR G 150 18.59 5.63 3.40
CA THR G 150 17.86 6.79 2.89
C THR G 150 17.70 6.78 1.36
N ASP G 151 18.14 5.69 0.73
CA ASP G 151 18.04 5.53 -0.72
C ASP G 151 16.59 5.20 -1.11
N SER G 152 15.94 6.15 -1.78
CA SER G 152 14.54 5.99 -2.19
C SER G 152 14.31 4.89 -3.22
N ARG G 153 15.40 4.31 -3.73
CA ARG G 153 15.33 3.24 -4.71
C ARG G 153 15.31 1.87 -4.03
N ARG G 154 15.45 1.86 -2.71
CA ARG G 154 15.51 0.61 -1.94
C ARG G 154 14.18 -0.15 -2.01
N THR G 155 14.27 -1.45 -2.29
CA THR G 155 13.10 -2.33 -2.31
C THR G 155 13.07 -3.29 -1.12
N GLU G 156 14.23 -3.49 -0.50
CA GLU G 156 14.32 -4.25 0.75
C GLU G 156 13.58 -3.53 1.88
N PRO G 157 12.95 -4.28 2.81
CA PRO G 157 12.30 -3.62 3.95
C PRO G 157 13.31 -2.76 4.72
N VAL G 158 12.98 -1.49 4.89
CA VAL G 158 13.94 -0.51 5.40
C VAL G 158 13.99 -0.43 6.94
N GLY G 159 12.87 -0.79 7.59
CA GLY G 159 12.77 -0.73 9.05
C GLY G 159 12.69 0.69 9.58
N SER G 160 13.61 1.03 10.49
CA SER G 160 13.72 2.39 11.01
C SER G 160 15.05 2.99 10.59
N PRO G 161 15.05 3.80 9.50
CA PRO G 161 16.30 4.45 9.10
C PRO G 161 16.95 5.19 10.27
N ALA G 162 16.16 5.94 11.03
CA ALA G 162 16.66 6.71 12.17
C ALA G 162 17.36 5.83 13.21
N LEU G 163 16.70 4.76 13.64
CA LEU G 163 17.25 3.87 14.67
C LEU G 163 18.40 3.00 14.16
N SER G 164 18.37 2.61 12.89
CA SER G 164 19.51 1.92 12.28
C SER G 164 20.74 2.82 12.21
N ILE G 165 20.55 4.05 11.73
CA ILE G 165 21.65 5.03 11.68
C ILE G 165 22.18 5.33 13.10
N GLY G 166 21.26 5.55 14.04
CA GLY G 166 21.61 5.82 15.43
C GLY G 166 22.42 4.70 16.06
N LEU G 167 22.04 3.46 15.80
CA LEU G 167 22.73 2.33 16.40
C LEU G 167 24.07 2.06 15.73
N SER G 168 24.20 2.50 14.48
CA SER G 168 25.48 2.50 13.78
C SER G 168 26.49 3.45 14.46
N VAL G 169 25.98 4.57 14.98
CA VAL G 169 26.77 5.52 15.76
C VAL G 169 27.24 4.88 17.08
N THR G 170 26.33 4.17 17.75
CA THR G 170 26.66 3.40 18.96
C THR G 170 27.77 2.40 18.67
N LEU G 171 27.62 1.63 17.59
CA LEU G 171 28.63 0.65 17.18
C LEU G 171 30.02 1.29 17.00
N GLY G 172 30.05 2.46 16.36
CA GLY G 172 31.29 3.20 16.15
C GLY G 172 32.00 3.52 17.46
N HIS G 173 31.24 3.98 18.45
CA HIS G 173 31.75 4.32 19.78
C HIS G 173 32.27 3.13 20.58
N LEU G 174 31.64 1.97 20.40
CA LEU G 174 32.07 0.74 21.11
C LEU G 174 33.49 0.30 20.75
N VAL G 175 34.01 0.80 19.64
CA VAL G 175 35.40 0.57 19.27
C VAL G 175 36.22 1.86 19.38
N GLY G 176 35.69 2.95 18.83
CA GLY G 176 36.45 4.19 18.68
C GLY G 176 36.79 4.97 19.94
N ILE G 177 36.03 4.78 21.01
CA ILE G 177 36.32 5.46 22.28
C ILE G 177 37.71 5.06 22.79
N TYR G 178 38.11 3.83 22.49
CA TYR G 178 39.41 3.32 22.93
C TYR G 178 40.59 3.90 22.17
N PHE G 179 40.32 4.49 21.00
CA PHE G 179 41.37 5.09 20.19
C PHE G 179 41.41 6.61 20.28
N THR G 180 40.24 7.25 20.17
CA THR G 180 40.17 8.71 20.03
C THR G 180 39.10 9.37 20.91
N GLY G 181 38.38 8.56 21.69
CA GLY G 181 37.19 9.04 22.38
C GLY G 181 36.03 9.00 21.42
N CYS G 182 36.33 8.62 20.17
CA CYS G 182 35.38 8.52 19.06
C CYS G 182 34.90 9.86 18.52
N SER G 183 35.30 10.19 17.29
CA SER G 183 34.84 11.40 16.64
C SER G 183 33.76 11.07 15.61
N MET G 184 34.17 10.48 14.47
CA MET G 184 33.27 10.18 13.35
C MET G 184 32.59 11.44 12.80
N ASN G 185 32.99 12.60 13.31
CA ASN G 185 32.22 13.83 13.16
C ASN G 185 33.10 15.04 13.52
N PRO G 186 33.63 15.74 12.50
CA PRO G 186 34.46 16.94 12.74
C PRO G 186 33.81 18.00 13.64
N ALA G 187 32.50 18.19 13.54
CA ALA G 187 31.79 19.17 14.37
C ALA G 187 31.77 18.77 15.85
N ARG G 188 31.63 17.48 16.11
CA ARG G 188 31.65 16.96 17.48
C ARG G 188 33.01 17.21 18.14
N SER G 189 34.06 17.18 17.33
CA SER G 189 35.42 17.44 17.79
C SER G 189 35.67 18.94 17.91
N PHE G 190 35.20 19.68 16.92
CA PHE G 190 35.43 21.12 16.81
C PHE G 190 34.74 21.93 17.92
N GLY G 191 33.51 21.55 18.25
CA GLY G 191 32.69 22.26 19.22
C GLY G 191 33.35 22.52 20.56
N PRO G 192 33.62 21.46 21.35
CA PRO G 192 34.29 21.60 22.64
C PRO G 192 35.72 22.16 22.56
N ALA G 193 36.42 21.83 21.47
CA ALA G 193 37.77 22.34 21.24
C ALA G 193 37.79 23.87 21.22
N VAL G 194 36.81 24.47 20.53
CA VAL G 194 36.65 25.93 20.48
C VAL G 194 36.29 26.52 21.85
N VAL G 195 35.25 25.98 22.48
CA VAL G 195 34.76 26.49 23.78
C VAL G 195 35.83 26.43 24.88
N MET G 196 36.55 25.30 24.94
CA MET G 196 37.61 25.11 25.93
C MET G 196 38.94 25.67 25.46
N ASN G 197 38.95 26.24 24.25
CA ASN G 197 40.17 26.73 23.60
C ASN G 197 41.31 25.73 23.72
N ARG G 198 41.09 24.54 23.17
CA ARG G 198 41.97 23.41 23.42
C ARG G 198 42.02 22.44 22.23
N PHE G 199 42.94 22.73 21.32
CA PHE G 199 43.14 21.91 20.13
C PHE G 199 44.42 21.10 20.30
N SER G 200 44.29 19.77 20.37
CA SER G 200 45.47 18.91 20.47
C SER G 200 46.22 18.90 19.14
N PRO G 201 47.53 18.59 19.15
CA PRO G 201 48.27 18.51 17.89
C PRO G 201 47.69 17.48 16.90
N ALA G 202 47.06 16.43 17.44
CA ALA G 202 46.47 15.39 16.60
C ALA G 202 45.03 15.71 16.13
N HIS G 203 44.58 16.94 16.35
CA HIS G 203 43.24 17.38 15.96
C HIS G 203 42.88 17.08 14.49
N TRP G 204 43.87 17.12 13.61
CA TRP G 204 43.68 16.84 12.18
C TRP G 204 43.04 15.47 11.91
N VAL G 205 43.36 14.49 12.76
CA VAL G 205 42.81 13.13 12.69
C VAL G 205 41.28 13.16 12.69
N PHE G 206 40.72 13.99 13.58
CA PHE G 206 39.27 14.10 13.73
C PHE G 206 38.58 14.81 12.57
N TRP G 207 39.38 15.25 11.60
CA TRP G 207 38.88 15.85 10.36
C TRP G 207 39.14 14.94 9.17
N VAL G 208 40.39 14.51 9.01
CA VAL G 208 40.79 13.71 7.85
C VAL G 208 40.20 12.30 7.90
N GLY G 209 40.25 11.68 9.08
CA GLY G 209 39.69 10.33 9.27
C GLY G 209 38.23 10.22 8.85
N PRO G 210 37.34 10.97 9.52
CA PRO G 210 35.93 10.98 9.15
C PRO G 210 35.64 11.34 7.69
N ILE G 211 36.21 12.44 7.20
CA ILE G 211 35.93 12.90 5.83
C ILE G 211 36.34 11.87 4.78
N VAL G 212 37.60 11.41 4.83
CA VAL G 212 38.08 10.38 3.90
C VAL G 212 37.19 9.13 3.93
N GLY G 213 36.82 8.68 5.13
CA GLY G 213 35.95 7.51 5.32
C GLY G 213 34.57 7.64 4.72
N ALA G 214 33.89 8.76 5.02
CA ALA G 214 32.56 9.03 4.49
C ALA G 214 32.56 9.20 2.97
N VAL G 215 33.57 9.92 2.46
CA VAL G 215 33.77 10.12 1.02
C VAL G 215 34.05 8.78 0.30
N LEU G 216 34.86 7.93 0.90
CA LEU G 216 35.10 6.58 0.34
C LEU G 216 33.83 5.74 0.30
N ALA G 217 32.99 5.87 1.32
CA ALA G 217 31.70 5.19 1.33
C ALA G 217 30.81 5.71 0.20
N ALA G 218 30.82 7.04 0.02
CA ALA G 218 30.00 7.68 -1.01
C ALA G 218 30.43 7.31 -2.43
N ILE G 219 31.74 7.25 -2.65
CA ILE G 219 32.28 6.81 -3.94
C ILE G 219 31.87 5.36 -4.21
N LEU G 220 32.01 4.51 -3.19
CA LEU G 220 31.61 3.11 -3.32
C LEU G 220 30.11 2.95 -3.58
N TYR G 221 29.29 3.58 -2.74
CA TYR G 221 27.84 3.45 -2.83
C TYR G 221 27.27 4.05 -4.12
N PHE G 222 27.58 5.32 -4.37
CA PHE G 222 26.93 6.07 -5.44
C PHE G 222 27.49 5.87 -6.84
N TYR G 223 28.75 5.44 -6.95
CA TYR G 223 29.37 5.27 -8.26
C TYR G 223 29.72 3.83 -8.66
N LEU G 224 29.86 2.93 -7.68
CA LEU G 224 30.19 1.54 -7.99
C LEU G 224 29.02 0.59 -7.76
N LEU G 225 28.47 0.59 -6.55
CA LEU G 225 27.44 -0.37 -6.17
C LEU G 225 26.07 -0.01 -6.74
N PHE G 226 25.65 1.23 -6.51
CA PHE G 226 24.33 1.68 -6.96
C PHE G 226 24.40 3.00 -7.74
N PRO G 227 25.02 2.96 -8.95
CA PRO G 227 25.05 4.17 -9.76
C PRO G 227 23.68 4.59 -10.24
N ASN G 228 23.48 5.88 -10.46
CA ASN G 228 22.34 6.35 -11.22
C ASN G 228 22.84 7.02 -12.50
N SER G 229 22.27 6.62 -13.63
CA SER G 229 22.69 7.20 -14.91
C SER G 229 22.04 8.57 -15.14
N LEU G 230 22.90 9.57 -15.24
CA LEU G 230 22.50 10.96 -15.49
C LEU G 230 23.50 11.59 -16.44
N SER G 231 23.05 12.58 -17.20
CA SER G 231 23.92 13.27 -18.15
C SER G 231 24.87 14.24 -17.45
N LEU G 232 26.03 14.45 -18.06
CA LEU G 232 27.00 15.44 -17.58
C LEU G 232 26.30 16.72 -17.09
N SER G 233 25.35 17.21 -17.89
CA SER G 233 24.65 18.46 -17.58
C SER G 233 23.77 18.35 -16.33
N GLU G 234 23.05 17.24 -16.20
CA GLU G 234 22.22 16.97 -15.02
C GLU G 234 23.06 16.97 -13.73
N ARG G 235 24.24 16.36 -13.80
CA ARG G 235 25.15 16.31 -12.66
C ARG G 235 25.66 17.69 -12.24
N VAL G 236 25.97 18.53 -13.23
CA VAL G 236 26.41 19.90 -12.99
C VAL G 236 25.26 20.72 -12.37
N ALA G 237 24.04 20.47 -12.85
CA ALA G 237 22.84 21.12 -12.34
C ALA G 237 22.60 20.82 -10.85
N ILE G 238 22.90 19.59 -10.44
CA ILE G 238 22.82 19.20 -9.02
C ILE G 238 23.78 20.04 -8.17
N ILE G 239 25.04 20.14 -8.61
CA ILE G 239 26.07 20.96 -7.94
C ILE G 239 25.64 22.42 -7.81
N LYS G 240 24.95 22.93 -8.83
CA LYS G 240 24.48 24.31 -8.87
C LYS G 240 23.14 24.53 -8.18
N GLY G 241 22.39 23.46 -7.97
CA GLY G 241 21.08 23.52 -7.31
C GLY G 241 19.95 23.86 -8.26
N THR G 242 20.13 23.54 -9.54
CA THR G 242 19.16 23.87 -10.58
C THR G 242 18.52 22.63 -11.20
N TYR G 243 18.85 21.45 -10.67
CA TYR G 243 18.34 20.20 -11.20
C TYR G 243 16.86 19.99 -10.86
N GLU G 244 16.06 19.75 -11.89
CA GLU G 244 14.63 19.47 -11.72
C GLU G 244 14.31 17.98 -11.99
N PRO G 245 13.78 17.27 -10.98
CA PRO G 245 13.47 15.84 -11.10
C PRO G 245 12.20 15.58 -11.92
N LYS H 2 -10.81 -27.72 9.11
CA LYS H 2 -11.18 -29.13 8.82
C LYS H 2 -10.82 -30.03 10.01
N LYS H 3 -11.51 -29.81 11.12
CA LYS H 3 -11.17 -30.39 12.43
C LYS H 3 -9.81 -29.86 12.87
N GLU H 4 -9.81 -28.89 13.77
CA GLU H 4 -8.60 -28.13 14.14
C GLU H 4 -7.39 -29.00 14.47
N VAL H 5 -7.57 -29.96 15.38
CA VAL H 5 -6.47 -30.83 15.84
C VAL H 5 -5.90 -31.74 14.73
N CYS H 6 -6.73 -32.05 13.74
CA CYS H 6 -6.33 -32.89 12.61
C CYS H 6 -5.58 -32.12 11.51
N SER H 7 -5.47 -30.81 11.67
CA SER H 7 -4.72 -29.99 10.72
C SER H 7 -3.22 -30.23 10.87
N VAL H 8 -2.52 -30.20 9.74
CA VAL H 8 -1.05 -30.21 9.70
C VAL H 8 -0.52 -28.89 10.32
N ALA H 9 -1.24 -27.80 10.05
CA ALA H 9 -0.90 -26.48 10.58
C ALA H 9 -0.97 -26.44 12.11
N PHE H 10 -1.87 -27.22 12.69
CA PHE H 10 -2.02 -27.29 14.15
C PHE H 10 -0.84 -28.04 14.77
N LEU H 11 -0.43 -29.13 14.11
CA LEU H 11 0.71 -29.93 14.56
C LEU H 11 2.00 -29.11 14.57
N LYS H 12 2.21 -28.33 13.51
CA LYS H 12 3.34 -27.41 13.40
C LYS H 12 3.30 -26.37 14.52
N ALA H 13 2.11 -25.81 14.74
CA ALA H 13 1.88 -24.79 15.77
C ALA H 13 2.24 -25.28 17.18
N VAL H 14 1.75 -26.47 17.55
CA VAL H 14 2.06 -27.04 18.87
C VAL H 14 3.56 -27.30 19.01
N PHE H 15 4.17 -27.83 17.95
CA PHE H 15 5.63 -28.03 17.88
C PHE H 15 6.41 -26.73 18.07
N ALA H 16 5.98 -25.68 17.37
CA ALA H 16 6.62 -24.37 17.46
C ALA H 16 6.55 -23.80 18.87
N GLU H 17 5.44 -24.02 19.56
CA GLU H 17 5.30 -23.56 20.96
C GLU H 17 6.26 -24.33 21.86
N PHE H 18 6.37 -25.63 21.62
CA PHE H 18 7.34 -26.47 22.31
C PHE H 18 8.76 -25.96 22.08
N LEU H 19 9.14 -25.83 20.81
CA LEU H 19 10.50 -25.45 20.43
C LEU H 19 10.84 -24.02 20.90
N ALA H 20 9.90 -23.10 20.78
CA ALA H 20 10.14 -21.72 21.20
C ALA H 20 10.45 -21.64 22.69
N THR H 21 9.66 -22.34 23.50
CA THR H 21 9.83 -22.28 24.95
C THR H 21 11.12 -22.97 25.39
N LEU H 22 11.49 -24.04 24.70
CA LEU H 22 12.76 -24.74 24.90
C LEU H 22 13.93 -23.77 24.70
N ILE H 23 13.90 -23.05 23.57
CA ILE H 23 14.95 -22.08 23.25
C ILE H 23 14.92 -20.90 24.22
N PHE H 24 13.74 -20.34 24.47
CA PHE H 24 13.59 -19.24 25.42
C PHE H 24 14.17 -19.56 26.81
N VAL H 25 13.75 -20.67 27.38
CA VAL H 25 14.20 -21.06 28.72
C VAL H 25 15.71 -21.30 28.77
N PHE H 26 16.24 -22.00 27.77
CA PHE H 26 17.69 -22.21 27.67
C PHE H 26 18.46 -20.89 27.74
N PHE H 27 18.10 -19.93 26.89
CA PHE H 27 18.79 -18.65 26.84
C PHE H 27 18.57 -17.81 28.09
N GLY H 28 17.34 -17.80 28.57
CA GLY H 28 16.97 -17.05 29.77
C GLY H 28 17.76 -17.48 30.98
N LEU H 29 17.67 -18.77 31.29
CA LEU H 29 18.37 -19.31 32.46
C LEU H 29 19.89 -19.25 32.28
N GLY H 30 20.36 -19.57 31.08
CA GLY H 30 21.79 -19.53 30.75
C GLY H 30 22.43 -18.16 30.96
N SER H 31 21.69 -17.10 30.66
CA SER H 31 22.19 -15.74 30.79
C SER H 31 22.21 -15.27 32.24
N ALA H 32 21.55 -16.04 33.11
CA ALA H 32 21.31 -15.64 34.50
C ALA H 32 22.18 -16.38 35.52
N LEU H 33 22.84 -17.46 35.09
CA LEU H 33 23.71 -18.22 35.99
C LEU H 33 24.80 -17.33 36.59
N LYS H 34 25.26 -17.67 37.78
CA LYS H 34 26.31 -16.89 38.45
C LYS H 34 27.67 -17.28 37.91
N TRP H 35 27.97 -16.87 36.68
CA TRP H 35 29.26 -17.11 36.05
C TRP H 35 30.38 -16.38 36.81
N PRO H 36 31.27 -17.13 37.48
CA PRO H 36 32.32 -16.48 38.27
C PRO H 36 33.28 -15.58 37.47
N SER H 37 33.54 -15.92 36.21
CA SER H 37 34.36 -15.10 35.32
C SER H 37 33.85 -13.66 35.23
N ALA H 38 32.54 -13.51 35.11
CA ALA H 38 31.88 -12.20 34.99
C ALA H 38 30.40 -12.34 35.34
N LEU H 39 30.06 -11.96 36.56
CA LEU H 39 28.69 -12.09 37.06
C LEU H 39 27.74 -11.19 36.26
N PRO H 40 26.72 -11.80 35.62
CA PRO H 40 25.70 -11.09 34.84
C PRO H 40 25.06 -9.93 35.61
N THR H 41 25.02 -8.76 34.99
CA THR H 41 24.37 -7.60 35.57
C THR H 41 22.85 -7.69 35.37
N ILE H 42 22.11 -6.84 36.08
CA ILE H 42 20.64 -6.79 35.97
C ILE H 42 20.22 -6.51 34.52
N LEU H 43 20.82 -5.49 33.92
CA LEU H 43 20.53 -5.11 32.54
C LEU H 43 20.87 -6.25 31.57
N GLN H 44 22.01 -6.90 31.79
CA GLN H 44 22.44 -8.04 30.99
C GLN H 44 21.37 -9.14 30.89
N ILE H 45 20.81 -9.52 32.04
CA ILE H 45 19.81 -10.59 32.10
C ILE H 45 18.48 -10.16 31.45
N ALA H 46 18.07 -8.92 31.75
CA ALA H 46 16.83 -8.34 31.21
C ALA H 46 16.79 -8.34 29.68
N LEU H 47 17.89 -7.93 29.06
CA LEU H 47 17.99 -7.92 27.60
C LEU H 47 18.06 -9.33 27.02
N ALA H 48 18.72 -10.25 27.72
CA ALA H 48 18.77 -11.64 27.26
C ALA H 48 17.37 -12.23 27.15
N PHE H 49 16.59 -12.14 28.22
CA PHE H 49 15.21 -12.64 28.23
C PHE H 49 14.36 -11.93 27.18
N GLY H 50 14.54 -10.63 27.08
CA GLY H 50 13.79 -9.80 26.12
C GLY H 50 14.11 -10.11 24.68
N LEU H 51 15.40 -10.24 24.38
CA LEU H 51 15.83 -10.56 23.02
C LEU H 51 15.50 -12.01 22.66
N ALA H 52 15.54 -12.92 23.63
CA ALA H 52 15.09 -14.29 23.38
C ALA H 52 13.63 -14.29 22.88
N ILE H 53 12.76 -13.58 23.59
CA ILE H 53 11.36 -13.45 23.16
C ILE H 53 11.22 -12.71 21.82
N GLY H 54 11.95 -11.61 21.67
CA GLY H 54 11.90 -10.83 20.44
C GLY H 54 12.31 -11.64 19.23
N THR H 55 13.40 -12.40 19.38
CA THR H 55 13.91 -13.28 18.32
C THR H 55 12.93 -14.39 17.99
N LEU H 56 12.41 -15.07 19.02
CA LEU H 56 11.51 -16.20 18.80
C LEU H 56 10.14 -15.79 18.29
N ALA H 57 9.69 -14.60 18.69
CA ALA H 57 8.45 -14.03 18.16
C ALA H 57 8.58 -13.77 16.65
N GLN H 58 9.73 -13.22 16.24
CA GLN H 58 10.00 -12.97 14.84
C GLN H 58 10.10 -14.28 14.07
N ALA H 59 10.80 -15.25 14.65
CA ALA H 59 11.13 -16.49 13.96
C ALA H 59 9.97 -17.50 13.92
N LEU H 60 9.34 -17.74 15.06
CA LEU H 60 8.32 -18.79 15.17
C LEU H 60 6.88 -18.27 15.31
N GLY H 61 6.74 -16.98 15.61
CA GLY H 61 5.44 -16.33 15.76
C GLY H 61 4.46 -16.61 14.63
N PRO H 62 4.92 -16.52 13.36
CA PRO H 62 4.05 -16.85 12.22
C PRO H 62 3.52 -18.30 12.19
N VAL H 63 4.19 -19.23 12.88
CA VAL H 63 3.77 -20.63 12.89
C VAL H 63 2.62 -20.92 13.87
N SER H 64 2.66 -20.30 15.05
CA SER H 64 1.75 -20.66 16.14
C SER H 64 1.10 -19.48 16.86
N GLY H 65 1.50 -18.26 16.49
CA GLY H 65 1.13 -17.06 17.26
C GLY H 65 2.25 -16.67 18.21
N GLY H 66 3.13 -17.63 18.52
CA GLY H 66 4.27 -17.39 19.39
C GLY H 66 3.90 -16.88 20.77
N HIS H 67 3.16 -17.70 21.53
CA HIS H 67 2.79 -17.36 22.90
C HIS H 67 3.95 -17.54 23.87
N ILE H 68 4.62 -18.69 23.79
CA ILE H 68 5.81 -19.00 24.62
C ILE H 68 5.53 -18.79 26.12
N ASN H 69 4.26 -18.81 26.49
CA ASN H 69 3.84 -18.44 27.84
C ASN H 69 2.43 -18.96 28.17
N PRO H 70 2.32 -19.89 29.15
CA PRO H 70 1.01 -20.40 29.59
C PRO H 70 0.01 -19.31 29.98
N ALA H 71 0.49 -18.23 30.57
CA ALA H 71 -0.36 -17.13 31.02
C ALA H 71 -0.96 -16.32 29.86
N ILE H 72 -0.17 -16.11 28.81
CA ILE H 72 -0.66 -15.41 27.62
C ILE H 72 -1.65 -16.27 26.85
N THR H 73 -1.39 -17.57 26.82
CA THR H 73 -2.29 -18.53 26.20
C THR H 73 -3.64 -18.57 26.91
N LEU H 74 -3.62 -18.73 28.24
CA LEU H 74 -4.84 -18.77 29.04
C LEU H 74 -5.64 -17.47 28.93
N ALA H 75 -4.93 -16.34 28.92
CA ALA H 75 -5.56 -15.03 28.72
C ALA H 75 -6.29 -14.93 27.39
N LEU H 76 -5.66 -15.42 26.32
CA LEU H 76 -6.23 -15.39 24.98
C LEU H 76 -7.48 -16.28 24.85
N LEU H 77 -7.54 -17.34 25.64
CA LEU H 77 -8.74 -18.19 25.74
C LEU H 77 -9.86 -17.41 26.43
N VAL H 78 -9.56 -16.84 27.60
CA VAL H 78 -10.49 -15.98 28.34
C VAL H 78 -11.02 -14.82 27.48
N GLY H 79 -10.13 -14.21 26.71
CA GLY H 79 -10.49 -13.12 25.79
C GLY H 79 -11.16 -13.58 24.50
N ASN H 80 -11.40 -14.89 24.40
CA ASN H 80 -12.11 -15.50 23.27
C ASN H 80 -11.39 -15.36 21.92
N GLN H 81 -10.09 -15.66 21.93
CA GLN H 81 -9.24 -15.55 20.74
C GLN H 81 -8.75 -16.90 20.23
N ILE H 82 -8.69 -17.89 21.12
CA ILE H 82 -8.28 -19.25 20.75
C ILE H 82 -9.25 -20.30 21.29
N SER H 83 -9.14 -21.52 20.76
CA SER H 83 -10.00 -22.63 21.22
C SER H 83 -9.50 -23.24 22.53
N LEU H 84 -10.37 -24.02 23.18
CA LEU H 84 -10.01 -24.77 24.38
C LEU H 84 -8.91 -25.79 24.09
N LEU H 85 -8.99 -26.45 22.94
CA LEU H 85 -8.02 -27.48 22.58
C LEU H 85 -6.66 -26.91 22.20
N ARG H 86 -6.66 -25.81 21.46
CA ARG H 86 -5.42 -25.09 21.16
C ARG H 86 -4.74 -24.69 22.46
N ALA H 87 -5.51 -24.10 23.39
CA ALA H 87 -5.00 -23.69 24.70
C ALA H 87 -4.39 -24.87 25.45
N PHE H 88 -5.06 -26.01 25.42
CA PHE H 88 -4.61 -27.20 26.13
C PHE H 88 -3.26 -27.71 25.60
N PHE H 89 -3.16 -27.87 24.28
CA PHE H 89 -1.94 -28.37 23.65
C PHE H 89 -0.78 -27.39 23.77
N TYR H 90 -1.07 -26.09 23.60
CA TYR H 90 -0.07 -25.05 23.74
C TYR H 90 0.55 -25.06 25.13
N VAL H 91 -0.29 -25.01 26.17
CA VAL H 91 0.18 -25.02 27.55
C VAL H 91 1.06 -26.25 27.83
N ALA H 92 0.59 -27.42 27.41
CA ALA H 92 1.34 -28.66 27.57
C ALA H 92 2.71 -28.59 26.88
N ALA H 93 2.70 -28.19 25.61
CA ALA H 93 3.93 -28.01 24.82
C ALA H 93 4.90 -27.02 25.47
N GLN H 94 4.37 -25.97 26.08
CA GLN H 94 5.20 -24.95 26.72
C GLN H 94 5.87 -25.48 28.00
N LEU H 95 5.09 -26.18 28.81
CA LEU H 95 5.60 -26.73 30.06
C LEU H 95 6.67 -27.77 29.80
N VAL H 96 6.40 -28.65 28.83
CA VAL H 96 7.36 -29.67 28.40
C VAL H 96 8.63 -29.03 27.79
N GLY H 97 8.42 -28.04 26.91
CA GLY H 97 9.53 -27.28 26.32
C GLY H 97 10.42 -26.60 27.35
N ALA H 98 9.79 -26.04 28.38
CA ALA H 98 10.52 -25.41 29.48
C ALA H 98 11.39 -26.41 30.24
N ILE H 99 10.85 -27.61 30.47
CA ILE H 99 11.59 -28.70 31.11
C ILE H 99 12.75 -29.14 30.22
N ALA H 100 12.51 -29.22 28.92
CA ALA H 100 13.55 -29.61 27.97
C ALA H 100 14.67 -28.57 27.90
N GLY H 101 14.28 -27.30 27.82
CA GLY H 101 15.23 -26.20 27.73
C GLY H 101 16.13 -26.14 28.96
N ALA H 102 15.52 -26.25 30.13
CA ALA H 102 16.22 -26.26 31.40
C ALA H 102 17.07 -27.53 31.56
N GLY H 103 16.59 -28.64 31.01
CA GLY H 103 17.34 -29.90 31.03
C GLY H 103 18.58 -29.84 30.15
N ILE H 104 18.44 -29.25 28.97
CA ILE H 104 19.55 -29.09 28.05
C ILE H 104 20.63 -28.16 28.62
N LEU H 105 20.22 -27.04 29.22
CA LEU H 105 21.16 -26.11 29.86
C LEU H 105 21.92 -26.80 30.99
N TYR H 106 21.18 -27.56 31.81
CA TYR H 106 21.76 -28.36 32.89
C TYR H 106 22.89 -29.28 32.40
N GLY H 107 22.70 -29.85 31.21
CA GLY H 107 23.68 -30.75 30.60
C GLY H 107 24.97 -30.09 30.17
N VAL H 108 24.89 -28.84 29.73
CA VAL H 108 26.06 -28.13 29.17
C VAL H 108 26.77 -27.18 30.14
N ALA H 109 26.07 -26.68 31.16
CA ALA H 109 26.64 -25.66 32.05
C ALA H 109 27.64 -26.23 33.05
N PRO H 110 28.78 -25.54 33.25
CA PRO H 110 29.80 -26.00 34.19
C PRO H 110 29.32 -25.88 35.64
N LEU H 111 29.92 -26.66 36.54
CA LEU H 111 29.47 -26.71 37.92
C LEU H 111 29.70 -25.43 38.73
N ASN H 112 30.75 -24.68 38.37
CA ASN H 112 31.07 -23.44 39.07
C ASN H 112 30.08 -22.30 38.75
N ALA H 113 29.18 -22.54 37.80
CA ALA H 113 28.18 -21.54 37.40
C ALA H 113 26.74 -22.06 37.50
N ARG H 114 26.60 -23.39 37.52
CA ARG H 114 25.27 -24.02 37.53
C ARG H 114 24.35 -23.55 38.66
N GLY H 115 24.84 -23.58 39.90
CA GLY H 115 24.07 -23.13 41.07
C GLY H 115 22.70 -23.78 41.13
N ASN H 116 21.66 -22.96 41.27
CA ASN H 116 20.27 -23.45 41.33
C ASN H 116 19.55 -23.48 39.99
N LEU H 117 20.30 -23.28 38.90
CA LEU H 117 19.78 -23.24 37.53
C LEU H 117 18.79 -22.08 37.31
N ALA H 118 19.02 -20.98 38.02
CA ALA H 118 18.21 -19.77 37.93
C ALA H 118 16.70 -20.01 38.12
N VAL H 119 16.34 -20.78 39.15
CA VAL H 119 14.95 -20.87 39.58
C VAL H 119 14.52 -19.51 40.10
N ASN H 120 13.23 -19.21 39.99
CA ASN H 120 12.68 -18.03 40.63
C ASN H 120 12.71 -18.20 42.14
N ALA H 121 13.03 -17.13 42.87
CA ALA H 121 13.08 -17.17 44.32
C ALA H 121 12.70 -15.82 44.91
N LEU H 122 11.88 -15.87 45.96
CA LEU H 122 11.48 -14.67 46.68
C LEU H 122 12.66 -13.90 47.27
N ASN H 123 12.60 -12.58 47.16
CA ASN H 123 13.45 -11.71 47.95
C ASN H 123 13.06 -11.92 49.42
N ASN H 124 14.05 -12.16 50.27
CA ASN H 124 13.80 -12.50 51.68
C ASN H 124 13.08 -11.40 52.47
N ASN H 125 13.22 -10.16 52.01
CA ASN H 125 12.53 -9.03 52.61
C ASN H 125 11.18 -8.76 51.91
N THR H 126 10.71 -9.75 51.15
CA THR H 126 9.48 -9.63 50.36
C THR H 126 8.52 -10.77 50.66
N THR H 127 7.30 -10.41 51.04
CA THR H 127 6.27 -11.40 51.35
C THR H 127 5.68 -12.02 50.08
N GLN H 128 4.92 -13.10 50.24
CA GLN H 128 4.26 -13.77 49.11
C GLN H 128 3.26 -12.84 48.40
N GLY H 129 2.45 -12.15 49.19
CA GLY H 129 1.43 -11.24 48.67
C GLY H 129 1.98 -10.06 47.92
N GLN H 130 3.09 -9.50 48.42
CA GLN H 130 3.79 -8.41 47.74
C GLN H 130 4.35 -8.84 46.38
N ALA H 131 4.95 -10.03 46.34
CA ALA H 131 5.49 -10.58 45.09
C ALA H 131 4.36 -10.90 44.11
N MET H 132 3.24 -11.36 44.67
CA MET H 132 2.02 -11.64 43.93
C MET H 132 1.52 -10.41 43.16
N VAL H 133 1.48 -9.26 43.84
CA VAL H 133 1.06 -8.00 43.24
C VAL H 133 2.01 -7.57 42.12
N VAL H 134 3.32 -7.68 42.38
CA VAL H 134 4.35 -7.28 41.42
C VAL H 134 4.27 -8.13 40.14
N GLU H 135 4.18 -9.46 40.31
CA GLU H 135 4.06 -10.39 39.18
C GLU H 135 2.80 -10.16 38.34
N LEU H 136 1.71 -9.79 39.02
CA LEU H 136 0.47 -9.39 38.35
C LEU H 136 0.75 -8.21 37.42
N ILE H 137 1.36 -7.16 37.97
CA ILE H 137 1.67 -5.92 37.24
C ILE H 137 2.63 -6.16 36.06
N LEU H 138 3.71 -6.90 36.31
CA LEU H 138 4.70 -7.20 35.27
C LEU H 138 4.08 -7.88 34.06
N THR H 139 3.24 -8.88 34.32
CA THR H 139 2.63 -9.66 33.25
C THR H 139 1.47 -8.91 32.60
N PHE H 140 0.80 -8.07 33.39
CA PHE H 140 -0.28 -7.21 32.89
C PHE H 140 0.20 -6.34 31.71
N GLN H 141 1.31 -5.64 31.91
CA GLN H 141 1.85 -4.73 30.89
C GLN H 141 2.32 -5.49 29.67
N LEU H 142 2.90 -6.68 29.89
CA LEU H 142 3.32 -7.55 28.80
C LEU H 142 2.12 -7.97 27.95
N ALA H 143 1.12 -8.55 28.61
CA ALA H 143 -0.11 -8.97 27.91
C ALA H 143 -0.72 -7.82 27.11
N LEU H 144 -0.85 -6.66 27.75
CA LEU H 144 -1.41 -5.47 27.13
C LEU H 144 -0.64 -5.06 25.86
N CYS H 145 0.69 -5.16 25.93
CA CYS H 145 1.55 -4.90 24.80
C CYS H 145 1.36 -5.93 23.67
N ILE H 146 1.35 -7.21 24.03
CA ILE H 146 1.10 -8.29 23.06
C ILE H 146 -0.21 -8.09 22.31
N PHE H 147 -1.31 -7.91 23.04
CA PHE H 147 -2.64 -7.80 22.44
C PHE H 147 -2.74 -6.59 21.50
N ALA H 148 -2.13 -5.47 21.90
CA ALA H 148 -2.12 -4.27 21.06
C ALA H 148 -1.27 -4.46 19.81
N SER H 149 -0.15 -5.17 19.95
CA SER H 149 0.80 -5.37 18.86
C SER H 149 0.35 -6.42 17.84
N THR H 150 -0.53 -7.32 18.26
CA THR H 150 -0.98 -8.42 17.40
C THR H 150 -2.41 -8.24 16.87
N ASP H 151 -3.03 -7.10 17.17
CA ASP H 151 -4.40 -6.80 16.73
C ASP H 151 -4.48 -6.48 15.23
N SER H 152 -5.26 -7.28 14.51
CA SER H 152 -5.46 -7.09 13.07
C SER H 152 -6.12 -5.76 12.73
N ARG H 153 -6.86 -5.22 13.69
CA ARG H 153 -7.68 -4.01 13.48
C ARG H 153 -6.90 -2.72 13.68
N ARG H 154 -5.70 -2.82 14.27
CA ARG H 154 -4.84 -1.65 14.51
C ARG H 154 -4.56 -0.88 13.22
N THR H 155 -4.76 0.44 13.29
CA THR H 155 -4.47 1.35 12.17
C THR H 155 -3.20 2.16 12.40
N GLU H 156 -2.93 2.49 13.66
CA GLU H 156 -1.70 3.19 14.08
C GLU H 156 -0.45 2.39 13.70
N PRO H 157 0.63 3.09 13.25
CA PRO H 157 1.87 2.39 12.86
C PRO H 157 2.36 1.43 13.95
N VAL H 158 2.56 0.18 13.58
CA VAL H 158 2.84 -0.88 14.55
C VAL H 158 4.33 -1.08 14.82
N GLY H 159 5.15 -0.64 13.86
CA GLY H 159 6.61 -0.79 13.95
C GLY H 159 7.00 -2.26 13.91
N SER H 160 7.72 -2.71 14.93
CA SER H 160 8.08 -4.11 15.08
C SER H 160 7.39 -4.70 16.29
N PRO H 161 6.33 -5.51 16.08
CA PRO H 161 5.66 -6.19 17.19
C PRO H 161 6.62 -7.06 18.00
N ALA H 162 7.45 -7.85 17.32
CA ALA H 162 8.39 -8.76 17.98
C ALA H 162 9.35 -8.05 18.94
N LEU H 163 9.93 -6.94 18.47
CA LEU H 163 10.88 -6.19 19.28
C LEU H 163 10.22 -5.38 20.38
N SER H 164 9.03 -4.82 20.09
CA SER H 164 8.20 -4.18 21.12
C SER H 164 7.88 -5.15 22.26
N ILE H 165 7.39 -6.33 21.90
CA ILE H 165 7.00 -7.37 22.86
C ILE H 165 8.21 -7.83 23.67
N GLY H 166 9.32 -8.10 22.96
CA GLY H 166 10.57 -8.50 23.59
C GLY H 166 11.09 -7.45 24.55
N LEU H 167 11.00 -6.18 24.17
CA LEU H 167 11.48 -5.11 25.03
C LEU H 167 10.57 -4.90 26.24
N SER H 168 9.30 -5.29 26.11
CA SER H 168 8.36 -5.27 27.23
C SER H 168 8.76 -6.32 28.28
N VAL H 169 9.28 -7.45 27.81
CA VAL H 169 9.82 -8.49 28.68
C VAL H 169 11.05 -7.96 29.42
N THR H 170 11.88 -7.20 28.71
CA THR H 170 13.08 -6.62 29.30
C THR H 170 12.69 -5.66 30.42
N LEU H 171 11.67 -4.84 30.17
CA LEU H 171 11.12 -3.93 31.17
C LEU H 171 10.64 -4.68 32.42
N GLY H 172 9.87 -5.74 32.21
CA GLY H 172 9.45 -6.63 33.29
C GLY H 172 10.60 -7.09 34.16
N HIS H 173 11.70 -7.47 33.53
CA HIS H 173 12.88 -7.95 34.24
C HIS H 173 13.69 -6.86 34.96
N LEU H 174 13.65 -5.63 34.46
CA LEU H 174 14.38 -4.51 35.08
C LEU H 174 13.82 -4.09 36.45
N VAL H 175 12.62 -4.58 36.76
CA VAL H 175 12.00 -4.36 38.06
C VAL H 175 11.82 -5.69 38.81
N GLY H 176 11.23 -6.67 38.12
CA GLY H 176 10.86 -7.96 38.72
C GLY H 176 11.98 -8.83 39.26
N ILE H 177 13.18 -8.72 38.70
CA ILE H 177 14.31 -9.54 39.16
C ILE H 177 14.60 -9.31 40.65
N TYR H 178 14.43 -8.07 41.10
CA TYR H 178 14.64 -7.70 42.49
C TYR H 178 13.65 -8.33 43.47
N PHE H 179 12.49 -8.72 42.95
CA PHE H 179 11.41 -9.26 43.75
C PHE H 179 11.40 -10.79 43.76
N THR H 180 11.44 -11.39 42.58
CA THR H 180 11.26 -12.84 42.43
C THR H 180 12.24 -13.48 41.44
N GLY H 181 13.20 -12.70 40.94
CA GLY H 181 14.01 -13.12 39.80
C GLY H 181 13.22 -12.98 38.51
N CYS H 182 12.00 -12.45 38.63
CA CYS H 182 11.09 -12.21 37.51
C CYS H 182 10.57 -13.49 36.83
N SER H 183 9.30 -13.79 37.03
CA SER H 183 8.68 -14.92 36.34
C SER H 183 7.98 -14.48 35.06
N MET H 184 6.85 -13.77 35.23
CA MET H 184 5.97 -13.35 34.12
C MET H 184 5.44 -14.52 33.30
N ASN H 185 5.81 -15.74 33.70
CA ASN H 185 5.69 -16.90 32.84
C ASN H 185 5.78 -18.16 33.71
N PRO H 186 4.64 -18.86 33.88
CA PRO H 186 4.63 -20.10 34.69
C PRO H 186 5.61 -21.16 34.18
N ALA H 187 5.74 -21.29 32.86
CA ALA H 187 6.69 -22.24 32.25
C ALA H 187 8.15 -21.92 32.61
N ARG H 188 8.51 -20.65 32.59
CA ARG H 188 9.84 -20.20 32.96
C ARG H 188 10.19 -20.60 34.40
N SER H 189 9.18 -20.68 35.26
CA SER H 189 9.37 -21.08 36.66
C SER H 189 9.31 -22.59 36.81
N PHE H 190 8.41 -23.23 36.06
CA PHE H 190 8.20 -24.68 36.14
C PHE H 190 9.44 -25.45 35.67
N GLY H 191 9.88 -25.16 34.45
CA GLY H 191 11.03 -25.83 33.82
C GLY H 191 12.22 -26.13 34.72
N PRO H 192 12.91 -25.09 35.23
CA PRO H 192 14.05 -25.31 36.12
C PRO H 192 13.70 -26.02 37.44
N ALA H 193 12.56 -25.69 38.02
CA ALA H 193 12.10 -26.31 39.26
C ALA H 193 11.93 -27.83 39.14
N VAL H 194 11.43 -28.28 37.98
CA VAL H 194 11.26 -29.69 37.71
C VAL H 194 12.62 -30.36 37.56
N VAL H 195 13.50 -29.75 36.76
CA VAL H 195 14.84 -30.26 36.51
C VAL H 195 15.69 -30.33 37.79
N MET H 196 15.58 -29.31 38.63
CA MET H 196 16.32 -29.26 39.90
C MET H 196 15.56 -29.92 41.03
N ASN H 197 14.34 -30.39 40.75
CA ASN H 197 13.42 -30.92 41.77
C ASN H 197 13.43 -30.07 43.05
N ARG H 198 13.15 -28.78 42.87
CA ARG H 198 13.23 -27.81 43.95
C ARG H 198 12.12 -26.78 43.79
N PHE H 199 11.03 -26.98 44.52
CA PHE H 199 9.90 -26.07 44.50
C PHE H 199 9.84 -25.30 45.81
N SER H 200 10.01 -23.98 45.73
CA SER H 200 9.92 -23.13 46.91
C SER H 200 8.47 -23.05 47.41
N PRO H 201 8.28 -22.64 48.68
CA PRO H 201 6.91 -22.45 49.19
C PRO H 201 6.11 -21.40 48.40
N ALA H 202 6.82 -20.47 47.77
CA ALA H 202 6.19 -19.39 47.00
C ALA H 202 5.95 -19.72 45.52
N HIS H 203 6.02 -21.01 45.16
CA HIS H 203 5.90 -21.41 43.76
C HIS H 203 4.57 -21.02 43.12
N TRP H 204 3.51 -21.04 43.92
CA TRP H 204 2.15 -20.69 43.46
C TRP H 204 2.07 -19.25 42.93
N VAL H 205 2.86 -18.36 43.55
CA VAL H 205 2.98 -16.96 43.12
C VAL H 205 3.37 -16.85 41.64
N PHE H 206 4.25 -17.73 41.19
CA PHE H 206 4.74 -17.74 39.81
C PHE H 206 3.73 -18.31 38.82
N TRP H 207 2.64 -18.88 39.36
CA TRP H 207 1.52 -19.34 38.56
C TRP H 207 0.39 -18.32 38.60
N VAL H 208 -0.05 -17.98 39.80
CA VAL H 208 -1.21 -17.10 39.99
C VAL H 208 -0.93 -15.67 39.53
N GLY H 209 0.18 -15.09 39.96
CA GLY H 209 0.57 -13.74 39.56
C GLY H 209 0.51 -13.49 38.05
N PRO H 210 1.32 -14.22 37.27
CA PRO H 210 1.28 -14.12 35.81
C PRO H 210 -0.09 -14.38 35.17
N ILE H 211 -0.78 -15.45 35.58
CA ILE H 211 -2.09 -15.79 34.99
C ILE H 211 -3.14 -14.70 35.25
N VAL H 212 -3.27 -14.29 36.51
CA VAL H 212 -4.22 -13.23 36.90
C VAL H 212 -3.93 -11.90 36.20
N GLY H 213 -2.65 -11.52 36.14
CA GLY H 213 -2.22 -10.31 35.45
C GLY H 213 -2.55 -10.32 33.96
N ALA H 214 -2.24 -11.44 33.30
CA ALA H 214 -2.50 -11.59 31.87
C ALA H 214 -4.00 -11.64 31.55
N VAL H 215 -4.76 -12.34 32.40
CA VAL H 215 -6.21 -12.45 32.26
C VAL H 215 -6.92 -11.09 32.42
N LEU H 216 -6.55 -10.34 33.46
CA LEU H 216 -7.10 -9.00 33.67
C LEU H 216 -6.88 -8.13 32.44
N ALA H 217 -5.67 -8.19 31.90
CA ALA H 217 -5.32 -7.46 30.68
C ALA H 217 -6.19 -7.86 29.49
N ALA H 218 -6.43 -9.16 29.32
CA ALA H 218 -7.28 -9.67 28.25
C ALA H 218 -8.72 -9.21 28.40
N ILE H 219 -9.21 -9.19 29.64
CA ILE H 219 -10.56 -8.70 29.93
C ILE H 219 -10.66 -7.22 29.55
N LEU H 220 -9.71 -6.41 30.04
CA LEU H 220 -9.66 -4.99 29.73
C LEU H 220 -9.57 -4.71 28.24
N TYR H 221 -8.71 -5.46 27.54
CA TYR H 221 -8.45 -5.20 26.12
C TYR H 221 -9.59 -5.67 25.21
N PHE H 222 -9.99 -6.93 25.35
CA PHE H 222 -10.93 -7.54 24.41
C PHE H 222 -12.41 -7.32 24.76
N TYR H 223 -12.69 -6.97 26.00
CA TYR H 223 -14.08 -6.79 26.43
C TYR H 223 -14.44 -5.36 26.81
N LEU H 224 -13.45 -4.56 27.22
CA LEU H 224 -13.71 -3.17 27.57
C LEU H 224 -13.21 -2.18 26.51
N LEU H 225 -11.91 -2.24 26.22
CA LEU H 225 -11.27 -1.26 25.35
C LEU H 225 -11.60 -1.41 23.86
N PHE H 226 -11.33 -2.59 23.31
CA PHE H 226 -11.60 -2.86 21.89
C PHE H 226 -12.41 -4.15 21.70
N PRO H 227 -13.68 -4.16 22.10
CA PRO H 227 -14.49 -5.36 21.92
C PRO H 227 -14.83 -5.65 20.46
N ASN H 228 -15.15 -6.91 20.16
CA ASN H 228 -15.74 -7.32 18.89
C ASN H 228 -17.07 -7.98 19.23
N SER H 229 -18.17 -7.27 18.97
CA SER H 229 -19.52 -7.72 19.37
C SER H 229 -20.04 -8.93 18.60
N LEU H 230 -19.53 -10.11 18.93
CA LEU H 230 -19.93 -11.35 18.28
C LEU H 230 -21.14 -11.95 18.96
N SER H 231 -21.90 -12.74 18.20
CA SER H 231 -23.04 -13.46 18.73
C SER H 231 -22.60 -14.59 19.66
N LEU H 232 -23.48 -14.96 20.58
CA LEU H 232 -23.22 -16.06 21.52
C LEU H 232 -22.85 -17.36 20.81
N SER H 233 -23.45 -17.58 19.63
CA SER H 233 -23.15 -18.77 18.82
C SER H 233 -21.70 -18.78 18.36
N GLU H 234 -21.23 -17.64 17.86
CA GLU H 234 -19.86 -17.50 17.37
C GLU H 234 -18.81 -17.65 18.47
N ARG H 235 -19.11 -17.14 19.67
CA ARG H 235 -18.22 -17.25 20.82
C ARG H 235 -18.03 -18.71 21.24
N VAL H 236 -19.11 -19.47 21.24
CA VAL H 236 -19.06 -20.90 21.55
C VAL H 236 -18.27 -21.65 20.46
N ALA H 237 -18.47 -21.24 19.21
CA ALA H 237 -17.75 -21.83 18.07
C ALA H 237 -16.24 -21.64 18.15
N ILE H 238 -15.80 -20.48 18.64
CA ILE H 238 -14.37 -20.21 18.86
C ILE H 238 -13.80 -21.17 19.91
N ILE H 239 -14.48 -21.26 21.06
CA ILE H 239 -14.09 -22.17 22.15
C ILE H 239 -13.95 -23.62 21.66
N LYS H 240 -14.82 -24.01 20.73
CA LYS H 240 -14.82 -25.38 20.21
C LYS H 240 -13.93 -25.56 18.98
N GLY H 241 -13.42 -24.44 18.45
CA GLY H 241 -12.52 -24.46 17.29
C GLY H 241 -13.23 -24.69 15.97
N THR H 242 -14.52 -24.35 15.93
CA THR H 242 -15.35 -24.57 14.75
C THR H 242 -15.72 -23.25 14.04
N TYR H 243 -15.17 -22.14 14.54
CA TYR H 243 -15.50 -20.81 14.05
C TYR H 243 -15.09 -20.55 12.60
N GLU H 244 -16.00 -19.95 11.85
CA GLU H 244 -15.81 -19.63 10.43
C GLU H 244 -15.90 -18.10 10.22
N PRO H 245 -14.75 -17.44 9.97
CA PRO H 245 -14.73 -15.98 9.82
C PRO H 245 -15.36 -15.49 8.52
O2 PS6 I . -6.94 -0.62 -8.37
O1 PS6 I . -6.80 0.40 -6.06
P PS6 I . -5.99 0.31 -7.46
O4 PS6 I . -4.68 -0.42 -7.21
O3 PS6 I . -5.95 1.70 -8.09
C2 PS6 I . -7.20 -0.31 -9.74
C3 PS6 I . -8.57 0.33 -9.88
O11 PS6 I . -8.65 1.51 -9.09
O12 PS6 I . -9.76 2.56 -7.32
C1 PS6 I . -9.35 1.51 -7.81
C4 PS6 I . -8.75 0.72 -11.33
C5 PS6 I . -10.57 0.96 -13.03
O51 PS6 I . -9.89 1.78 -13.61
O52 PS6 I . -10.09 0.44 -11.76
N PS6 I . -6.34 -2.97 -5.14
CA PS6 I . -7.27 -1.88 -5.38
CB PS6 I . -6.61 -0.55 -5.01
C PS6 I . -8.52 -2.10 -4.57
O PS6 I . -9.54 -2.52 -5.16
OXT PS6 I . -8.50 -1.86 -3.35
C6 PS6 I . -11.90 0.52 -13.61
C7 PS6 I . -11.95 0.72 -15.12
C8 PS6 I . -13.29 1.29 -15.56
C9 PS6 I . -13.68 0.75 -16.92
C10 PS6 I . -14.75 1.60 -17.59
C18 PS6 I . -15.29 0.91 -18.84
C19 PS6 I . -16.29 1.78 -19.58
C20 PS6 I . -16.88 1.06 -20.78
O2 PS6 J . 6.60 -0.20 7.32
O1 PS6 J . 4.94 -0.05 5.40
P PS6 J . 5.57 -1.09 6.46
O4 PS6 J . 6.36 -2.12 5.66
O3 PS6 J . 4.47 -1.56 7.39
C2 PS6 J . 7.71 -0.81 7.98
C3 PS6 J . 7.86 -0.24 9.38
O11 PS6 J . 6.60 -0.28 10.05
O12 PS6 J . 5.11 0.99 11.34
C1 PS6 J . 5.92 0.96 10.43
C4 PS6 J . 8.87 -1.09 10.13
C5 PS6 J . 10.11 -0.97 12.29
O51 PS6 J . 9.67 -2.05 12.65
O52 PS6 J . 9.46 -0.31 11.17
N PS6 J . 4.11 1.64 2.93
CA PS6 J . 5.13 1.87 3.93
CB PS6 J . 5.74 0.54 4.37
C PS6 J . 4.56 2.60 5.12
O PS6 J . 3.34 2.48 5.39
OXT PS6 J . 5.33 3.33 5.81
C6 PS6 J . 11.27 -0.35 13.02
C7 PS6 J . 11.55 -1.08 14.34
C8 PS6 J . 12.97 -0.86 14.83
C9 PS6 J . 13.20 -1.52 16.18
C10 PS6 J . 14.33 -0.82 16.94
C18 PS6 J . 14.83 -1.65 18.13
C19 PS6 J . 15.80 -0.84 18.98
C20 PS6 J . 16.38 -1.63 20.12
#